data_6WZ6
#
_entry.id   6WZ6
#
_cell.length_a   78.630
_cell.length_b   130.463
_cell.length_c   81.414
_cell.angle_alpha   90.000
_cell.angle_beta   118.950
_cell.angle_gamma   90.000
#
_symmetry.space_group_name_H-M   'P 1 21 1'
#
loop_
_entity.id
_entity.type
_entity.pdbx_description
1 polymer Glutaminase-asparaginase
2 non-polymer 'GLUTAMIC ACID'
3 non-polymer 1,2-ETHANEDIOL
4 water water
#
_entity_poly.entity_id   1
_entity_poly.type   'polypeptide(L)'
_entity_poly.pdbx_seq_one_letter_code
;KEAETQQKLANVVILATGGTIAGAGASAANSATYQAAKLGVDKLIAGVPELADIANVRGEQVMQIASESISNDDLLKLGK
RVAELAESKDVDGIVITHGTDTLEETAFFLNLVEKTDKPIVVVGSMRPGTAMSADGMLNLYNAVAVASDKQSRGKGVLVT
MNDEIQSGRDVSMAVNIKTEAFKSAWGPMGMVVEGKSYWFRLPAKRHTVNSEFDIKQISSLPQVDIAYGYGNVTDTAYKA
LAQNGAKALIHAGTGNGSVSSRVVPALQELRKNGVQIIRSSHVNQGGFVLRNAEQPDDKNDWVVAHDLNPQKARILAMVA
MTKTQDSKELQRIFWEY
;
_entity_poly.pdbx_strand_id   A,B,C,D
#
loop_
_chem_comp.id
_chem_comp.type
_chem_comp.name
_chem_comp.formula
EDO non-polymer 1,2-ETHANEDIOL 'C2 H6 O2'
#
# COMPACT_ATOMS: atom_id res chain seq x y z
N LYS A 8 -20.75 -31.25 -18.35
CA LYS A 8 -20.37 -29.97 -19.07
C LYS A 8 -19.90 -28.91 -18.01
N LEU A 9 -20.83 -28.37 -17.19
CA LEU A 9 -20.41 -27.44 -16.08
C LEU A 9 -19.80 -28.24 -14.92
N ALA A 10 -18.90 -27.61 -14.19
CA ALA A 10 -18.25 -28.15 -12.97
C ALA A 10 -19.31 -28.30 -11.89
N ASN A 11 -19.11 -29.36 -11.07
CA ASN A 11 -19.95 -29.61 -9.90
C ASN A 11 -19.27 -28.96 -8.69
N VAL A 12 -19.88 -27.94 -8.14
CA VAL A 12 -19.31 -27.21 -6.98
C VAL A 12 -20.25 -27.39 -5.80
N VAL A 13 -19.66 -27.67 -4.63
CA VAL A 13 -20.42 -27.70 -3.38
C VAL A 13 -20.04 -26.46 -2.57
N ILE A 14 -21.08 -25.77 -2.10
CA ILE A 14 -20.92 -24.64 -1.16
C ILE A 14 -21.19 -25.13 0.25
N LEU A 15 -20.19 -25.02 1.09
CA LEU A 15 -20.30 -25.33 2.53
C LEU A 15 -20.40 -24.02 3.28
N ALA A 16 -21.57 -23.77 3.87
CA ALA A 16 -21.81 -22.53 4.60
C ALA A 16 -21.43 -22.66 6.05
N THR A 17 -20.82 -21.59 6.58
CA THR A 17 -20.42 -21.52 8.00
C THR A 17 -20.97 -20.31 8.74
N GLY A 18 -21.59 -19.37 8.05
CA GLY A 18 -22.11 -18.15 8.69
C GLY A 18 -21.53 -16.88 8.12
N GLY A 19 -21.27 -15.92 9.00
CA GLY A 19 -20.60 -14.71 8.60
C GLY A 19 -21.50 -13.60 8.09
N THR A 20 -20.81 -12.49 7.74
CA THR A 20 -21.41 -11.29 7.13
C THR A 20 -22.05 -11.60 5.79
N ILE A 21 -21.46 -12.50 5.05
CA ILE A 21 -21.98 -12.86 3.72
C ILE A 21 -23.39 -13.43 3.89
N ALA A 22 -23.66 -14.06 5.01
CA ALA A 22 -24.97 -14.59 5.43
C ALA A 22 -25.71 -13.67 6.41
N GLY A 23 -25.31 -12.43 6.51
CA GLY A 23 -25.81 -11.52 7.53
C GLY A 23 -26.97 -10.68 7.07
N ALA A 24 -27.55 -9.96 8.02
CA ALA A 24 -28.68 -9.07 7.76
C ALA A 24 -28.64 -7.89 8.71
N GLY A 25 -28.82 -6.70 8.15
CA GLY A 25 -28.98 -5.47 8.93
C GLY A 25 -30.36 -4.90 8.80
N ALA A 26 -30.60 -3.82 9.54
CA ALA A 26 -31.96 -3.30 9.68
C ALA A 26 -32.45 -2.58 8.44
N SER A 27 -31.57 -1.94 7.70
CA SER A 27 -31.92 -1.13 6.53
C SER A 27 -30.84 -1.24 5.49
N ALA A 28 -31.12 -0.75 4.28
CA ALA A 28 -30.12 -0.76 3.19
C ALA A 28 -28.91 0.11 3.52
N ALA A 29 -29.01 1.08 4.43
CA ALA A 29 -27.82 1.91 4.78
C ALA A 29 -26.95 1.21 5.82
N ASN A 30 -27.40 0.08 6.38
CA ASN A 30 -26.60 -0.62 7.41
C ASN A 30 -25.57 -1.55 6.76
N SER A 31 -24.49 -0.96 6.27
CA SER A 31 -23.38 -1.68 5.65
C SER A 31 -22.39 -2.22 6.71
N ALA A 32 -22.44 -1.68 7.94
CA ALA A 32 -21.42 -1.99 8.96
C ALA A 32 -22.02 -2.53 10.26
N THR A 33 -23.26 -2.20 10.57
CA THR A 33 -23.96 -2.63 11.78
C THR A 33 -25.03 -3.65 11.36
N TYR A 34 -24.81 -4.90 11.72
CA TYR A 34 -25.68 -5.97 11.21
C TYR A 34 -25.51 -7.21 12.11
N GLN A 35 -26.30 -8.24 11.85
CA GLN A 35 -26.19 -9.55 12.51
C GLN A 35 -25.60 -10.52 11.53
N ALA A 36 -24.53 -11.19 11.91
CA ALA A 36 -23.96 -12.27 11.09
C ALA A 36 -24.85 -13.51 11.12
N ALA A 37 -24.68 -14.35 10.12
CA ALA A 37 -25.11 -15.75 10.25
C ALA A 37 -26.63 -15.87 10.42
N LYS A 38 -27.39 -15.16 9.59
CA LYS A 38 -28.87 -15.14 9.59
C LYS A 38 -29.45 -15.95 8.41
N LEU A 39 -28.77 -16.05 7.31
CA LEU A 39 -29.30 -16.69 6.06
C LEU A 39 -28.66 -18.08 5.92
N GLY A 40 -29.51 -19.09 5.77
CA GLY A 40 -29.03 -20.43 5.46
C GLY A 40 -28.48 -20.54 4.07
N VAL A 41 -27.75 -21.61 3.83
CA VAL A 41 -27.05 -21.81 2.56
C VAL A 41 -28.02 -21.72 1.37
N ASP A 42 -29.20 -22.30 1.51
CA ASP A 42 -30.16 -22.28 0.40
C ASP A 42 -30.53 -20.84 0.03
N LYS A 43 -30.65 -19.95 1.00
CA LYS A 43 -30.95 -18.54 0.72
C LYS A 43 -29.76 -17.86 0.06
N LEU A 44 -28.54 -18.19 0.48
CA LEU A 44 -27.35 -17.64 -0.25
C LEU A 44 -27.37 -18.03 -1.71
N ILE A 45 -27.63 -19.27 -2.00
CA ILE A 45 -27.65 -19.78 -3.39
C ILE A 45 -28.78 -19.09 -4.14
N ALA A 46 -29.96 -18.99 -3.54
CA ALA A 46 -31.12 -18.37 -4.24
C ALA A 46 -30.84 -16.91 -4.55
N GLY A 47 -30.04 -16.24 -3.74
CA GLY A 47 -29.71 -14.83 -3.89
C GLY A 47 -28.77 -14.55 -5.07
N VAL A 48 -28.16 -15.60 -5.62
CA VAL A 48 -27.27 -15.46 -6.79
C VAL A 48 -27.71 -16.43 -7.86
N PRO A 49 -28.85 -16.14 -8.54
CA PRO A 49 -29.34 -17.06 -9.54
C PRO A 49 -28.36 -17.27 -10.71
N GLU A 50 -27.44 -16.35 -10.88
CA GLU A 50 -26.42 -16.39 -11.93
C GLU A 50 -25.44 -17.55 -11.70
N LEU A 51 -25.38 -18.14 -10.51
CA LEU A 51 -24.47 -19.29 -10.26
C LEU A 51 -24.76 -20.40 -11.25
N ALA A 52 -26.04 -20.58 -11.62
CA ALA A 52 -26.42 -21.71 -12.51
C ALA A 52 -25.74 -21.55 -13.89
N ASP A 53 -25.31 -20.35 -14.24
CA ASP A 53 -24.67 -20.10 -15.54
C ASP A 53 -23.25 -20.69 -15.56
N ILE A 54 -22.62 -20.81 -14.40
CA ILE A 54 -21.18 -21.07 -14.34
C ILE A 54 -20.87 -22.41 -13.68
N ALA A 55 -21.81 -23.04 -12.98
CA ALA A 55 -21.53 -24.32 -12.30
C ALA A 55 -22.84 -24.99 -11.94
N ASN A 56 -22.78 -26.29 -11.65
CA ASN A 56 -23.88 -26.98 -11.01
C ASN A 56 -23.61 -26.96 -9.50
N VAL A 57 -24.33 -26.15 -8.77
CA VAL A 57 -24.07 -25.87 -7.34
C VAL A 57 -25.05 -26.61 -6.46
N ARG A 58 -24.53 -27.12 -5.37
CA ARG A 58 -25.30 -27.68 -4.24
C ARG A 58 -24.75 -27.11 -2.96
N GLY A 59 -25.59 -26.91 -1.97
CA GLY A 59 -25.21 -26.30 -0.70
C GLY A 59 -25.46 -27.19 0.50
N GLU A 60 -24.59 -27.05 1.49
CA GLU A 60 -24.78 -27.68 2.78
C GLU A 60 -24.46 -26.70 3.87
N GLN A 61 -25.22 -26.77 4.97
CA GLN A 61 -24.93 -25.95 6.14
C GLN A 61 -24.00 -26.74 7.06
N VAL A 62 -22.78 -26.32 7.26
CA VAL A 62 -21.86 -27.02 8.17
C VAL A 62 -22.02 -26.48 9.59
N MET A 63 -22.16 -25.17 9.70
CA MET A 63 -22.37 -24.43 10.97
C MET A 63 -22.99 -23.11 10.58
N GLN A 64 -23.41 -22.33 11.56
CA GLN A 64 -24.03 -21.02 11.31
C GLN A 64 -23.58 -20.09 12.42
N ILE A 65 -22.37 -19.55 12.24
CA ILE A 65 -21.70 -18.82 13.33
C ILE A 65 -21.18 -17.48 12.86
N ALA A 66 -21.00 -16.61 13.82
CA ALA A 66 -20.14 -15.44 13.73
C ALA A 66 -18.71 -15.96 13.88
N SER A 67 -17.82 -15.72 12.92
CA SER A 67 -16.55 -16.44 12.86
C SER A 67 -15.60 -16.08 14.01
N GLU A 68 -15.80 -14.99 14.70
CA GLU A 68 -14.97 -14.70 15.89
C GLU A 68 -15.22 -15.73 16.99
N SER A 69 -16.30 -16.49 16.91
CA SER A 69 -16.67 -17.47 17.92
C SER A 69 -16.37 -18.90 17.47
N ILE A 70 -15.60 -19.09 16.40
CA ILE A 70 -15.28 -20.44 15.92
C ILE A 70 -14.46 -21.18 16.96
N SER A 71 -14.59 -22.50 16.97
CA SER A 71 -13.83 -23.41 17.84
C SER A 71 -12.96 -24.33 17.01
N ASN A 72 -12.06 -25.02 17.72
CA ASN A 72 -11.27 -26.07 17.07
C ASN A 72 -12.17 -27.23 16.65
N ASP A 73 -13.22 -27.55 17.40
CA ASP A 73 -14.14 -28.59 16.96
C ASP A 73 -14.82 -28.19 15.66
N ASP A 74 -15.14 -26.93 15.50
CA ASP A 74 -15.73 -26.42 14.23
C ASP A 74 -14.73 -26.63 13.09
N LEU A 75 -13.46 -26.28 13.31
CA LEU A 75 -12.44 -26.47 12.25
C LEU A 75 -12.35 -27.93 11.85
N LEU A 76 -12.33 -28.80 12.85
CA LEU A 76 -12.22 -30.24 12.53
C LEU A 76 -13.43 -30.72 11.73
N LYS A 77 -14.62 -30.33 12.15
CA LYS A 77 -15.82 -30.78 11.43
C LYS A 77 -15.78 -30.27 9.97
N LEU A 78 -15.45 -29.00 9.79
CA LEU A 78 -15.35 -28.43 8.45
C LEU A 78 -14.27 -29.15 7.64
N GLY A 79 -13.09 -29.29 8.23
CA GLY A 79 -11.99 -29.93 7.52
C GLY A 79 -12.31 -31.34 7.09
N LYS A 80 -12.95 -32.09 7.96
CA LYS A 80 -13.32 -33.47 7.61
C LYS A 80 -14.39 -33.52 6.52
N ARG A 81 -15.35 -32.61 6.55
CA ARG A 81 -16.39 -32.60 5.48
C ARG A 81 -15.77 -32.21 4.14
N VAL A 82 -14.86 -31.23 4.15
CA VAL A 82 -14.15 -30.87 2.90
C VAL A 82 -13.45 -32.11 2.35
N ALA A 83 -12.77 -32.87 3.22
CA ALA A 83 -12.03 -34.04 2.74
C ALA A 83 -13.00 -35.06 2.14
N GLU A 84 -14.15 -35.32 2.80
CA GLU A 84 -15.11 -36.30 2.25
C GLU A 84 -15.59 -35.89 0.88
N LEU A 85 -15.87 -34.60 0.71
CA LEU A 85 -16.36 -34.11 -0.60
C LEU A 85 -15.25 -34.21 -1.62
N ALA A 86 -14.02 -33.85 -1.27
CA ALA A 86 -12.93 -33.88 -2.25
C ALA A 86 -12.65 -35.30 -2.74
N GLU A 87 -12.95 -36.30 -1.95
CA GLU A 87 -12.80 -37.74 -2.34
C GLU A 87 -13.86 -38.18 -3.31
N SER A 88 -14.95 -37.42 -3.46
CA SER A 88 -16.08 -37.83 -4.32
C SER A 88 -15.80 -37.46 -5.78
N LYS A 89 -16.04 -38.39 -6.69
CA LYS A 89 -15.90 -38.11 -8.14
C LYS A 89 -16.98 -37.13 -8.60
N ASP A 90 -18.00 -36.92 -7.83
CA ASP A 90 -19.13 -35.99 -8.17
C ASP A 90 -18.86 -34.56 -7.70
N VAL A 91 -17.70 -34.30 -7.16
CA VAL A 91 -17.34 -32.93 -6.70
C VAL A 91 -16.08 -32.49 -7.45
N ASP A 92 -16.17 -31.35 -8.13
CA ASP A 92 -15.02 -30.74 -8.82
C ASP A 92 -14.34 -29.67 -8.00
N GLY A 93 -15.10 -28.90 -7.23
CA GLY A 93 -14.56 -27.79 -6.46
C GLY A 93 -15.44 -27.51 -5.28
N ILE A 94 -14.88 -26.83 -4.28
CA ILE A 94 -15.55 -26.58 -3.01
C ILE A 94 -15.40 -25.11 -2.66
N VAL A 95 -16.49 -24.49 -2.27
CA VAL A 95 -16.53 -23.11 -1.79
C VAL A 95 -17.02 -23.11 -0.35
N ILE A 96 -16.35 -22.39 0.53
CA ILE A 96 -16.76 -22.23 1.94
C ILE A 96 -17.12 -20.78 2.17
N THR A 97 -18.37 -20.51 2.54
CA THR A 97 -18.78 -19.15 2.90
C THR A 97 -18.51 -18.92 4.39
N HIS A 98 -17.95 -17.79 4.77
CA HIS A 98 -17.34 -17.67 6.10
C HIS A 98 -17.37 -16.22 6.57
N GLY A 99 -17.48 -16.00 7.86
CA GLY A 99 -17.25 -14.68 8.42
C GLY A 99 -15.83 -14.21 8.18
N THR A 100 -15.62 -12.90 8.10
CA THR A 100 -14.29 -12.36 7.79
C THR A 100 -13.31 -12.51 8.97
N ASP A 101 -13.78 -12.35 10.20
CA ASP A 101 -12.87 -12.27 11.35
C ASP A 101 -11.79 -13.35 11.36
N THR A 102 -12.21 -14.61 11.20
CA THR A 102 -11.26 -15.71 11.24
C THR A 102 -11.18 -16.46 9.94
N LEU A 103 -11.67 -15.85 8.84
CA LEU A 103 -11.52 -16.42 7.51
C LEU A 103 -10.09 -16.86 7.24
N GLU A 104 -9.15 -15.96 7.58
CA GLU A 104 -7.74 -16.22 7.25
C GLU A 104 -7.19 -17.43 8.01
N GLU A 105 -7.78 -17.73 9.17
CA GLU A 105 -7.37 -18.85 10.01
C GLU A 105 -7.86 -20.16 9.38
N THR A 106 -9.15 -20.19 9.05
CA THR A 106 -9.73 -21.36 8.36
C THR A 106 -9.02 -21.63 7.05
N ALA A 107 -8.78 -20.56 6.26
CA ALA A 107 -8.18 -20.75 4.93
C ALA A 107 -6.82 -21.42 5.05
N PHE A 108 -6.02 -20.93 6.02
CA PHE A 108 -4.68 -21.50 6.19
C PHE A 108 -4.77 -22.95 6.72
N PHE A 109 -5.66 -23.18 7.67
CA PHE A 109 -5.87 -24.54 8.21
C PHE A 109 -6.15 -25.50 7.07
N LEU A 110 -7.11 -25.17 6.21
CA LEU A 110 -7.46 -26.07 5.09
C LEU A 110 -6.28 -26.24 4.14
N ASN A 111 -5.50 -25.18 3.95
CA ASN A 111 -4.32 -25.24 3.08
C ASN A 111 -3.29 -26.27 3.56
N LEU A 112 -3.26 -26.48 4.87
CA LEU A 112 -2.29 -27.38 5.51
C LEU A 112 -2.78 -28.84 5.57
N VAL A 113 -4.10 -29.06 5.64
CA VAL A 113 -4.59 -30.40 6.02
C VAL A 113 -5.39 -31.09 4.94
N GLU A 114 -5.72 -30.41 3.81
CA GLU A 114 -6.52 -31.05 2.75
C GLU A 114 -5.61 -31.54 1.63
N LYS A 115 -5.42 -32.82 1.53
CA LYS A 115 -4.49 -33.42 0.55
C LYS A 115 -5.23 -33.67 -0.74
N THR A 116 -5.65 -32.63 -1.40
CA THR A 116 -6.38 -32.69 -2.68
C THR A 116 -5.89 -31.56 -3.58
N ASP A 117 -5.92 -31.80 -4.87
CA ASP A 117 -5.66 -30.74 -5.86
C ASP A 117 -6.96 -30.07 -6.29
N LYS A 118 -8.10 -30.56 -5.86
CA LYS A 118 -9.37 -29.93 -6.24
C LYS A 118 -9.45 -28.54 -5.65
N PRO A 119 -9.98 -27.55 -6.39
CA PRO A 119 -10.02 -26.21 -5.82
C PRO A 119 -10.88 -26.12 -4.57
N ILE A 120 -10.33 -25.37 -3.59
CA ILE A 120 -11.01 -25.01 -2.34
C ILE A 120 -10.90 -23.50 -2.21
N VAL A 121 -12.06 -22.85 -2.13
CA VAL A 121 -12.14 -21.39 -2.06
C VAL A 121 -12.89 -21.03 -0.79
N VAL A 122 -12.32 -20.10 -0.01
CA VAL A 122 -13.03 -19.54 1.15
C VAL A 122 -13.40 -18.11 0.80
N VAL A 123 -14.62 -17.68 1.12
CA VAL A 123 -15.11 -16.38 0.71
C VAL A 123 -16.03 -15.80 1.77
N GLY A 124 -15.95 -14.49 1.95
CA GLY A 124 -16.84 -13.74 2.82
C GLY A 124 -17.24 -12.42 2.18
N SER A 125 -17.80 -11.54 2.97
CA SER A 125 -18.15 -10.19 2.54
C SER A 125 -17.95 -9.24 3.69
N MET A 126 -17.77 -7.97 3.34
CA MET A 126 -17.64 -6.89 4.31
C MET A 126 -18.94 -6.14 4.55
N ARG A 127 -19.93 -6.31 3.68
CA ARG A 127 -21.26 -5.73 3.87
C ARG A 127 -22.23 -6.88 3.84
N PRO A 128 -23.33 -6.81 4.62
CA PRO A 128 -24.35 -7.86 4.57
C PRO A 128 -25.18 -7.69 3.29
N GLY A 129 -25.84 -8.78 2.88
CA GLY A 129 -26.59 -8.76 1.63
C GLY A 129 -27.77 -7.81 1.63
N THR A 130 -28.22 -7.37 2.80
CA THR A 130 -29.29 -6.39 2.96
C THR A 130 -28.81 -4.98 2.64
N ALA A 131 -27.52 -4.73 2.56
CA ALA A 131 -27.02 -3.35 2.42
C ALA A 131 -27.02 -2.91 0.96
N MET A 132 -27.20 -1.64 0.68
CA MET A 132 -26.84 -1.09 -0.63
C MET A 132 -25.41 -1.52 -0.95
N SER A 133 -25.20 -1.82 -2.22
CA SER A 133 -23.87 -2.08 -2.77
C SER A 133 -23.18 -3.22 -2.01
N ALA A 134 -23.93 -4.21 -1.57
CA ALA A 134 -23.37 -5.39 -0.86
C ALA A 134 -22.40 -6.11 -1.80
N ASP A 135 -21.27 -6.54 -1.22
CA ASP A 135 -20.18 -7.18 -1.97
C ASP A 135 -20.31 -8.69 -2.08
N GLY A 136 -21.18 -9.31 -1.28
CA GLY A 136 -21.21 -10.78 -1.19
C GLY A 136 -21.69 -11.47 -2.44
N MET A 137 -22.60 -10.88 -3.20
CA MET A 137 -23.13 -11.59 -4.37
CA MET A 137 -23.15 -11.54 -4.39
C MET A 137 -22.03 -11.85 -5.38
N LEU A 138 -21.29 -10.81 -5.77
CA LEU A 138 -20.22 -11.00 -6.75
C LEU A 138 -19.09 -11.79 -6.13
N ASN A 139 -18.82 -11.63 -4.83
CA ASN A 139 -17.75 -12.44 -4.21
C ASN A 139 -18.13 -13.94 -4.32
N LEU A 140 -19.40 -14.30 -4.05
CA LEU A 140 -19.80 -15.71 -4.11
C LEU A 140 -19.76 -16.22 -5.56
N TYR A 141 -20.24 -15.42 -6.49
CA TYR A 141 -20.13 -15.75 -7.93
C TYR A 141 -18.69 -16.03 -8.30
N ASN A 142 -17.81 -15.12 -7.89
CA ASN A 142 -16.37 -15.29 -8.18
C ASN A 142 -15.79 -16.54 -7.53
N ALA A 143 -16.19 -16.83 -6.29
CA ALA A 143 -15.69 -18.03 -5.62
C ALA A 143 -16.08 -19.26 -6.43
N VAL A 144 -17.34 -19.33 -6.88
CA VAL A 144 -17.79 -20.48 -7.65
C VAL A 144 -17.03 -20.54 -8.99
N ALA A 145 -16.85 -19.38 -9.65
CA ALA A 145 -16.09 -19.34 -10.90
C ALA A 145 -14.68 -19.91 -10.72
N VAL A 146 -14.00 -19.41 -9.68
CA VAL A 146 -12.63 -19.87 -9.39
C VAL A 146 -12.64 -21.36 -9.01
N ALA A 147 -13.61 -21.81 -8.23
CA ALA A 147 -13.67 -23.22 -7.84
C ALA A 147 -13.94 -24.11 -9.03
N SER A 148 -14.52 -23.58 -10.10
CA SER A 148 -14.87 -24.30 -11.33
CA SER A 148 -14.85 -24.36 -11.30
C SER A 148 -13.75 -24.28 -12.36
N ASP A 149 -12.71 -23.49 -12.15
CA ASP A 149 -11.71 -23.22 -13.19
C ASP A 149 -10.58 -24.21 -13.12
N LYS A 150 -10.20 -24.79 -14.24
CA LYS A 150 -9.02 -25.69 -14.31
C LYS A 150 -7.78 -25.01 -13.83
N GLN A 151 -7.65 -23.69 -13.95
CA GLN A 151 -6.43 -22.98 -13.54
C GLN A 151 -6.30 -23.02 -12.02
N SER A 152 -7.37 -23.28 -11.27
CA SER A 152 -7.28 -23.29 -9.79
C SER A 152 -6.75 -24.61 -9.26
N ARG A 153 -6.78 -25.66 -10.06
CA ARG A 153 -6.32 -26.98 -9.58
C ARG A 153 -4.86 -26.88 -9.16
N GLY A 154 -4.55 -27.44 -8.02
CA GLY A 154 -3.16 -27.52 -7.59
C GLY A 154 -2.59 -26.22 -7.04
N LYS A 155 -3.41 -25.19 -6.84
CA LYS A 155 -2.91 -23.88 -6.38
C LYS A 155 -3.03 -23.65 -4.87
N GLY A 156 -3.50 -24.65 -4.13
CA GLY A 156 -3.81 -24.49 -2.70
C GLY A 156 -5.09 -23.74 -2.48
N VAL A 157 -5.41 -23.49 -1.24
CA VAL A 157 -6.66 -22.83 -0.89
C VAL A 157 -6.60 -21.38 -1.32
N LEU A 158 -7.70 -20.87 -1.88
CA LEU A 158 -7.78 -19.51 -2.42
C LEU A 158 -8.87 -18.74 -1.71
N VAL A 159 -8.73 -17.42 -1.73
CA VAL A 159 -9.75 -16.49 -1.19
C VAL A 159 -10.06 -15.50 -2.29
N THR A 160 -11.34 -15.30 -2.61
CA THR A 160 -11.75 -14.54 -3.82
C THR A 160 -12.67 -13.35 -3.52
N MET A 161 -12.17 -12.41 -2.77
CA MET A 161 -12.89 -11.16 -2.47
C MET A 161 -12.24 -10.02 -3.27
N ASN A 162 -12.98 -8.94 -3.48
CA ASN A 162 -12.38 -7.72 -4.08
C ASN A 162 -11.80 -8.01 -5.45
N ASP A 163 -12.43 -8.88 -6.22
CA ASP A 163 -11.98 -9.20 -7.59
C ASP A 163 -10.62 -9.86 -7.63
N GLU A 164 -10.12 -10.33 -6.48
CA GLU A 164 -8.77 -10.91 -6.37
C GLU A 164 -8.84 -12.43 -6.18
N ILE A 165 -7.70 -13.03 -6.52
CA ILE A 165 -7.37 -14.42 -6.11
C ILE A 165 -6.20 -14.29 -5.16
N GLN A 166 -6.47 -14.53 -3.88
CA GLN A 166 -5.50 -14.43 -2.79
C GLN A 166 -5.16 -15.82 -2.30
N SER A 167 -3.89 -16.04 -1.92
CA SER A 167 -3.47 -17.27 -1.27
C SER A 167 -4.09 -17.37 0.13
N GLY A 168 -4.73 -18.49 0.43
CA GLY A 168 -5.20 -18.76 1.79
C GLY A 168 -4.11 -18.83 2.82
N ARG A 169 -2.88 -19.13 2.40
CA ARG A 169 -1.76 -19.16 3.32
C ARG A 169 -1.59 -17.83 4.05
N ASP A 170 -1.40 -16.75 3.29
CA ASP A 170 -0.89 -15.49 3.86
C ASP A 170 -1.79 -14.29 3.62
N VAL A 171 -2.95 -14.48 3.02
CA VAL A 171 -3.94 -13.41 3.04
C VAL A 171 -4.43 -13.22 4.47
N SER A 172 -4.68 -11.99 4.88
CA SER A 172 -5.09 -11.62 6.21
CA SER A 172 -5.21 -11.70 6.20
C SER A 172 -6.17 -10.55 6.15
N MET A 173 -7.03 -10.49 7.16
CA MET A 173 -7.94 -9.36 7.30
C MET A 173 -7.11 -8.20 7.83
N ALA A 174 -6.85 -7.23 6.93
CA ALA A 174 -5.90 -6.15 7.15
C ALA A 174 -6.56 -4.76 7.21
N VAL A 175 -7.67 -4.57 6.55
CA VAL A 175 -8.41 -3.30 6.53
C VAL A 175 -9.82 -3.54 7.06
N ASN A 176 -10.23 -2.79 8.07
CA ASN A 176 -11.59 -2.87 8.57
C ASN A 176 -12.55 -2.08 7.68
N ILE A 177 -13.80 -2.49 7.71
CA ILE A 177 -14.95 -1.83 7.05
C ILE A 177 -14.97 -2.05 5.54
N LYS A 178 -13.89 -1.73 4.84
CA LYS A 178 -13.84 -1.64 3.35
C LYS A 178 -13.80 -3.02 2.74
N THR A 179 -14.28 -3.09 1.48
CA THR A 179 -14.34 -4.38 0.77
C THR A 179 -12.97 -4.94 0.39
N GLU A 180 -11.93 -4.13 0.43
CA GLU A 180 -10.55 -4.51 0.16
C GLU A 180 -9.86 -5.09 1.42
N ALA A 181 -10.63 -5.48 2.41
CA ALA A 181 -10.12 -5.95 3.70
C ALA A 181 -8.99 -6.96 3.59
N PHE A 182 -9.07 -7.94 2.67
CA PHE A 182 -8.13 -9.06 2.67
C PHE A 182 -6.95 -8.76 1.79
N LYS A 183 -5.77 -8.74 2.40
CA LYS A 183 -4.49 -8.42 1.73
C LYS A 183 -3.42 -9.40 2.10
N SER A 184 -2.43 -9.61 1.24
CA SER A 184 -1.22 -10.38 1.55
C SER A 184 -0.01 -9.49 1.42
N ALA A 185 0.95 -9.69 2.28
CA ALA A 185 2.26 -9.03 2.13
C ALA A 185 2.90 -9.36 0.80
N TRP A 186 2.60 -10.53 0.25
CA TRP A 186 3.25 -11.04 -0.95
C TRP A 186 2.37 -10.84 -2.19
N GLY A 187 1.32 -10.02 -2.07
CA GLY A 187 0.47 -9.61 -3.18
C GLY A 187 -0.63 -10.59 -3.47
N PRO A 188 -1.67 -10.16 -4.22
CA PRO A 188 -2.60 -11.11 -4.80
C PRO A 188 -1.85 -12.01 -5.79
N MET A 189 -2.33 -13.25 -5.94
CA MET A 189 -1.77 -14.12 -6.98
C MET A 189 -2.46 -13.91 -8.33
N GLY A 190 -3.67 -13.38 -8.32
CA GLY A 190 -4.45 -13.23 -9.55
C GLY A 190 -5.63 -12.35 -9.33
N MET A 191 -6.48 -12.29 -10.35
CA MET A 191 -7.76 -11.59 -10.29
C MET A 191 -8.81 -12.46 -10.98
N VAL A 192 -10.06 -12.20 -10.61
CA VAL A 192 -11.22 -12.85 -11.25
C VAL A 192 -12.18 -11.75 -11.65
N VAL A 193 -12.46 -11.71 -12.97
CA VAL A 193 -13.25 -10.63 -13.57
C VAL A 193 -14.17 -11.25 -14.61
N GLU A 194 -15.44 -10.96 -14.53
CA GLU A 194 -16.44 -11.51 -15.47
C GLU A 194 -16.25 -13.00 -15.68
N GLY A 195 -16.11 -13.71 -14.57
CA GLY A 195 -16.03 -15.18 -14.57
C GLY A 195 -14.69 -15.75 -14.92
N LYS A 196 -13.75 -14.94 -15.36
CA LYS A 196 -12.46 -15.43 -15.86
C LYS A 196 -11.36 -15.13 -14.85
N SER A 197 -10.45 -16.08 -14.71
CA SER A 197 -9.30 -16.00 -13.81
C SER A 197 -8.03 -15.63 -14.56
N TYR A 198 -7.31 -14.69 -13.98
CA TYR A 198 -6.06 -14.15 -14.53
C TYR A 198 -4.98 -14.29 -13.45
N TRP A 199 -3.97 -15.10 -13.74
CA TRP A 199 -2.91 -15.43 -12.76
C TRP A 199 -1.64 -14.63 -13.08
N PHE A 200 -0.98 -14.18 -12.04
CA PHE A 200 0.25 -13.39 -12.14
C PHE A 200 1.40 -13.95 -11.28
N ARG A 201 1.10 -14.78 -10.28
CA ARG A 201 2.09 -15.41 -9.40
C ARG A 201 1.56 -16.79 -9.05
N LEU A 202 2.50 -17.65 -8.63
CA LEU A 202 2.18 -18.99 -8.12
C LEU A 202 2.64 -19.09 -6.68
N PRO A 203 2.03 -20.00 -5.89
CA PRO A 203 2.54 -20.25 -4.55
C PRO A 203 3.95 -20.78 -4.55
N ALA A 204 4.70 -20.53 -3.45
N ALA A 204 4.71 -20.45 -3.50
CA ALA A 204 6.05 -21.09 -3.27
CA ALA A 204 6.04 -21.04 -3.26
C ALA A 204 6.19 -21.78 -1.89
C ALA A 204 5.99 -22.10 -2.13
N LYS A 205 5.13 -21.92 -1.14
CA LYS A 205 5.13 -22.63 0.13
C LYS A 205 4.32 -23.89 0.03
N ARG A 206 4.66 -24.87 0.84
CA ARG A 206 4.00 -26.19 0.78
C ARG A 206 2.51 -26.08 1.10
N HIS A 207 1.70 -26.83 0.36
CA HIS A 207 0.26 -26.79 0.55
C HIS A 207 -0.38 -28.10 0.08
N THR A 208 -1.60 -28.31 0.57
CA THR A 208 -2.52 -29.36 0.11
C THR A 208 -1.79 -30.64 -0.27
N VAL A 209 -1.75 -31.02 -1.54
CA VAL A 209 -1.23 -32.37 -1.88
C VAL A 209 0.24 -32.57 -1.50
N ASN A 210 1.01 -31.49 -1.34
CA ASN A 210 2.44 -31.60 -0.98
C ASN A 210 2.65 -31.33 0.51
N SER A 211 1.57 -31.28 1.28
CA SER A 211 1.68 -31.13 2.74
C SER A 211 1.95 -32.47 3.41
N GLU A 212 2.73 -32.44 4.50
CA GLU A 212 2.94 -33.65 5.32
C GLU A 212 1.79 -33.88 6.30
N PHE A 213 0.81 -32.99 6.37
CA PHE A 213 -0.31 -33.07 7.29
C PHE A 213 -1.54 -33.52 6.53
N ASP A 214 -2.45 -34.22 7.20
CA ASP A 214 -3.64 -34.78 6.55
C ASP A 214 -4.77 -34.83 7.56
N ILE A 215 -5.84 -34.10 7.30
CA ILE A 215 -7.03 -34.08 8.17
C ILE A 215 -7.56 -35.50 8.42
N LYS A 216 -7.38 -36.41 7.48
CA LYS A 216 -7.91 -37.78 7.65
C LYS A 216 -7.19 -38.44 8.84
N GLN A 217 -6.02 -37.98 9.26
CA GLN A 217 -5.20 -38.54 10.36
C GLN A 217 -5.29 -37.69 11.61
N ILE A 218 -6.08 -36.62 11.61
CA ILE A 218 -6.16 -35.67 12.77
C ILE A 218 -7.54 -35.78 13.39
N SER A 219 -7.57 -36.21 14.64
CA SER A 219 -8.87 -36.32 15.38
C SER A 219 -8.91 -35.28 16.49
N SER A 220 -7.81 -34.64 16.83
CA SER A 220 -7.76 -33.63 17.90
C SER A 220 -6.63 -32.66 17.58
N LEU A 221 -6.77 -31.47 18.11
CA LEU A 221 -5.76 -30.42 17.92
C LEU A 221 -5.22 -30.00 19.27
N PRO A 222 -3.88 -29.89 19.41
CA PRO A 222 -3.31 -29.39 20.65
C PRO A 222 -3.75 -27.94 20.88
N GLN A 223 -3.94 -27.57 22.12
CA GLN A 223 -4.31 -26.21 22.51
C GLN A 223 -3.13 -25.26 22.30
N VAL A 224 -3.36 -24.19 21.58
CA VAL A 224 -2.32 -23.15 21.34
C VAL A 224 -2.96 -21.78 21.62
N ASP A 225 -2.26 -20.93 22.33
CA ASP A 225 -2.79 -19.62 22.69
C ASP A 225 -1.78 -18.53 22.27
N ILE A 226 -2.23 -17.28 22.34
CA ILE A 226 -1.51 -16.09 21.84
C ILE A 226 -1.47 -15.02 22.93
N ALA A 227 -0.27 -14.47 23.14
CA ALA A 227 -0.07 -13.35 24.08
C ALA A 227 0.59 -12.18 23.36
N TYR A 228 0.23 -10.97 23.73
CA TYR A 228 0.66 -9.76 23.03
C TYR A 228 1.83 -9.09 23.76
N GLY A 229 2.72 -8.47 22.93
CA GLY A 229 3.83 -7.66 23.45
C GLY A 229 3.63 -6.17 23.21
N TYR A 230 4.03 -5.36 24.19
CA TYR A 230 3.76 -3.92 24.23
C TYR A 230 4.56 -3.36 25.38
N GLY A 231 4.65 -2.04 25.48
CA GLY A 231 5.39 -1.43 26.58
C GLY A 231 4.84 -1.86 27.92
N ASN A 232 5.76 -2.11 28.87
CA ASN A 232 5.41 -2.50 30.24
C ASN A 232 4.62 -3.81 30.29
N VAL A 233 4.73 -4.65 29.27
CA VAL A 233 4.13 -5.98 29.32
C VAL A 233 4.80 -6.80 30.42
N THR A 234 4.05 -7.69 31.05
CA THR A 234 4.56 -8.62 32.04
C THR A 234 4.36 -10.07 31.55
N ASP A 235 4.85 -11.01 32.35
CA ASP A 235 4.71 -12.44 32.00
C ASP A 235 3.33 -12.99 32.33
N THR A 236 2.39 -12.19 32.84
CA THR A 236 1.14 -12.74 33.35
C THR A 236 0.36 -13.55 32.31
N ALA A 237 0.13 -12.98 31.11
CA ALA A 237 -0.77 -13.69 30.19
C ALA A 237 -0.12 -15.03 29.80
N TYR A 238 1.19 -15.02 29.57
CA TYR A 238 1.90 -16.23 29.12
C TYR A 238 1.70 -17.35 30.14
N LYS A 239 1.97 -17.03 31.40
CA LYS A 239 1.87 -18.05 32.45
C LYS A 239 0.43 -18.50 32.59
N ALA A 240 -0.54 -17.58 32.58
CA ALA A 240 -1.95 -17.96 32.75
C ALA A 240 -2.40 -18.88 31.63
N LEU A 241 -2.00 -18.53 30.39
CA LEU A 241 -2.46 -19.35 29.25
C LEU A 241 -1.89 -20.75 29.35
N ALA A 242 -0.62 -20.88 29.70
CA ALA A 242 0.00 -22.21 29.91
C ALA A 242 -0.67 -22.97 31.06
N GLN A 243 -1.00 -22.27 32.14
CA GLN A 243 -1.61 -22.91 33.31
C GLN A 243 -2.99 -23.42 32.93
N ASN A 244 -3.64 -22.87 31.93
CA ASN A 244 -4.97 -23.29 31.46
C ASN A 244 -4.89 -24.15 30.19
N GLY A 245 -3.73 -24.71 29.90
CA GLY A 245 -3.63 -25.81 28.92
C GLY A 245 -2.80 -25.56 27.70
N ALA A 246 -2.30 -24.35 27.47
CA ALA A 246 -1.59 -24.07 26.19
C ALA A 246 -0.35 -24.98 26.05
N LYS A 247 -0.24 -25.68 24.93
CA LYS A 247 0.90 -26.54 24.61
C LYS A 247 1.95 -25.76 23.85
N ALA A 248 1.56 -24.66 23.21
CA ALA A 248 2.46 -23.69 22.59
C ALA A 248 1.86 -22.32 22.86
N LEU A 249 2.76 -21.36 22.96
CA LEU A 249 2.39 -19.94 23.03
C LEU A 249 2.95 -19.23 21.83
N ILE A 250 2.07 -18.56 21.12
CA ILE A 250 2.46 -17.62 20.07
C ILE A 250 2.70 -16.27 20.75
N HIS A 251 3.91 -15.79 20.67
CA HIS A 251 4.31 -14.46 21.18
C HIS A 251 4.09 -13.43 20.05
N ALA A 252 3.11 -12.56 20.23
CA ALA A 252 2.85 -11.51 19.25
C ALA A 252 3.68 -10.28 19.65
N GLY A 253 4.98 -10.39 19.39
CA GLY A 253 5.90 -9.36 19.88
C GLY A 253 5.86 -8.05 19.15
N THR A 254 6.42 -7.04 19.76
CA THR A 254 6.82 -5.83 19.04
C THR A 254 7.92 -6.17 18.03
N GLY A 255 8.08 -5.31 17.02
CA GLY A 255 9.21 -5.43 16.13
C GLY A 255 9.45 -6.83 15.59
N ASN A 256 10.71 -7.20 15.56
CA ASN A 256 11.12 -8.48 14.97
C ASN A 256 10.95 -9.62 16.01
N GLY A 257 9.72 -9.76 16.48
CA GLY A 257 9.40 -10.76 17.49
C GLY A 257 10.07 -10.56 18.82
N SER A 258 10.39 -9.34 19.17
CA SER A 258 11.22 -9.03 20.33
C SER A 258 10.48 -9.38 21.61
N VAL A 259 11.25 -9.70 22.65
CA VAL A 259 10.70 -10.11 23.96
C VAL A 259 11.27 -9.19 25.03
N SER A 260 10.37 -8.60 25.81
CA SER A 260 10.81 -7.75 26.94
C SER A 260 11.72 -8.56 27.89
N SER A 261 12.69 -7.89 28.45
CA SER A 261 13.52 -8.51 29.49
C SER A 261 12.63 -8.92 30.67
N ARG A 262 11.47 -8.40 30.92
CA ARG A 262 10.55 -8.80 32.02
C ARG A 262 9.86 -10.12 31.68
N VAL A 263 9.89 -10.57 30.45
CA VAL A 263 9.15 -11.74 29.96
C VAL A 263 10.11 -12.88 29.64
N VAL A 264 11.32 -12.60 29.21
CA VAL A 264 12.26 -13.68 28.83
C VAL A 264 12.34 -14.78 29.90
N PRO A 265 12.54 -14.47 31.19
CA PRO A 265 12.73 -15.56 32.15
C PRO A 265 11.53 -16.50 32.17
N ALA A 266 10.31 -15.97 32.16
CA ALA A 266 9.11 -16.83 32.16
C ALA A 266 9.10 -17.70 30.94
N LEU A 267 9.49 -17.16 29.78
CA LEU A 267 9.45 -17.97 28.55
C LEU A 267 10.47 -19.08 28.60
N GLN A 268 11.62 -18.84 29.22
CA GLN A 268 12.60 -19.91 29.42
C GLN A 268 12.04 -21.00 30.34
N GLU A 269 11.42 -20.57 31.42
CA GLU A 269 10.83 -21.53 32.38
C GLU A 269 9.72 -22.34 31.68
N LEU A 270 8.89 -21.66 30.89
CA LEU A 270 7.81 -22.35 30.16
C LEU A 270 8.37 -23.36 29.17
N ARG A 271 9.40 -22.98 28.42
CA ARG A 271 9.98 -23.93 27.47
C ARG A 271 10.56 -25.16 28.19
N LYS A 272 11.23 -24.95 29.31
CA LYS A 272 11.76 -26.12 30.04
C LYS A 272 10.61 -27.00 30.54
N ASN A 273 9.48 -26.41 30.87
CA ASN A 273 8.26 -27.10 31.23
C ASN A 273 7.51 -27.68 30.03
N GLY A 274 8.11 -27.59 28.84
CA GLY A 274 7.57 -28.26 27.66
C GLY A 274 6.62 -27.44 26.79
N VAL A 275 6.45 -26.18 27.08
CA VAL A 275 5.59 -25.30 26.25
C VAL A 275 6.45 -24.77 25.10
N GLN A 276 6.00 -24.99 23.86
CA GLN A 276 6.70 -24.40 22.71
C GLN A 276 6.51 -22.87 22.72
N ILE A 277 7.58 -22.15 22.37
CA ILE A 277 7.58 -20.67 22.34
C ILE A 277 7.86 -20.24 20.91
N ILE A 278 6.86 -19.64 20.29
CA ILE A 278 6.92 -19.27 18.85
C ILE A 278 6.85 -17.77 18.74
N ARG A 279 7.89 -17.14 18.22
CA ARG A 279 7.98 -15.68 18.11
C ARG A 279 7.39 -15.20 16.78
N SER A 280 6.21 -14.60 16.87
CA SER A 280 5.56 -13.83 15.78
C SER A 280 5.66 -12.36 16.15
N SER A 281 4.80 -11.54 15.54
CA SER A 281 4.86 -10.10 15.81
C SER A 281 3.51 -9.48 15.44
N HIS A 282 3.34 -8.24 15.90
CA HIS A 282 2.24 -7.37 15.45
C HIS A 282 2.77 -6.30 14.44
N VAL A 283 3.65 -6.72 13.58
CA VAL A 283 4.20 -5.88 12.50
C VAL A 283 3.88 -6.65 11.22
N ASN A 284 2.69 -6.43 10.66
CA ASN A 284 2.08 -7.44 9.81
C ASN A 284 2.02 -7.06 8.31
N GLN A 285 2.44 -5.87 7.93
CA GLN A 285 2.33 -5.48 6.49
CA GLN A 285 2.30 -5.46 6.51
C GLN A 285 3.38 -6.08 5.62
N GLY A 286 4.53 -6.42 6.18
CA GLY A 286 5.61 -7.00 5.42
C GLY A 286 6.78 -7.41 6.31
N GLY A 287 7.79 -7.99 5.68
CA GLY A 287 8.94 -8.49 6.41
C GLY A 287 8.64 -9.83 7.07
N PHE A 288 9.55 -10.22 7.97
CA PHE A 288 9.45 -11.49 8.69
C PHE A 288 10.33 -11.43 9.93
N VAL A 289 10.07 -12.38 10.82
CA VAL A 289 10.82 -12.54 12.08
C VAL A 289 11.98 -13.49 11.85
N LEU A 290 13.20 -12.97 12.07
CA LEU A 290 14.47 -13.66 11.75
C LEU A 290 14.99 -14.43 12.96
N ARG A 291 15.28 -15.72 12.76
CA ARG A 291 15.80 -16.54 13.86
C ARG A 291 17.14 -15.98 14.36
N ASN A 292 17.28 -16.00 15.70
CA ASN A 292 18.51 -15.64 16.39
C ASN A 292 18.82 -14.15 16.32
N ALA A 293 17.91 -13.31 15.78
CA ALA A 293 18.17 -11.85 15.71
C ALA A 293 17.80 -11.22 17.05
N GLU A 294 16.57 -11.14 17.38
CA GLU A 294 16.13 -10.48 18.60
C GLU A 294 16.38 -11.32 19.83
N GLN A 295 16.33 -12.64 19.74
CA GLN A 295 16.50 -13.54 20.88
C GLN A 295 17.36 -14.71 20.44
N PRO A 296 18.03 -15.36 21.42
CA PRO A 296 18.88 -16.52 21.13
C PRO A 296 18.03 -17.78 21.04
N ASP A 297 17.35 -17.94 19.92
CA ASP A 297 16.40 -19.04 19.76
C ASP A 297 17.09 -20.38 19.85
N ASP A 298 18.29 -20.56 19.33
CA ASP A 298 18.99 -21.83 19.43
C ASP A 298 19.25 -22.14 20.90
N LYS A 299 19.78 -21.18 21.69
CA LYS A 299 20.10 -21.44 23.12
C LYS A 299 18.81 -21.76 23.88
N ASN A 300 17.72 -21.06 23.58
CA ASN A 300 16.49 -21.18 24.37
C ASN A 300 15.56 -22.31 23.84
N ASP A 301 15.88 -22.87 22.67
CA ASP A 301 15.01 -23.87 22.02
C ASP A 301 13.63 -23.29 21.68
N TRP A 302 13.65 -22.08 21.11
CA TRP A 302 12.44 -21.37 20.66
C TRP A 302 12.34 -21.50 19.14
N VAL A 303 11.23 -21.01 18.61
CA VAL A 303 10.93 -21.06 17.16
C VAL A 303 10.51 -19.65 16.73
N VAL A 304 10.86 -19.26 15.50
CA VAL A 304 10.31 -18.04 14.91
C VAL A 304 9.24 -18.38 13.87
N ALA A 305 8.25 -17.51 13.81
CA ALA A 305 7.08 -17.71 12.93
C ALA A 305 7.31 -17.20 11.53
N HIS A 306 8.51 -16.77 11.18
CA HIS A 306 8.83 -16.32 9.81
C HIS A 306 7.91 -15.14 9.49
N ASP A 307 7.23 -15.14 8.35
CA ASP A 307 6.36 -14.00 7.99
C ASP A 307 4.98 -14.11 8.62
N LEU A 308 4.66 -15.21 9.29
CA LEU A 308 3.25 -15.49 9.66
C LEU A 308 2.83 -14.68 10.87
N ASN A 309 1.67 -14.05 10.73
CA ASN A 309 1.08 -13.24 11.81
C ASN A 309 0.65 -14.17 12.95
N PRO A 310 0.24 -13.61 14.10
CA PRO A 310 0.08 -14.46 15.29
C PRO A 310 -0.97 -15.55 15.11
N GLN A 311 -2.12 -15.17 14.58
CA GLN A 311 -3.23 -16.10 14.40
C GLN A 311 -2.89 -17.15 13.34
N LYS A 312 -2.15 -16.78 12.29
CA LYS A 312 -1.66 -17.78 11.35
C LYS A 312 -0.68 -18.72 12.01
N ALA A 313 0.23 -18.17 12.78
CA ALA A 313 1.25 -19.01 13.47
C ALA A 313 0.55 -20.01 14.41
N ARG A 314 -0.50 -19.57 15.06
CA ARG A 314 -1.23 -20.51 15.94
C ARG A 314 -1.74 -21.68 15.09
N ILE A 315 -2.36 -21.42 13.96
CA ILE A 315 -2.89 -22.50 13.12
C ILE A 315 -1.75 -23.45 12.73
N LEU A 316 -0.64 -22.93 12.23
CA LEU A 316 0.43 -23.84 11.79
C LEU A 316 0.98 -24.63 13.00
N ALA A 317 1.19 -23.96 14.12
CA ALA A 317 1.73 -24.66 15.28
C ALA A 317 0.79 -25.79 15.72
N MET A 318 -0.50 -25.51 15.79
CA MET A 318 -1.45 -26.53 16.25
C MET A 318 -1.50 -27.73 15.30
N VAL A 319 -1.50 -27.46 13.99
CA VAL A 319 -1.44 -28.58 13.01
C VAL A 319 -0.10 -29.32 13.15
N ALA A 320 1.00 -28.58 13.21
CA ALA A 320 2.30 -29.25 13.24
C ALA A 320 2.43 -30.13 14.48
N MET A 321 1.91 -29.67 15.60
CA MET A 321 2.05 -30.41 16.87
C MET A 321 1.12 -31.63 16.91
N THR A 322 0.30 -31.89 15.91
CA THR A 322 -0.32 -33.23 15.79
C THR A 322 0.73 -34.26 15.38
N LYS A 323 1.85 -33.83 14.84
CA LYS A 323 2.89 -34.72 14.30
C LYS A 323 4.17 -34.68 15.13
N THR A 324 4.60 -33.52 15.57
CA THR A 324 5.92 -33.35 16.21
C THR A 324 5.86 -32.30 17.32
N GLN A 325 6.70 -32.49 18.36
CA GLN A 325 7.00 -31.48 19.41
C GLN A 325 8.50 -31.21 19.37
N ASP A 326 9.23 -31.60 18.33
CA ASP A 326 10.68 -31.35 18.16
CA ASP A 326 10.67 -31.30 18.25
C ASP A 326 10.84 -29.88 17.66
C ASP A 326 10.70 -29.85 17.76
N SER A 327 11.37 -29.00 18.48
CA SER A 327 11.46 -27.58 18.14
C SER A 327 12.17 -27.34 16.81
N LYS A 328 13.18 -28.16 16.48
CA LYS A 328 13.89 -27.99 15.22
C LYS A 328 12.99 -28.38 14.05
N GLU A 329 12.17 -29.41 14.20
CA GLU A 329 11.18 -29.76 13.19
C GLU A 329 10.11 -28.68 13.07
N LEU A 330 9.68 -28.12 14.19
CA LEU A 330 8.71 -27.03 14.13
C LEU A 330 9.33 -25.85 13.37
N GLN A 331 10.60 -25.52 13.57
CA GLN A 331 11.19 -24.42 12.84
C GLN A 331 11.25 -24.73 11.33
N ARG A 332 11.62 -25.96 10.97
CA ARG A 332 11.57 -26.38 9.55
C ARG A 332 10.18 -26.11 8.99
N ILE A 333 9.15 -26.54 9.71
CA ILE A 333 7.75 -26.37 9.26
C ILE A 333 7.44 -24.89 9.06
N PHE A 334 7.82 -24.05 10.00
CA PHE A 334 7.62 -22.61 9.90
C PHE A 334 8.41 -21.99 8.75
N TRP A 335 9.42 -22.65 8.22
CA TRP A 335 10.20 -22.18 7.07
C TRP A 335 9.73 -22.82 5.75
N GLU A 336 8.84 -23.78 5.77
CA GLU A 336 8.38 -24.47 4.55
C GLU A 336 6.91 -24.22 4.20
N TYR A 337 6.06 -23.88 5.16
CA TYR A 337 4.62 -23.74 5.00
C TYR A 337 4.18 -22.27 5.11
N LYS B 8 20.35 32.50 12.37
CA LYS B 8 20.97 31.98 13.62
C LYS B 8 20.34 30.64 13.77
N LEU B 9 21.10 29.63 14.09
CA LEU B 9 20.59 28.24 14.02
C LEU B 9 19.72 27.92 15.25
N ALA B 10 18.75 27.08 15.05
CA ALA B 10 17.92 26.57 16.15
C ALA B 10 18.77 25.77 17.15
N ASN B 11 18.36 25.84 18.40
CA ASN B 11 18.95 25.01 19.48
C ASN B 11 18.11 23.75 19.64
N VAL B 12 18.70 22.64 19.30
CA VAL B 12 18.02 21.33 19.37
C VAL B 12 18.71 20.48 20.41
N VAL B 13 17.91 19.83 21.27
CA VAL B 13 18.45 18.83 22.22
C VAL B 13 18.04 17.45 21.74
N ILE B 14 19.01 16.55 21.70
CA ILE B 14 18.79 15.14 21.39
C ILE B 14 18.78 14.35 22.69
N LEU B 15 17.66 13.72 22.98
CA LEU B 15 17.46 12.84 24.14
C LEU B 15 17.60 11.42 23.64
N ALA B 16 18.65 10.74 24.02
CA ALA B 16 18.87 9.37 23.59
C ALA B 16 18.24 8.40 24.60
N THR B 17 17.65 7.33 24.05
CA THR B 17 17.05 6.27 24.87
C THR B 17 17.55 4.88 24.52
N GLY B 18 18.36 4.70 23.50
CA GLY B 18 18.83 3.39 23.08
C GLY B 18 18.44 3.02 21.68
N GLY B 19 18.10 1.74 21.48
CA GLY B 19 17.58 1.30 20.20
C GLY B 19 18.61 0.87 19.17
N THR B 20 18.09 0.49 18.01
CA THR B 20 18.89 0.10 16.86
C THR B 20 19.74 1.27 16.34
N ILE B 21 19.22 2.47 16.40
CA ILE B 21 19.97 3.65 15.91
C ILE B 21 21.26 3.77 16.71
N ALA B 22 21.28 3.29 17.94
CA ALA B 22 22.47 3.25 18.81
C ALA B 22 23.03 1.85 18.90
N GLY B 23 22.74 0.97 17.95
CA GLY B 23 23.12 -0.44 18.03
C GLY B 23 24.41 -0.75 17.34
N ALA B 24 24.86 -1.98 17.48
CA ALA B 24 26.10 -2.44 16.85
C ALA B 24 25.95 -3.92 16.58
N GLY B 25 26.34 -4.33 15.39
CA GLY B 25 26.43 -5.73 15.02
C GLY B 25 27.84 -6.12 14.62
N ALA B 26 28.02 -7.38 14.24
CA ALA B 26 29.35 -7.94 14.15
C ALA B 26 30.04 -7.66 12.83
N SER B 27 29.30 -7.30 11.82
CA SER B 27 29.88 -7.13 10.47
C SER B 27 29.04 -6.18 9.68
N ALA B 28 29.62 -5.66 8.59
CA ALA B 28 28.91 -4.71 7.72
C ALA B 28 27.64 -5.34 7.12
N ALA B 29 27.60 -6.64 6.88
CA ALA B 29 26.41 -7.27 6.30
C ALA B 29 25.34 -7.56 7.36
N ASN B 30 25.65 -7.35 8.65
CA ASN B 30 24.66 -7.59 9.72
C ASN B 30 23.73 -6.40 9.89
N SER B 31 22.78 -6.30 8.96
CA SER B 31 21.76 -5.25 8.97
C SER B 31 20.57 -5.60 9.87
N ALA B 32 20.44 -6.89 10.26
CA ALA B 32 19.24 -7.37 10.97
C ALA B 32 19.54 -8.03 12.32
N THR B 33 20.76 -8.54 12.48
CA THR B 33 21.22 -9.24 13.69
C THR B 33 22.26 -8.34 14.38
N TYR B 34 21.91 -7.77 15.52
CA TYR B 34 22.77 -6.79 16.18
C TYR B 34 22.33 -6.66 17.62
N GLN B 35 23.08 -5.86 18.39
CA GLN B 35 22.72 -5.53 19.78
C GLN B 35 22.29 -4.05 19.85
N ALA B 36 21.13 -3.80 20.38
CA ALA B 36 20.62 -2.43 20.57
C ALA B 36 21.39 -1.70 21.66
N ALA B 37 21.35 -0.38 21.63
CA ALA B 37 21.61 0.41 22.84
C ALA B 37 23.07 0.26 23.31
N LYS B 38 24.01 0.31 22.37
CA LYS B 38 25.44 0.22 22.67
C LYS B 38 26.14 1.58 22.57
N LEU B 39 25.70 2.51 21.75
CA LEU B 39 26.43 3.76 21.53
C LEU B 39 25.77 4.86 22.36
N GLY B 40 26.59 5.70 22.98
CA GLY B 40 26.06 6.87 23.68
C GLY B 40 25.69 8.02 22.74
N VAL B 41 24.96 8.96 23.30
CA VAL B 41 24.42 10.09 22.50
C VAL B 41 25.57 10.89 21.88
N ASP B 42 26.71 11.05 22.55
CA ASP B 42 27.76 11.92 21.99
C ASP B 42 28.34 11.25 20.74
N LYS B 43 28.44 9.93 20.71
CA LYS B 43 28.91 9.19 19.54
C LYS B 43 27.88 9.29 18.43
N LEU B 44 26.60 9.23 18.75
CA LEU B 44 25.58 9.42 17.68
C LEU B 44 25.73 10.77 17.02
N ILE B 45 25.90 11.81 17.82
CA ILE B 45 26.03 13.18 17.28
C ILE B 45 27.32 13.25 16.46
N ALA B 46 28.41 12.72 16.99
CA ALA B 46 29.70 12.85 16.27
C ALA B 46 29.68 12.09 14.93
N GLY B 47 28.81 11.10 14.84
CA GLY B 47 28.65 10.30 13.61
C GLY B 47 27.97 11.01 12.46
N VAL B 48 27.38 12.16 12.74
CA VAL B 48 26.73 13.03 11.72
C VAL B 48 27.28 14.44 11.87
N PRO B 49 28.52 14.66 11.41
CA PRO B 49 29.14 15.98 11.60
C PRO B 49 28.31 17.10 10.93
N GLU B 50 27.52 16.76 9.94
CA GLU B 50 26.68 17.73 9.19
C GLU B 50 25.61 18.30 10.07
N LEU B 51 25.30 17.70 11.26
CA LEU B 51 24.27 18.32 12.11
C LEU B 51 24.65 19.76 12.40
N ALA B 52 25.94 20.07 12.54
CA ALA B 52 26.36 21.44 12.92
C ALA B 52 25.96 22.46 11.85
N ASP B 53 25.72 22.03 10.62
CA ASP B 53 25.31 22.90 9.48
C ASP B 53 23.87 23.38 9.71
N ILE B 54 23.05 22.59 10.40
CA ILE B 54 21.58 22.83 10.41
C ILE B 54 21.03 23.19 11.77
N ALA B 55 21.79 23.00 12.85
CA ALA B 55 21.29 23.33 14.21
C ALA B 55 22.48 23.37 15.16
N ASN B 56 22.27 23.98 16.32
CA ASN B 56 23.15 23.90 17.48
C ASN B 56 22.61 22.75 18.32
N VAL B 57 23.30 21.61 18.31
N VAL B 57 23.34 21.65 18.32
CA VAL B 57 22.77 20.39 18.97
CA VAL B 57 22.88 20.38 18.93
C VAL B 57 23.61 20.05 20.18
C VAL B 57 23.61 20.19 20.25
N ARG B 58 22.89 19.62 21.19
CA ARG B 58 23.50 18.96 22.35
C ARG B 58 22.71 17.73 22.73
N GLY B 59 23.41 16.81 23.35
CA GLY B 59 22.81 15.52 23.65
C GLY B 59 22.72 15.19 25.13
N GLU B 60 21.71 14.42 25.48
CA GLU B 60 21.58 13.88 26.87
C GLU B 60 21.22 12.41 26.74
N GLN B 61 21.77 11.59 27.64
CA GLN B 61 21.45 10.17 27.70
C GLN B 61 20.35 9.97 28.75
N VAL B 62 19.14 9.83 28.32
CA VAL B 62 18.01 9.68 29.29
C VAL B 62 17.99 8.25 29.81
N MET B 63 18.17 7.30 28.93
CA MET B 63 18.25 5.87 29.26
C MET B 63 18.99 5.17 28.14
N GLN B 64 19.24 3.90 28.24
CA GLN B 64 20.02 3.15 27.23
C GLN B 64 19.41 1.74 27.16
N ILE B 65 18.29 1.63 26.46
CA ILE B 65 17.50 0.41 26.49
C ILE B 65 17.17 -0.07 25.08
N ALA B 66 16.87 -1.36 24.99
CA ALA B 66 16.13 -1.96 23.90
C ALA B 66 14.66 -1.67 24.16
N SER B 67 13.98 -1.01 23.20
CA SER B 67 12.67 -0.39 23.46
C SER B 67 11.58 -1.41 23.73
N GLU B 68 11.74 -2.67 23.36
CA GLU B 68 10.75 -3.69 23.73
C GLU B 68 10.69 -3.86 25.26
N SER B 69 11.68 -3.39 25.99
CA SER B 69 11.77 -3.53 27.45
C SER B 69 11.41 -2.25 28.19
N ILE B 70 10.88 -1.26 27.48
CA ILE B 70 10.52 0.01 28.14
C ILE B 70 9.45 -0.22 29.19
N SER B 71 9.44 0.65 30.20
CA SER B 71 8.41 0.63 31.24
C SER B 71 7.61 1.94 31.26
N ASN B 72 6.52 1.95 31.99
CA ASN B 72 5.76 3.17 32.25
C ASN B 72 6.64 4.18 32.97
N ASP B 73 7.49 3.77 33.92
CA ASP B 73 8.35 4.73 34.59
C ASP B 73 9.34 5.35 33.62
N ASP B 74 9.81 4.61 32.62
CA ASP B 74 10.69 5.18 31.58
C ASP B 74 9.90 6.23 30.79
N LEU B 75 8.64 5.96 30.41
CA LEU B 75 7.81 6.98 29.69
C LEU B 75 7.72 8.23 30.51
N LEU B 76 7.44 8.11 31.82
CA LEU B 76 7.31 9.32 32.65
C LEU B 76 8.61 10.05 32.73
N LYS B 77 9.74 9.35 32.92
CA LYS B 77 11.02 10.05 33.05
C LYS B 77 11.27 10.82 31.75
N LEU B 78 11.13 10.17 30.62
CA LEU B 78 11.36 10.83 29.31
C LEU B 78 10.38 11.99 29.15
N GLY B 79 9.11 11.74 29.41
CA GLY B 79 8.12 12.79 29.21
C GLY B 79 8.37 14.00 30.10
N LYS B 80 8.77 13.76 31.34
CA LYS B 80 9.05 14.89 32.24
C LYS B 80 10.30 15.65 31.81
N ARG B 81 11.31 14.97 31.27
CA ARG B 81 12.51 15.67 30.80
C ARG B 81 12.16 16.49 29.57
N VAL B 82 11.40 15.94 28.64
CA VAL B 82 10.93 16.71 27.47
C VAL B 82 10.21 17.96 27.94
N ALA B 83 9.35 17.87 28.96
CA ALA B 83 8.61 19.04 29.41
C ALA B 83 9.54 20.11 29.96
N GLU B 84 10.53 19.70 30.77
CA GLU B 84 11.48 20.65 31.35
C GLU B 84 12.20 21.39 30.23
N LEU B 85 12.66 20.64 29.25
CA LEU B 85 13.39 21.27 28.13
C LEU B 85 12.49 22.19 27.34
N ALA B 86 11.27 21.76 27.07
CA ALA B 86 10.34 22.61 26.33
C ALA B 86 10.05 23.96 27.03
N GLU B 87 10.12 23.96 28.35
CA GLU B 87 9.89 25.17 29.17
C GLU B 87 11.10 26.11 29.06
N SER B 88 12.26 25.64 28.59
CA SER B 88 13.51 26.46 28.54
C SER B 88 13.54 27.40 27.32
N LYS B 89 13.86 28.68 27.52
CA LYS B 89 14.01 29.63 26.38
C LYS B 89 15.21 29.21 25.52
N ASP B 90 16.13 28.37 26.01
CA ASP B 90 17.38 27.94 25.31
C ASP B 90 17.09 26.75 24.40
N VAL B 91 15.86 26.23 24.37
CA VAL B 91 15.54 25.02 23.57
C VAL B 91 14.50 25.42 22.53
N ASP B 92 14.80 25.17 21.26
CA ASP B 92 13.81 25.43 20.19
C ASP B 92 13.12 24.15 19.71
N GLY B 93 13.80 22.97 19.80
CA GLY B 93 13.18 21.73 19.33
C GLY B 93 13.88 20.58 20.01
N ILE B 94 13.22 19.43 20.02
CA ILE B 94 13.68 18.23 20.75
C ILE B 94 13.59 17.01 19.85
N VAL B 95 14.65 16.25 19.81
CA VAL B 95 14.71 14.97 19.08
C VAL B 95 14.93 13.87 20.12
N ILE B 96 14.22 12.78 19.98
CA ILE B 96 14.39 11.58 20.83
C ILE B 96 14.80 10.42 19.96
N THR B 97 15.98 9.87 20.21
CA THR B 97 16.43 8.66 19.51
C THR B 97 15.93 7.43 20.26
N HIS B 98 15.39 6.45 19.57
CA HIS B 98 14.57 5.40 20.21
C HIS B 98 14.60 4.13 19.40
N GLY B 99 14.53 3.00 20.11
CA GLY B 99 14.28 1.74 19.43
C GLY B 99 12.96 1.71 18.68
N THR B 100 12.90 0.93 17.63
CA THR B 100 11.70 0.90 16.78
C THR B 100 10.52 0.21 17.45
N ASP B 101 10.77 -0.86 18.18
CA ASP B 101 9.67 -1.70 18.67
C ASP B 101 8.54 -0.91 19.32
N THR B 102 8.86 0.00 20.23
CA THR B 102 7.82 0.77 20.92
C THR B 102 7.90 2.25 20.62
N LEU B 103 8.62 2.64 19.57
CA LEU B 103 8.69 4.03 19.13
C LEU B 103 7.29 4.63 19.01
N GLU B 104 6.39 3.85 18.41
CA GLU B 104 5.04 4.37 18.13
C GLU B 104 4.26 4.64 19.42
N GLU B 105 4.59 3.92 20.49
CA GLU B 105 3.94 4.08 21.79
C GLU B 105 4.45 5.38 22.45
N THR B 106 5.76 5.52 22.51
CA THR B 106 6.34 6.75 23.04
C THR B 106 5.85 7.98 22.25
N ALA B 107 5.87 7.89 20.93
CA ALA B 107 5.49 9.04 20.13
C ALA B 107 4.05 9.49 20.42
N PHE B 108 3.14 8.51 20.54
CA PHE B 108 1.75 8.87 20.83
C PHE B 108 1.66 9.43 22.24
N PHE B 109 2.32 8.79 23.20
CA PHE B 109 2.27 9.27 24.59
C PHE B 109 2.65 10.75 24.63
N LEU B 110 3.81 11.07 24.05
CA LEU B 110 4.29 12.47 24.07
C LEU B 110 3.30 13.40 23.39
N ASN B 111 2.66 12.92 22.33
CA ASN B 111 1.66 13.72 21.60
C ASN B 111 0.48 14.09 22.48
N LEU B 112 0.19 13.25 23.49
CA LEU B 112 -0.96 13.45 24.38
C LEU B 112 -0.62 14.33 25.58
N VAL B 113 0.62 14.34 26.05
CA VAL B 113 0.92 14.89 27.37
C VAL B 113 1.87 16.07 27.38
N GLU B 114 2.46 16.42 26.24
CA GLU B 114 3.40 17.56 26.19
C GLU B 114 2.70 18.83 25.72
N LYS B 115 2.47 19.75 26.61
CA LYS B 115 1.69 20.97 26.30
C LYS B 115 2.65 22.06 25.79
N THR B 116 3.20 21.84 24.65
CA THR B 116 4.15 22.75 23.98
C THR B 116 3.87 22.70 22.47
N ASP B 117 4.12 23.83 21.82
CA ASP B 117 4.14 23.93 20.35
CA ASP B 117 4.11 23.85 20.34
C ASP B 117 5.54 23.68 19.80
N LYS B 118 6.58 23.58 20.65
CA LYS B 118 7.93 23.36 20.14
C LYS B 118 8.00 22.00 19.48
N PRO B 119 8.75 21.86 18.37
CA PRO B 119 8.78 20.56 17.70
C PRO B 119 9.40 19.49 18.60
N ILE B 120 8.76 18.32 18.54
CA ILE B 120 9.23 17.09 19.22
C ILE B 120 9.23 16.00 18.14
N VAL B 121 10.39 15.43 17.90
CA VAL B 121 10.57 14.41 16.86
C VAL B 121 11.11 13.14 17.52
N VAL B 122 10.52 11.99 17.23
CA VAL B 122 11.06 10.71 17.68
C VAL B 122 11.61 10.00 16.45
N VAL B 123 12.76 9.38 16.57
CA VAL B 123 13.43 8.78 15.42
C VAL B 123 14.20 7.53 15.80
N GLY B 124 14.21 6.56 14.91
CA GLY B 124 14.99 5.34 15.08
C GLY B 124 15.60 4.93 13.75
N SER B 125 16.08 3.70 13.71
CA SER B 125 16.63 3.13 12.48
C SER B 125 16.28 1.65 12.44
N MET B 126 16.26 1.09 11.24
CA MET B 126 16.05 -0.33 11.02
C MET B 126 17.34 -1.09 10.85
N ARG B 127 18.45 -0.42 10.62
CA ARG B 127 19.76 -1.05 10.51
C ARG B 127 20.66 -0.36 11.51
N PRO B 128 21.59 -1.11 12.16
CA PRO B 128 22.52 -0.47 13.08
C PRO B 128 23.60 0.27 12.26
N GLY B 129 24.28 1.21 12.92
CA GLY B 129 25.30 2.02 12.24
C GLY B 129 26.52 1.27 11.78
N THR B 130 26.72 0.07 12.29
CA THR B 130 27.80 -0.80 11.85
C THR B 130 27.49 -1.48 10.53
N ALA B 131 26.23 -1.45 10.08
CA ALA B 131 25.87 -2.10 8.83
C ALA B 131 26.18 -1.18 7.64
N MET B 132 26.52 -1.77 6.53
CA MET B 132 26.55 -0.98 5.29
C MET B 132 25.13 -0.48 5.01
N SER B 133 25.06 0.72 4.41
CA SER B 133 23.80 1.34 4.01
C SER B 133 22.90 1.55 5.21
N ALA B 134 23.47 1.83 6.38
CA ALA B 134 22.68 2.10 7.58
C ALA B 134 21.84 3.38 7.40
N ASP B 135 20.63 3.33 7.90
CA ASP B 135 19.60 4.37 7.72
C ASP B 135 19.64 5.44 8.81
N GLY B 136 20.31 5.17 9.92
CA GLY B 136 20.22 6.07 11.06
C GLY B 136 20.83 7.43 10.89
N MET B 137 21.92 7.54 10.11
N MET B 137 21.91 7.53 10.10
CA MET B 137 22.59 8.85 9.99
C MET B 137 21.66 9.86 9.33
C MET B 137 21.65 9.87 9.34
N LEU B 138 21.09 9.52 8.17
CA LEU B 138 20.18 10.45 7.51
C LEU B 138 18.90 10.60 8.33
N ASN B 139 18.41 9.52 8.97
CA ASN B 139 17.22 9.72 9.81
C ASN B 139 17.48 10.74 10.90
N LEU B 140 18.65 10.69 11.55
CA LEU B 140 18.96 11.65 12.64
C LEU B 140 19.12 13.05 12.10
N TYR B 141 19.81 13.19 10.96
CA TYR B 141 19.91 14.50 10.28
C TYR B 141 18.52 15.08 10.02
N ASN B 142 17.66 14.25 9.46
CA ASN B 142 16.29 14.67 9.11
C ASN B 142 15.51 15.03 10.37
N ALA B 143 15.69 14.26 11.46
CA ALA B 143 14.97 14.59 12.71
C ALA B 143 15.38 15.99 13.18
N VAL B 144 16.68 16.26 13.18
CA VAL B 144 17.19 17.58 13.62
C VAL B 144 16.68 18.68 12.66
N ALA B 145 16.68 18.41 11.35
CA ALA B 145 16.15 19.40 10.36
C ALA B 145 14.70 19.71 10.69
N VAL B 146 13.90 18.65 10.88
CA VAL B 146 12.49 18.87 11.15
C VAL B 146 12.30 19.58 12.51
N ALA B 147 13.08 19.19 13.51
CA ALA B 147 12.94 19.81 14.85
C ALA B 147 13.34 21.29 14.84
N SER B 148 14.13 21.70 13.86
CA SER B 148 14.68 23.05 13.66
CA SER B 148 14.59 23.10 13.79
C SER B 148 13.80 23.86 12.73
C SER B 148 13.67 23.94 12.88
N ASP B 149 12.73 23.32 12.16
CA ASP B 149 11.96 24.00 11.11
C ASP B 149 10.72 24.68 11.73
N LYS B 150 10.53 25.95 11.39
CA LYS B 150 9.32 26.67 11.82
C LYS B 150 8.06 25.93 11.38
N GLN B 151 8.09 25.21 10.27
CA GLN B 151 6.88 24.54 9.81
C GLN B 151 6.44 23.44 10.78
N SER B 152 7.36 22.97 11.61
CA SER B 152 7.04 21.88 12.55
C SER B 152 6.30 22.38 13.80
N ARG B 153 6.38 23.66 14.08
CA ARG B 153 5.74 24.19 15.29
C ARG B 153 4.24 23.94 15.24
N GLY B 154 3.67 23.46 16.34
CA GLY B 154 2.23 23.28 16.41
C GLY B 154 1.69 22.06 15.67
N LYS B 155 2.55 21.18 15.18
CA LYS B 155 2.08 20.03 14.36
C LYS B 155 1.92 18.75 15.18
N GLY B 156 2.19 18.80 16.48
CA GLY B 156 2.28 17.62 17.32
C GLY B 156 3.56 16.83 17.11
N VAL B 157 3.66 15.72 17.80
CA VAL B 157 4.89 14.91 17.74
C VAL B 157 5.01 14.28 16.36
N LEU B 158 6.23 14.28 15.83
CA LEU B 158 6.52 13.80 14.47
C LEU B 158 7.54 12.65 14.55
N VAL B 159 7.52 11.81 13.51
CA VAL B 159 8.48 10.72 13.33
C VAL B 159 9.06 10.91 11.92
N THR B 160 10.39 10.87 11.81
CA THR B 160 11.05 11.27 10.55
C THR B 160 11.98 10.21 10.00
N MET B 161 11.48 9.04 9.70
CA MET B 161 12.24 7.94 9.08
C MET B 161 11.81 7.84 7.60
N ASN B 162 12.65 7.24 6.79
CA ASN B 162 12.27 6.96 5.37
C ASN B 162 11.93 8.21 4.61
N ASP B 163 12.62 9.32 4.90
CA ASP B 163 12.41 10.61 4.19
C ASP B 163 11.02 11.17 4.44
N GLU B 164 10.29 10.67 5.44
CA GLU B 164 8.90 11.08 5.67
C GLU B 164 8.77 11.90 6.94
N ILE B 165 7.68 12.65 6.99
CA ILE B 165 7.17 13.28 8.23
C ILE B 165 5.88 12.56 8.54
N GLN B 166 5.89 11.71 9.57
CA GLN B 166 4.74 10.93 10.01
C GLN B 166 4.21 11.49 11.30
N SER B 167 2.89 11.49 11.48
CA SER B 167 2.28 11.86 12.77
C SER B 167 2.62 10.80 13.83
N GLY B 168 3.10 11.25 14.96
CA GLY B 168 3.31 10.37 16.10
C GLY B 168 2.05 9.71 16.61
N ARG B 169 0.89 10.34 16.35
CA ARG B 169 -0.38 9.74 16.77
C ARG B 169 -0.56 8.34 16.21
N ASP B 170 -0.52 8.22 14.87
CA ASP B 170 -1.05 7.01 14.22
C ASP B 170 -0.01 6.34 13.34
N VAL B 171 1.23 6.80 13.30
CA VAL B 171 2.28 5.99 12.67
C VAL B 171 2.50 4.77 13.54
N SER B 172 2.81 3.65 12.90
CA SER B 172 3.00 2.37 13.55
CA SER B 172 3.12 2.43 13.64
C SER B 172 4.17 1.65 12.88
N MET B 173 4.83 0.77 13.65
CA MET B 173 5.79 -0.16 13.06
C MET B 173 4.96 -1.25 12.37
N ALA B 174 4.96 -1.21 11.05
CA ALA B 174 4.09 -2.01 10.20
C ALA B 174 4.83 -2.99 9.31
N VAL B 175 6.06 -2.70 8.94
CA VAL B 175 6.85 -3.60 8.07
C VAL B 175 8.12 -3.94 8.84
N ASN B 176 8.40 -5.22 9.02
CA ASN B 176 9.65 -5.65 9.64
C ASN B 176 10.80 -5.57 8.63
N ILE B 177 12.01 -5.44 9.18
CA ILE B 177 13.30 -5.45 8.49
C ILE B 177 13.59 -4.18 7.68
N LYS B 178 12.65 -3.79 6.80
CA LYS B 178 12.89 -2.73 5.81
C LYS B 178 12.86 -1.35 6.45
N THR B 179 13.53 -0.40 5.78
CA THR B 179 13.64 0.97 6.31
C THR B 179 12.32 1.76 6.26
N GLU B 180 11.35 1.28 5.47
CA GLU B 180 10.01 1.84 5.35
C GLU B 180 9.07 1.33 6.45
N ALA B 181 9.60 0.75 7.53
CA ALA B 181 8.82 0.15 8.60
C ALA B 181 7.65 0.97 9.11
N PHE B 182 7.82 2.29 9.27
CA PHE B 182 6.81 3.10 9.95
C PHE B 182 5.83 3.67 8.93
N LYS B 183 4.55 3.29 9.10
CA LYS B 183 3.49 3.69 8.18
C LYS B 183 2.29 4.15 8.98
N SER B 184 1.44 5.00 8.40
CA SER B 184 0.14 5.39 8.98
C SER B 184 -0.95 5.02 8.00
N ALA B 185 -2.07 4.54 8.52
CA ALA B 185 -3.27 4.32 7.71
C ALA B 185 -3.71 5.61 6.99
N TRP B 186 -3.39 6.76 7.57
CA TRP B 186 -3.87 8.05 7.05
C TRP B 186 -2.77 8.78 6.30
N GLY B 187 -1.70 8.07 5.95
CA GLY B 187 -0.63 8.59 5.10
C GLY B 187 0.43 9.35 5.86
N PRO B 188 1.61 9.53 5.23
CA PRO B 188 2.53 10.53 5.75
C PRO B 188 1.92 11.93 5.67
N MET B 189 2.28 12.80 6.58
CA MET B 189 1.85 14.19 6.48
C MET B 189 2.79 15.02 5.58
N GLY B 190 4.04 14.58 5.42
CA GLY B 190 5.00 15.34 4.67
C GLY B 190 6.20 14.49 4.36
N MET B 191 7.20 15.14 3.79
CA MET B 191 8.50 14.55 3.53
C MET B 191 9.60 15.53 3.93
N VAL B 192 10.77 14.99 4.21
CA VAL B 192 11.98 15.79 4.49
C VAL B 192 13.06 15.32 3.57
N VAL B 193 13.59 16.24 2.77
CA VAL B 193 14.57 15.94 1.71
C VAL B 193 15.59 17.07 1.68
N GLU B 194 16.86 16.71 1.74
CA GLU B 194 17.96 17.65 1.69
C GLU B 194 17.68 18.81 2.64
N GLY B 195 17.32 18.47 3.87
CA GLY B 195 17.13 19.44 4.95
C GLY B 195 15.79 20.20 4.95
N LYS B 196 15.02 20.07 3.88
CA LYS B 196 13.80 20.84 3.73
C LYS B 196 12.58 19.99 3.97
N SER B 197 11.58 20.58 4.59
CA SER B 197 10.30 19.94 4.89
C SER B 197 9.23 20.35 3.89
N TYR B 198 8.47 19.37 3.44
CA TYR B 198 7.39 19.53 2.46
C TYR B 198 6.16 18.91 3.05
N TRP B 199 5.14 19.74 3.31
CA TRP B 199 3.89 19.29 3.97
C TRP B 199 2.78 19.14 2.96
N PHE B 200 1.96 18.10 3.18
CA PHE B 200 0.82 17.76 2.30
C PHE B 200 -0.46 17.57 3.05
N ARG B 201 -0.43 17.35 4.38
CA ARG B 201 -1.61 17.19 5.23
C ARG B 201 -1.29 17.76 6.59
N LEU B 202 -2.34 18.11 7.32
CA LEU B 202 -2.22 18.57 8.70
C LEU B 202 -2.96 17.59 9.60
N PRO B 203 -2.56 17.53 10.90
CA PRO B 203 -3.33 16.73 11.85
C PRO B 203 -4.77 17.19 11.98
N ALA B 204 -5.67 16.26 12.31
CA ALA B 204 -7.06 16.57 12.66
CA ALA B 204 -7.08 16.56 12.62
C ALA B 204 -7.28 16.42 14.17
C ALA B 204 -7.50 16.02 14.00
N LYS B 205 -6.60 15.48 14.79
CA LYS B 205 -6.89 15.00 16.16
C LYS B 205 -6.15 15.84 17.18
N ARG B 206 -6.71 15.90 18.36
CA ARG B 206 -6.14 16.77 19.43
C ARG B 206 -4.74 16.33 19.80
N HIS B 207 -3.89 17.30 20.07
CA HIS B 207 -2.50 17.02 20.44
C HIS B 207 -1.91 18.17 21.18
N THR B 208 -0.84 17.86 21.91
CA THR B 208 0.07 18.79 22.56
C THR B 208 -0.66 19.99 23.16
N VAL B 209 -0.47 21.18 22.63
CA VAL B 209 -1.04 22.38 23.32
C VAL B 209 -2.57 22.34 23.44
N ASN B 210 -3.26 21.59 22.58
CA ASN B 210 -4.73 21.54 22.62
CA ASN B 210 -4.73 21.57 22.67
C ASN B 210 -5.21 20.28 23.35
N SER B 211 -4.31 19.57 23.99
CA SER B 211 -4.65 18.39 24.79
C SER B 211 -5.15 18.80 26.16
N GLU B 212 -6.07 18.03 26.70
CA GLU B 212 -6.54 18.20 28.10
C GLU B 212 -5.61 17.55 29.11
N PHE B 213 -4.60 16.81 28.62
CA PHE B 213 -3.68 16.07 29.49
C PHE B 213 -2.34 16.81 29.57
N ASP B 214 -1.64 16.64 30.70
CA ASP B 214 -0.37 17.33 30.94
C ASP B 214 0.51 16.44 31.79
N ILE B 215 1.66 16.09 31.22
CA ILE B 215 2.67 15.27 31.92
C ILE B 215 3.04 15.84 33.28
N LYS B 216 2.98 17.14 33.45
CA LYS B 216 3.39 17.77 34.70
C LYS B 216 2.51 17.31 35.86
N GLN B 217 1.34 16.79 35.59
CA GLN B 217 0.39 16.39 36.65
C GLN B 217 0.43 14.88 36.87
N ILE B 218 1.06 14.08 36.00
CA ILE B 218 1.00 12.60 36.08
C ILE B 218 2.20 12.11 36.89
N SER B 219 1.90 11.47 38.01
CA SER B 219 2.92 10.92 38.93
C SER B 219 3.19 9.43 38.69
N SER B 220 2.20 8.66 38.32
CA SER B 220 2.35 7.23 37.97
C SER B 220 1.17 6.89 37.06
N LEU B 221 1.41 6.08 36.07
CA LEU B 221 0.37 5.73 35.10
C LEU B 221 -0.44 4.55 35.59
N PRO B 222 -1.75 4.50 35.29
CA PRO B 222 -2.53 3.32 35.61
C PRO B 222 -2.05 2.11 34.81
N GLN B 223 -2.20 0.93 35.41
CA GLN B 223 -1.87 -0.32 34.74
C GLN B 223 -2.94 -0.67 33.71
N VAL B 224 -2.46 -0.90 32.47
CA VAL B 224 -3.34 -1.31 31.36
C VAL B 224 -2.67 -2.45 30.62
N ASP B 225 -3.42 -3.49 30.28
CA ASP B 225 -2.88 -4.66 29.58
C ASP B 225 -3.70 -4.95 28.33
N ILE B 226 -3.16 -5.85 27.51
CA ILE B 226 -3.71 -6.17 26.19
C ILE B 226 -3.86 -7.67 26.04
N ALA B 227 -4.99 -8.12 25.54
CA ALA B 227 -5.27 -9.52 25.28
C ALA B 227 -5.70 -9.70 23.83
N TYR B 228 -5.31 -10.81 23.21
CA TYR B 228 -5.52 -11.04 21.77
C TYR B 228 -6.72 -11.93 21.50
N GLY B 229 -7.40 -11.61 20.38
CA GLY B 229 -8.51 -12.42 19.87
C GLY B 229 -8.15 -13.23 18.65
N TYR B 230 -8.63 -14.47 18.59
CA TYR B 230 -8.26 -15.45 17.59
C TYR B 230 -9.22 -16.64 17.74
N GLY B 231 -9.20 -17.55 16.78
CA GLY B 231 -10.07 -18.74 16.90
C GLY B 231 -9.80 -19.53 18.16
N ASN B 232 -10.88 -19.98 18.80
CA ASN B 232 -10.81 -20.81 20.03
CA ASN B 232 -10.87 -20.79 20.05
C ASN B 232 -10.28 -20.05 21.22
C ASN B 232 -10.16 -20.06 21.17
N VAL B 233 -10.20 -18.73 21.17
CA VAL B 233 -9.70 -17.98 22.34
C VAL B 233 -10.67 -18.20 23.51
N THR B 234 -10.13 -18.14 24.72
CA THR B 234 -10.88 -18.22 25.96
C THR B 234 -10.76 -16.91 26.73
N ASP B 235 -11.44 -16.83 27.86
CA ASP B 235 -11.33 -15.64 28.72
C ASP B 235 -10.11 -15.65 29.62
N THR B 236 -9.24 -16.65 29.51
CA THR B 236 -8.14 -16.78 30.48
C THR B 236 -7.25 -15.56 30.55
N ALA B 237 -6.76 -15.04 29.42
CA ALA B 237 -5.78 -13.96 29.53
C ALA B 237 -6.44 -12.73 30.14
N TYR B 238 -7.68 -12.45 29.77
CA TYR B 238 -8.39 -11.26 30.26
C TYR B 238 -8.50 -11.30 31.79
N LYS B 239 -8.97 -12.45 32.28
CA LYS B 239 -9.16 -12.61 33.73
C LYS B 239 -7.81 -12.50 34.45
N ALA B 240 -6.80 -13.17 33.94
CA ALA B 240 -5.49 -13.18 34.61
C ALA B 240 -4.90 -11.77 34.65
N LEU B 241 -5.01 -11.03 33.53
CA LEU B 241 -4.43 -9.69 33.49
C LEU B 241 -5.12 -8.78 34.51
N ALA B 242 -6.45 -8.88 34.58
CA ALA B 242 -7.22 -8.11 35.59
C ALA B 242 -6.84 -8.51 37.01
N GLN B 243 -6.70 -9.81 37.25
CA GLN B 243 -6.35 -10.33 38.59
CA GLN B 243 -6.34 -10.32 38.60
C GLN B 243 -4.98 -9.77 39.01
N ASN B 244 -4.10 -9.50 38.06
CA ASN B 244 -2.72 -9.03 38.29
CA ASN B 244 -2.74 -8.99 38.42
C ASN B 244 -2.64 -7.49 38.12
N GLY B 245 -3.78 -6.77 38.14
CA GLY B 245 -3.74 -5.32 38.33
C GLY B 245 -4.30 -4.48 37.19
N ALA B 246 -4.70 -5.07 36.06
CA ALA B 246 -5.12 -4.25 34.91
C ALA B 246 -6.36 -3.43 35.28
N LYS B 247 -6.27 -2.11 35.12
N LYS B 247 -6.27 -2.11 35.12
CA LYS B 247 -7.41 -1.19 35.34
C LYS B 247 -8.23 -0.99 34.08
N ALA B 248 -7.65 -1.30 32.94
CA ALA B 248 -8.34 -1.39 31.66
C ALA B 248 -7.73 -2.56 30.91
N LEU B 249 -8.54 -3.20 30.09
CA LEU B 249 -8.06 -4.22 29.14
C LEU B 249 -8.33 -3.71 27.72
N ILE B 250 -7.26 -3.72 26.93
CA ILE B 250 -7.40 -3.54 25.48
C ILE B 250 -7.62 -4.90 24.88
N HIS B 251 -8.76 -5.03 24.23
CA HIS B 251 -9.13 -6.23 23.50
C HIS B 251 -8.63 -6.08 22.05
N ALA B 252 -7.63 -6.86 21.67
CA ALA B 252 -7.09 -6.86 20.30
C ALA B 252 -7.86 -7.88 19.48
N GLY B 253 -9.10 -7.50 19.13
CA GLY B 253 -10.03 -8.42 18.51
C GLY B 253 -9.72 -8.74 17.05
N THR B 254 -10.32 -9.83 16.62
CA THR B 254 -10.49 -10.04 15.17
C THR B 254 -11.43 -8.97 14.59
N GLY B 255 -11.32 -8.76 13.27
CA GLY B 255 -12.30 -7.92 12.58
C GLY B 255 -12.51 -6.60 13.27
N ASN B 256 -13.79 -6.22 13.30
CA ASN B 256 -14.20 -4.92 13.82
C ASN B 256 -14.32 -4.97 15.36
N GLY B 257 -13.19 -5.32 15.97
CA GLY B 257 -13.14 -5.45 17.43
C GLY B 257 -14.03 -6.52 18.01
N SER B 258 -14.31 -7.58 17.23
CA SER B 258 -15.30 -8.57 17.61
C SER B 258 -14.85 -9.36 18.82
N VAL B 259 -15.78 -9.84 19.61
CA VAL B 259 -15.50 -10.61 20.84
C VAL B 259 -16.16 -11.98 20.75
N SER B 260 -15.40 -13.03 20.95
CA SER B 260 -15.97 -14.37 20.96
C SER B 260 -17.09 -14.47 21.99
N SER B 261 -18.09 -15.26 21.67
CA SER B 261 -19.17 -15.51 22.65
C SER B 261 -18.63 -16.19 23.92
N ARG B 262 -17.48 -16.86 23.85
CA ARG B 262 -16.88 -17.49 25.04
C ARG B 262 -16.17 -16.46 25.92
N VAL B 263 -15.96 -15.25 25.44
CA VAL B 263 -15.24 -14.19 26.14
C VAL B 263 -16.20 -13.10 26.67
N VAL B 264 -17.27 -12.83 25.95
CA VAL B 264 -18.20 -11.77 26.37
C VAL B 264 -18.56 -11.83 27.85
N PRO B 265 -18.98 -12.98 28.41
CA PRO B 265 -19.44 -12.96 29.80
C PRO B 265 -18.37 -12.46 30.76
N ALA B 266 -17.13 -12.95 30.56
CA ALA B 266 -16.02 -12.49 31.43
C ALA B 266 -15.85 -10.98 31.33
N LEU B 267 -15.94 -10.43 30.10
CA LEU B 267 -15.74 -8.98 29.96
C LEU B 267 -16.89 -8.19 30.60
N GLN B 268 -18.10 -8.74 30.58
CA GLN B 268 -19.20 -8.08 31.29
C GLN B 268 -18.92 -8.05 32.81
N GLU B 269 -18.47 -9.18 33.35
CA GLU B 269 -18.15 -9.26 34.78
C GLU B 269 -17.01 -8.32 35.12
N LEU B 270 -15.97 -8.27 34.28
CA LEU B 270 -14.84 -7.37 34.57
C LEU B 270 -15.30 -5.92 34.56
N ARG B 271 -16.13 -5.52 33.60
CA ARG B 271 -16.64 -4.14 33.59
C ARG B 271 -17.45 -3.85 34.85
N LYS B 272 -18.32 -4.78 35.24
CA LYS B 272 -19.13 -4.60 36.46
C LYS B 272 -18.21 -4.37 37.66
N ASN B 273 -17.05 -5.00 37.67
CA ASN B 273 -16.07 -4.92 38.78
C ASN B 273 -15.12 -3.73 38.59
N GLY B 274 -15.36 -2.87 37.59
CA GLY B 274 -14.63 -1.60 37.47
C GLY B 274 -13.53 -1.58 36.44
N VAL B 275 -13.30 -2.65 35.71
CA VAL B 275 -12.23 -2.70 34.70
C VAL B 275 -12.79 -2.16 33.38
N GLN B 276 -12.14 -1.14 32.81
CA GLN B 276 -12.59 -0.62 31.49
C GLN B 276 -12.28 -1.65 30.43
N ILE B 277 -13.19 -1.75 29.44
CA ILE B 277 -13.07 -2.72 28.33
C ILE B 277 -13.04 -1.93 27.04
N ILE B 278 -11.91 -1.94 26.36
CA ILE B 278 -11.66 -1.13 25.15
C ILE B 278 -11.45 -2.04 23.97
N ARG B 279 -12.32 -1.95 22.97
CA ARG B 279 -12.26 -2.83 21.80
C ARG B 279 -11.41 -2.19 20.69
N SER B 280 -10.22 -2.77 20.50
CA SER B 280 -9.33 -2.48 19.37
C SER B 280 -9.37 -3.71 18.48
N SER B 281 -8.36 -3.86 17.60
CA SER B 281 -8.32 -4.98 16.67
C SER B 281 -6.89 -5.24 16.24
N HIS B 282 -6.71 -6.40 15.62
CA HIS B 282 -5.50 -6.72 14.88
C HIS B 282 -5.71 -6.61 13.34
N VAL B 283 -6.48 -5.61 12.94
CA VAL B 283 -6.77 -5.31 11.53
C VAL B 283 -6.29 -3.86 11.32
N ASN B 284 -5.01 -3.71 11.04
CA ASN B 284 -4.34 -2.43 11.34
C ASN B 284 -4.00 -1.56 10.13
N GLN B 285 -4.22 -2.01 8.90
CA GLN B 285 -3.84 -1.20 7.72
CA GLN B 285 -3.82 -1.23 7.73
C GLN B 285 -4.84 -0.13 7.42
N GLY B 286 -6.04 -0.20 7.86
CA GLY B 286 -7.02 0.87 7.61
C GLY B 286 -8.33 0.53 8.27
N GLY B 287 -9.27 1.48 8.15
CA GLY B 287 -10.59 1.38 8.80
C GLY B 287 -10.53 1.73 10.25
N PHE B 288 -11.58 1.38 10.97
CA PHE B 288 -11.70 1.68 12.39
C PHE B 288 -12.77 0.75 12.99
N VAL B 289 -12.76 0.67 14.31
CA VAL B 289 -13.72 -0.12 15.11
C VAL B 289 -14.90 0.79 15.44
N LEU B 290 -16.09 0.40 14.99
CA LEU B 290 -17.33 1.17 15.05
C LEU B 290 -18.12 0.80 16.34
N ARG B 291 -18.50 1.80 17.09
CA ARG B 291 -19.27 1.59 18.32
C ARG B 291 -20.60 0.96 17.99
N ASN B 292 -21.01 0.00 18.81
CA ASN B 292 -22.30 -0.68 18.74
C ASN B 292 -22.47 -1.58 17.53
N ALA B 293 -21.43 -1.80 16.75
CA ALA B 293 -21.56 -2.69 15.59
C ALA B 293 -21.35 -4.13 16.00
N GLU B 294 -20.14 -4.51 16.36
CA GLU B 294 -19.93 -5.92 16.73
C GLU B 294 -20.45 -6.28 18.11
N GLN B 295 -20.50 -5.33 19.03
CA GLN B 295 -20.93 -5.58 20.40
C GLN B 295 -21.80 -4.43 20.83
N PRO B 296 -22.66 -4.66 21.85
CA PRO B 296 -23.56 -3.64 22.36
C PRO B 296 -22.81 -2.82 23.43
N ASP B 297 -21.97 -1.92 22.94
CA ASP B 297 -21.08 -1.15 23.82
C ASP B 297 -21.89 -0.29 24.77
N ASP B 298 -23.01 0.31 24.34
CA ASP B 298 -23.83 1.11 25.25
C ASP B 298 -24.35 0.25 26.41
N LYS B 299 -24.93 -0.89 26.10
CA LYS B 299 -25.51 -1.80 27.13
C LYS B 299 -24.42 -2.24 28.07
N ASN B 300 -23.25 -2.56 27.54
CA ASN B 300 -22.19 -3.17 28.35
C ASN B 300 -21.31 -2.11 29.02
N ASP B 301 -21.42 -0.85 28.62
CA ASP B 301 -20.55 0.25 29.08
C ASP B 301 -19.10 -0.02 28.71
N TRP B 302 -18.89 -0.43 27.46
CA TRP B 302 -17.58 -0.63 26.87
C TRP B 302 -17.20 0.58 25.99
N VAL B 303 -15.98 0.57 25.50
CA VAL B 303 -15.43 1.66 24.69
C VAL B 303 -14.85 1.04 23.44
N VAL B 304 -14.95 1.73 22.29
CA VAL B 304 -14.20 1.31 21.10
C VAL B 304 -12.98 2.21 20.92
N ALA B 305 -11.91 1.62 20.39
CA ALA B 305 -10.64 2.31 20.21
C ALA B 305 -10.55 3.07 18.87
N HIS B 306 -11.64 3.16 18.13
CA HIS B 306 -11.67 3.93 16.86
C HIS B 306 -10.64 3.31 15.93
N ASP B 307 -9.74 4.09 15.34
CA ASP B 307 -8.74 3.55 14.42
C ASP B 307 -7.49 3.06 15.15
N LEU B 308 -7.39 3.23 16.47
CA LEU B 308 -6.11 3.02 17.15
C LEU B 308 -5.84 1.55 17.37
N ASN B 309 -4.62 1.13 17.03
CA ASN B 309 -4.16 -0.24 17.23
C ASN B 309 -4.04 -0.53 18.71
N PRO B 310 -3.82 -1.80 19.09
CA PRO B 310 -3.97 -2.15 20.52
C PRO B 310 -2.98 -1.39 21.41
N GLN B 311 -1.72 -1.36 20.98
CA GLN B 311 -0.67 -0.70 21.79
C GLN B 311 -0.89 0.81 21.83
N LYS B 312 -1.39 1.42 20.77
CA LYS B 312 -1.77 2.84 20.82
C LYS B 312 -2.95 3.05 21.80
N ALA B 313 -3.94 2.15 21.69
CA ALA B 313 -5.12 2.27 22.55
C ALA B 313 -4.72 2.16 24.03
N ARG B 314 -3.74 1.29 24.34
CA ARG B 314 -3.25 1.17 25.70
C ARG B 314 -2.70 2.52 26.21
N ILE B 315 -1.88 3.17 25.37
CA ILE B 315 -1.32 4.47 25.74
C ILE B 315 -2.42 5.47 26.02
N LEU B 316 -3.39 5.60 25.12
CA LEU B 316 -4.46 6.59 25.33
C LEU B 316 -5.26 6.24 26.55
N ALA B 317 -5.56 4.96 26.74
CA ALA B 317 -6.39 4.53 27.91
C ALA B 317 -5.67 4.92 29.22
N MET B 318 -4.36 4.68 29.29
CA MET B 318 -3.62 5.02 30.50
C MET B 318 -3.68 6.50 30.78
N VAL B 319 -3.43 7.31 29.74
CA VAL B 319 -3.47 8.77 29.93
C VAL B 319 -4.88 9.21 30.31
N ALA B 320 -5.90 8.72 29.60
CA ALA B 320 -7.25 9.14 29.86
C ALA B 320 -7.67 8.81 31.28
N MET B 321 -7.27 7.66 31.79
CA MET B 321 -7.67 7.21 33.12
C MET B 321 -6.94 7.96 34.23
N THR B 322 -5.95 8.79 33.94
CA THR B 322 -5.45 9.76 34.91
C THR B 322 -6.44 10.87 35.18
N LYS B 323 -7.44 11.01 34.33
CA LYS B 323 -8.47 12.06 34.47
C LYS B 323 -9.84 11.47 34.80
N THR B 324 -10.27 10.34 34.25
CA THR B 324 -11.66 9.90 34.34
C THR B 324 -11.78 8.39 34.43
N GLN B 325 -12.84 7.97 35.10
CA GLN B 325 -13.33 6.56 35.10
C GLN B 325 -14.69 6.45 34.40
N ASP B 326 -15.16 7.52 33.79
CA ASP B 326 -16.47 7.55 33.13
C ASP B 326 -16.29 7.01 31.73
N SER B 327 -16.90 5.88 31.40
CA SER B 327 -16.68 5.27 30.08
C SER B 327 -17.18 6.17 28.94
N LYS B 328 -18.18 7.02 29.17
CA LYS B 328 -18.63 7.97 28.10
C LYS B 328 -17.51 8.98 27.85
N GLU B 329 -16.83 9.45 28.88
CA GLU B 329 -15.71 10.39 28.69
C GLU B 329 -14.57 9.62 28.00
N LEU B 330 -14.29 8.38 28.41
CA LEU B 330 -13.23 7.66 27.72
C LEU B 330 -13.58 7.52 26.22
N GLN B 331 -14.82 7.24 25.91
CA GLN B 331 -15.18 7.14 24.48
C GLN B 331 -14.98 8.47 23.77
N ARG B 332 -15.37 9.59 24.39
CA ARG B 332 -15.12 10.92 23.80
C ARG B 332 -13.64 11.08 23.50
N ILE B 333 -12.81 10.71 24.46
CA ILE B 333 -11.34 10.84 24.30
C ILE B 333 -10.87 9.98 23.15
N PHE B 334 -11.35 8.73 23.03
CA PHE B 334 -11.00 7.86 21.88
C PHE B 334 -11.52 8.38 20.54
N TRP B 335 -12.48 9.30 20.55
CA TRP B 335 -12.99 9.95 19.33
C TRP B 335 -12.35 11.28 19.04
N GLU B 336 -11.57 11.85 19.96
CA GLU B 336 -10.97 13.17 19.76
C GLU B 336 -9.45 13.13 19.60
N TYR B 337 -8.78 12.13 20.12
CA TYR B 337 -7.32 12.04 20.16
C TYR B 337 -6.79 10.96 19.21
N LYS C 8 -33.34 20.48 10.38
CA LYS C 8 -33.92 20.19 9.04
C LYS C 8 -32.85 19.54 8.18
N LEU C 9 -33.24 19.05 7.01
CA LEU C 9 -32.29 18.38 6.09
C LEU C 9 -31.59 19.42 5.21
N ALA C 10 -30.35 19.12 4.87
CA ALA C 10 -29.56 19.92 3.93
C ALA C 10 -30.18 19.80 2.55
N ASN C 11 -30.06 20.88 1.79
CA ASN C 11 -30.45 20.91 0.34
C ASN C 11 -29.22 20.62 -0.52
N VAL C 12 -29.23 19.46 -1.16
CA VAL C 12 -28.10 18.99 -1.98
C VAL C 12 -28.58 18.92 -3.42
N VAL C 13 -27.76 19.45 -4.31
CA VAL C 13 -28.00 19.31 -5.77
C VAL C 13 -26.98 18.31 -6.32
N ILE C 14 -27.49 17.36 -7.10
CA ILE C 14 -26.66 16.38 -7.83
C ILE C 14 -26.57 16.81 -9.27
N LEU C 15 -25.36 17.08 -9.73
CA LEU C 15 -25.04 17.45 -11.11
C LEU C 15 -24.50 16.21 -11.77
N ALA C 16 -25.27 15.62 -12.68
CA ALA C 16 -24.84 14.42 -13.40
C ALA C 16 -24.05 14.78 -14.66
N THR C 17 -22.98 14.02 -14.91
CA THR C 17 -22.14 14.19 -16.12
C THR C 17 -21.99 12.91 -16.94
N GLY C 18 -22.49 11.77 -16.45
CA GLY C 18 -22.30 10.52 -17.18
C GLY C 18 -21.54 9.50 -16.37
N GLY C 19 -20.70 8.72 -17.04
CA GLY C 19 -19.84 7.79 -16.34
C GLY C 19 -20.43 6.40 -16.13
N THR C 20 -19.60 5.55 -15.51
CA THR C 20 -19.93 4.17 -15.08
C THR C 20 -21.09 4.18 -14.07
N ILE C 21 -21.12 5.17 -13.21
CA ILE C 21 -22.17 5.21 -12.17
C ILE C 21 -23.55 5.31 -12.86
N ALA C 22 -23.60 5.90 -14.06
CA ALA C 22 -24.80 6.00 -14.86
C ALA C 22 -24.76 5.00 -16.03
N GLY C 23 -23.97 3.93 -15.90
CA GLY C 23 -23.75 2.98 -16.98
C GLY C 23 -24.65 1.76 -16.92
N ALA C 24 -24.58 0.94 -17.95
CA ALA C 24 -25.38 -0.27 -18.03
C ALA C 24 -24.60 -1.31 -18.82
N GLY C 25 -24.61 -2.52 -18.32
CA GLY C 25 -24.06 -3.68 -19.04
C GLY C 25 -25.14 -4.69 -19.37
N ALA C 26 -24.76 -5.73 -20.08
CA ALA C 26 -25.72 -6.64 -20.71
C ALA C 26 -26.36 -7.58 -19.71
N SER C 27 -25.65 -7.94 -18.65
CA SER C 27 -26.09 -8.92 -17.62
C SER C 27 -25.55 -8.50 -16.27
N ALA C 28 -26.07 -9.10 -15.23
CA ALA C 28 -25.60 -8.83 -13.86
C ALA C 28 -24.12 -9.18 -13.70
N ALA C 29 -23.57 -10.13 -14.47
CA ALA C 29 -22.14 -10.50 -14.33
C ALA C 29 -21.21 -9.51 -15.02
N ASN C 30 -21.75 -8.59 -15.79
CA ASN C 30 -20.94 -7.57 -16.47
C ASN C 30 -20.59 -6.41 -15.54
N SER C 31 -19.60 -6.66 -14.72
CA SER C 31 -19.08 -5.61 -13.81
C SER C 31 -18.02 -4.73 -14.47
N ALA C 32 -17.46 -5.19 -15.59
CA ALA C 32 -16.31 -4.52 -16.23
C ALA C 32 -16.54 -4.13 -17.69
N THR C 33 -17.44 -4.81 -18.40
CA THR C 33 -17.75 -4.57 -19.80
C THR C 33 -19.15 -3.96 -19.82
N TYR C 34 -19.25 -2.68 -20.14
CA TYR C 34 -20.56 -1.98 -20.03
C TYR C 34 -20.47 -0.71 -20.88
N GLN C 35 -21.60 -0.02 -20.98
CA GLN C 35 -21.67 1.29 -21.67
C GLN C 35 -21.86 2.38 -20.61
N ALA C 36 -20.99 3.39 -20.61
CA ALA C 36 -21.14 4.57 -19.73
C ALA C 36 -22.32 5.42 -20.11
N ALA C 37 -22.80 6.23 -19.17
CA ALA C 37 -23.56 7.45 -19.54
C ALA C 37 -24.88 7.08 -20.22
N LYS C 38 -25.61 6.09 -19.68
CA LYS C 38 -26.90 5.67 -20.21
C LYS C 38 -28.08 6.12 -19.36
N LEU C 39 -27.93 6.28 -18.06
CA LEU C 39 -29.03 6.58 -17.15
C LEU C 39 -29.02 8.10 -16.89
N GLY C 40 -30.19 8.67 -16.89
CA GLY C 40 -30.38 10.07 -16.49
C GLY C 40 -30.34 10.29 -14.99
N VAL C 41 -30.12 11.52 -14.58
CA VAL C 41 -29.97 11.86 -13.16
C VAL C 41 -31.21 11.44 -12.35
N ASP C 42 -32.41 11.64 -12.87
CA ASP C 42 -33.60 11.29 -12.04
C ASP C 42 -33.64 9.77 -11.77
N LYS C 43 -33.25 8.95 -12.73
CA LYS C 43 -33.23 7.47 -12.54
C LYS C 43 -32.09 7.11 -11.56
N LEU C 44 -30.97 7.83 -11.63
CA LEU C 44 -29.88 7.59 -10.65
C LEU C 44 -30.41 7.84 -9.24
N ILE C 45 -31.06 8.97 -9.03
CA ILE C 45 -31.59 9.34 -7.71
C ILE C 45 -32.61 8.30 -7.29
N ALA C 46 -33.48 7.89 -8.21
CA ALA C 46 -34.53 6.94 -7.82
C ALA C 46 -33.94 5.59 -7.42
N GLY C 47 -32.76 5.23 -7.91
CA GLY C 47 -32.10 3.97 -7.52
C GLY C 47 -31.58 3.96 -6.11
N VAL C 48 -31.59 5.11 -5.43
CA VAL C 48 -31.17 5.22 -4.01
C VAL C 48 -32.27 5.94 -3.25
N PRO C 49 -33.40 5.24 -2.98
CA PRO C 49 -34.50 5.91 -2.30
C PRO C 49 -34.08 6.39 -0.90
N GLU C 50 -33.05 5.76 -0.31
CA GLU C 50 -32.57 6.17 1.01
C GLU C 50 -32.04 7.59 0.97
N LEU C 51 -31.74 8.22 -0.15
CA LEU C 51 -31.23 9.61 -0.10
C LEU C 51 -32.20 10.52 0.64
N ALA C 52 -33.51 10.30 0.50
CA ALA C 52 -34.48 11.23 1.12
C ALA C 52 -34.33 11.24 2.65
N ASP C 53 -33.73 10.21 3.22
CA ASP C 53 -33.53 10.09 4.69
C ASP C 53 -32.47 11.11 5.13
N ILE C 54 -31.55 11.46 4.23
CA ILE C 54 -30.33 12.19 4.67
C ILE C 54 -30.24 13.60 4.07
N ALA C 55 -31.02 13.92 3.05
CA ALA C 55 -30.93 15.28 2.46
C ALA C 55 -32.17 15.50 1.60
N ASN C 56 -32.45 16.76 1.26
CA ASN C 56 -33.42 17.11 0.22
C ASN C 56 -32.66 17.24 -1.09
N VAL C 57 -32.83 16.27 -1.98
CA VAL C 57 -31.99 16.13 -3.19
CA VAL C 57 -31.96 16.24 -3.17
C VAL C 57 -32.76 16.59 -4.42
N ARG C 58 -32.09 17.28 -5.32
CA ARG C 58 -32.62 17.43 -6.68
C ARG C 58 -31.47 17.25 -7.66
N GLY C 59 -31.82 16.82 -8.84
CA GLY C 59 -30.79 16.52 -9.86
C GLY C 59 -30.91 17.38 -11.11
N GLU C 60 -29.75 17.61 -11.73
CA GLU C 60 -29.63 18.30 -13.04
C GLU C 60 -28.71 17.45 -13.89
N GLN C 61 -29.02 17.37 -15.17
CA GLN C 61 -28.20 16.69 -16.18
C GLN C 61 -27.31 17.73 -16.84
N VAL C 62 -26.08 17.88 -16.43
CA VAL C 62 -25.16 18.91 -17.01
C VAL C 62 -24.67 18.41 -18.34
N MET C 63 -24.32 17.14 -18.43
CA MET C 63 -23.86 16.48 -19.67
C MET C 63 -24.06 15.00 -19.48
N GLN C 64 -23.76 14.22 -20.51
CA GLN C 64 -23.98 12.79 -20.48
C GLN C 64 -22.86 12.11 -21.26
N ILE C 65 -21.68 12.02 -20.64
CA ILE C 65 -20.48 11.62 -21.38
C ILE C 65 -19.74 10.49 -20.67
N ALA C 66 -18.95 9.80 -21.46
CA ALA C 66 -17.85 8.98 -20.96
C ALA C 66 -16.70 9.92 -20.66
N SER C 67 -16.16 9.91 -19.43
CA SER C 67 -15.29 11.00 -18.97
C SER C 67 -13.93 11.00 -19.67
N GLU C 68 -13.50 9.92 -20.31
CA GLU C 68 -12.27 9.95 -21.11
C GLU C 68 -12.41 10.94 -22.27
N SER C 69 -13.63 11.33 -22.64
CA SER C 69 -13.91 12.22 -23.77
C SER C 69 -14.21 13.65 -23.33
N ILE C 70 -14.02 13.97 -22.06
CA ILE C 70 -14.32 15.30 -21.57
C ILE C 70 -13.43 16.34 -22.29
N SER C 71 -13.95 17.56 -22.41
CA SER C 71 -13.23 18.72 -22.97
C SER C 71 -13.05 19.80 -21.93
N ASN C 72 -12.17 20.76 -22.25
CA ASN C 72 -12.04 21.96 -21.44
C ASN C 72 -13.37 22.71 -21.39
N ASP C 73 -14.10 22.80 -22.50
CA ASP C 73 -15.38 23.48 -22.42
C ASP C 73 -16.37 22.80 -21.50
N ASP C 74 -16.34 21.48 -21.45
CA ASP C 74 -17.13 20.73 -20.44
C ASP C 74 -16.73 21.13 -19.02
N LEU C 75 -15.42 21.21 -18.74
CA LEU C 75 -14.98 21.64 -17.37
C LEU C 75 -15.54 23.02 -17.06
N LEU C 76 -15.47 23.95 -18.00
CA LEU C 76 -15.98 25.31 -17.72
C LEU C 76 -17.48 25.29 -17.50
N LYS C 77 -18.22 24.53 -18.33
CA LYS C 77 -19.67 24.52 -18.16
C LYS C 77 -20.01 23.99 -16.79
N LEU C 78 -19.38 22.86 -16.43
CA LEU C 78 -19.64 22.27 -15.09
C LEU C 78 -19.22 23.25 -13.98
N GLY C 79 -18.02 23.79 -14.10
CA GLY C 79 -17.51 24.68 -13.06
C GLY C 79 -18.36 25.91 -12.91
N LYS C 80 -18.86 26.48 -14.00
CA LYS C 80 -19.71 27.66 -13.86
C LYS C 80 -21.07 27.30 -13.27
N ARG C 81 -21.62 26.13 -13.57
CA ARG C 81 -22.91 25.76 -12.94
C ARG C 81 -22.71 25.52 -11.45
N VAL C 82 -21.62 24.84 -11.06
CA VAL C 82 -21.28 24.69 -9.62
C VAL C 82 -21.23 26.05 -8.93
N ALA C 83 -20.62 27.04 -9.58
CA ALA C 83 -20.47 28.35 -8.95
C ALA C 83 -21.84 29.00 -8.77
N GLU C 84 -22.70 28.93 -9.79
CA GLU C 84 -24.05 29.50 -9.69
C GLU C 84 -24.83 28.87 -8.54
N LEU C 85 -24.76 27.56 -8.42
CA LEU C 85 -25.47 26.87 -7.34
C LEU C 85 -24.90 27.25 -5.99
N ALA C 86 -23.56 27.31 -5.88
CA ALA C 86 -22.94 27.65 -4.59
C ALA C 86 -23.35 29.07 -4.12
N GLU C 87 -23.66 29.95 -5.05
CA GLU C 87 -24.09 31.33 -4.73
C GLU C 87 -25.52 31.37 -4.22
N SER C 88 -26.30 30.32 -4.44
CA SER C 88 -27.73 30.25 -4.08
C SER C 88 -27.90 29.94 -2.60
N LYS C 89 -28.75 30.70 -1.92
CA LYS C 89 -29.19 30.39 -0.56
C LYS C 89 -30.02 29.07 -0.53
N ASP C 90 -30.54 28.59 -1.69
CA ASP C 90 -31.38 27.39 -1.57
C ASP C 90 -30.42 26.18 -1.62
N VAL C 91 -29.08 26.31 -1.69
CA VAL C 91 -28.13 25.14 -1.91
C VAL C 91 -27.14 25.04 -0.75
N ASP C 92 -27.10 23.88 -0.10
CA ASP C 92 -26.14 23.68 1.00
C ASP C 92 -24.92 22.86 0.59
N GLY C 93 -25.06 21.99 -0.40
CA GLY C 93 -23.94 21.14 -0.85
C GLY C 93 -24.22 20.62 -2.24
N ILE C 94 -23.15 20.23 -2.92
CA ILE C 94 -23.22 19.84 -4.34
C ILE C 94 -22.47 18.55 -4.53
N VAL C 95 -23.13 17.62 -5.23
CA VAL C 95 -22.54 16.33 -5.64
C VAL C 95 -22.47 16.29 -7.15
N ILE C 96 -21.35 15.84 -7.68
CA ILE C 96 -21.20 15.66 -9.14
C ILE C 96 -20.96 14.19 -9.40
N THR C 97 -21.82 13.55 -10.17
CA THR C 97 -21.61 12.14 -10.59
C THR C 97 -20.83 12.15 -11.90
N HIS C 98 -19.81 11.29 -11.99
CA HIS C 98 -18.76 11.46 -13.01
C HIS C 98 -18.15 10.11 -13.36
N GLY C 99 -17.74 9.95 -14.61
CA GLY C 99 -16.90 8.83 -14.99
C GLY C 99 -15.59 8.80 -14.24
N THR C 100 -15.01 7.63 -14.03
CA THR C 100 -13.79 7.51 -13.24
C THR C 100 -12.58 8.06 -13.97
N ASP C 101 -12.48 7.80 -15.28
CA ASP C 101 -11.25 8.09 -16.01
C ASP C 101 -10.64 9.44 -15.71
N THR C 102 -11.46 10.50 -15.79
CA THR C 102 -10.94 11.86 -15.54
C THR C 102 -11.58 12.50 -14.33
N LEU C 103 -12.21 11.70 -13.45
CA LEU C 103 -12.73 12.21 -12.18
C LEU C 103 -11.69 13.05 -11.44
N GLU C 104 -10.46 12.54 -11.39
CA GLU C 104 -9.42 13.19 -10.61
C GLU C 104 -9.05 14.55 -11.19
N GLU C 105 -9.24 14.74 -12.50
CA GLU C 105 -8.93 16.01 -13.17
C GLU C 105 -10.03 17.02 -12.85
N THR C 106 -11.29 16.61 -13.00
CA THR C 106 -12.41 17.49 -12.61
C THR C 106 -12.32 17.86 -11.15
N ALA C 107 -12.06 16.89 -10.28
CA ALA C 107 -12.03 17.19 -8.84
C ALA C 107 -10.98 18.24 -8.52
N PHE C 108 -9.79 18.10 -9.09
CA PHE C 108 -8.74 19.07 -8.81
C PHE C 108 -9.11 20.44 -9.41
N PHE C 109 -9.63 20.44 -10.64
CA PHE C 109 -10.04 21.71 -11.27
C PHE C 109 -10.98 22.47 -10.35
N LEU C 110 -12.04 21.79 -9.90
CA LEU C 110 -13.03 22.46 -9.05
C LEU C 110 -12.39 22.96 -7.73
N ASN C 111 -11.44 22.17 -7.21
CA ASN C 111 -10.73 22.56 -5.99
C ASN C 111 -9.96 23.88 -6.15
N LEU C 112 -9.54 24.17 -7.39
CA LEU C 112 -8.76 25.36 -7.66
C LEU C 112 -9.62 26.59 -7.94
N VAL C 113 -10.84 26.41 -8.50
CA VAL C 113 -11.55 27.55 -9.09
C VAL C 113 -12.90 27.88 -8.43
N GLU C 114 -13.36 27.05 -7.49
CA GLU C 114 -14.65 27.33 -6.83
C GLU C 114 -14.40 28.05 -5.50
N LYS C 115 -14.73 29.32 -5.44
CA LYS C 115 -14.46 30.14 -4.24
C LYS C 115 -15.70 30.07 -3.34
N THR C 116 -15.91 28.92 -2.77
CA THR C 116 -17.02 28.61 -1.83
C THR C 116 -16.48 27.68 -0.77
N ASP C 117 -17.05 27.79 0.43
CA ASP C 117 -16.84 26.84 1.53
CA ASP C 117 -16.79 26.80 1.50
C ASP C 117 -17.89 25.74 1.50
N LYS C 118 -18.93 25.87 0.68
CA LYS C 118 -19.98 24.85 0.65
C LYS C 118 -19.36 23.53 0.15
N PRO C 119 -19.78 22.38 0.70
CA PRO C 119 -19.19 21.12 0.26
C PRO C 119 -19.46 20.84 -1.21
N ILE C 120 -18.41 20.36 -1.89
CA ILE C 120 -18.48 19.89 -3.28
C ILE C 120 -17.85 18.50 -3.29
N VAL C 121 -18.63 17.52 -3.73
CA VAL C 121 -18.19 16.12 -3.75
C VAL C 121 -18.27 15.61 -5.16
N VAL C 122 -17.24 14.98 -5.66
CA VAL C 122 -17.28 14.29 -6.95
C VAL C 122 -17.29 12.78 -6.68
N VAL C 123 -18.07 12.02 -7.41
CA VAL C 123 -18.24 10.59 -7.12
C VAL C 123 -18.50 9.81 -8.39
N GLY C 124 -17.98 8.59 -8.46
CA GLY C 124 -18.23 7.68 -9.54
C GLY C 124 -18.37 6.27 -8.99
N SER C 125 -18.31 5.29 -9.90
CA SER C 125 -18.36 3.89 -9.55
C SER C 125 -17.47 3.11 -10.49
N MET C 126 -16.99 1.97 -10.03
CA MET C 126 -16.18 1.04 -10.81
C MET C 126 -17.00 -0.06 -11.47
N ARG C 127 -18.23 -0.27 -11.01
CA ARG C 127 -19.13 -1.25 -11.60
C ARG C 127 -20.39 -0.48 -12.01
N PRO C 128 -21.03 -0.83 -13.13
CA PRO C 128 -22.28 -0.19 -13.49
C PRO C 128 -23.40 -0.66 -12.57
N GLY C 129 -24.49 0.10 -12.47
CA GLY C 129 -25.57 -0.20 -11.53
C GLY C 129 -26.34 -1.47 -11.89
N THR C 130 -26.16 -1.97 -13.11
CA THR C 130 -26.74 -3.25 -13.57
C THR C 130 -25.98 -4.47 -13.05
N ALA C 131 -24.79 -4.28 -12.51
CA ALA C 131 -23.94 -5.41 -12.11
C ALA C 131 -24.34 -5.89 -10.72
N MET C 132 -24.13 -7.17 -10.50
CA MET C 132 -24.04 -7.72 -9.15
C MET C 132 -23.07 -6.87 -8.30
N SER C 133 -23.49 -6.59 -7.06
CA SER C 133 -22.58 -5.92 -6.11
C SER C 133 -22.07 -4.58 -6.66
N ALA C 134 -22.95 -3.86 -7.34
CA ALA C 134 -22.58 -2.54 -7.89
C ALA C 134 -22.28 -1.56 -6.75
N ASP C 135 -21.21 -0.76 -6.91
CA ASP C 135 -20.70 0.13 -5.87
C ASP C 135 -21.36 1.50 -5.89
N GLY C 136 -22.04 1.88 -6.99
CA GLY C 136 -22.52 3.25 -7.12
C GLY C 136 -23.60 3.68 -6.17
N MET C 137 -24.46 2.76 -5.72
CA MET C 137 -25.54 3.19 -4.84
C MET C 137 -24.99 3.75 -3.55
N LEU C 138 -24.16 2.95 -2.84
CA LEU C 138 -23.59 3.43 -1.57
C LEU C 138 -22.62 4.60 -1.82
N ASN C 139 -21.91 4.62 -2.94
CA ASN C 139 -21.04 5.77 -3.21
C ASN C 139 -21.89 7.05 -3.31
N LEU C 140 -23.00 6.99 -4.01
CA LEU C 140 -23.84 8.17 -4.15
C LEU C 140 -24.47 8.58 -2.82
N TYR C 141 -24.96 7.60 -2.06
CA TYR C 141 -25.46 7.88 -0.70
C TYR C 141 -24.38 8.58 0.12
N ASN C 142 -23.17 8.05 0.12
CA ASN C 142 -22.07 8.65 0.87
C ASN C 142 -21.74 10.04 0.39
N ALA C 143 -21.77 10.27 -0.93
CA ALA C 143 -21.47 11.61 -1.48
C ALA C 143 -22.51 12.61 -0.93
N VAL C 144 -23.78 12.23 -0.93
CA VAL C 144 -24.82 13.12 -0.41
C VAL C 144 -24.66 13.33 1.09
N ALA C 145 -24.32 12.25 1.84
CA ALA C 145 -24.07 12.36 3.28
C ALA C 145 -22.96 13.40 3.51
N VAL C 146 -21.84 13.20 2.81
CA VAL C 146 -20.70 14.10 3.02
C VAL C 146 -21.04 15.53 2.60
N ALA C 147 -21.77 15.68 1.49
CA ALA C 147 -22.14 17.02 1.02
C ALA C 147 -23.09 17.73 1.95
N SER C 148 -23.80 16.96 2.79
CA SER C 148 -24.78 17.50 3.76
C SER C 148 -24.15 17.74 5.14
N ASP C 149 -22.89 17.36 5.34
CA ASP C 149 -22.28 17.34 6.68
C ASP C 149 -21.57 18.67 6.94
N LYS C 150 -21.82 19.26 8.10
CA LYS C 150 -21.11 20.48 8.50
C LYS C 150 -19.60 20.25 8.52
N GLN C 151 -19.14 19.04 8.81
CA GLN C 151 -17.69 18.77 8.87
C GLN C 151 -17.04 18.96 7.49
N SER C 152 -17.82 18.92 6.42
CA SER C 152 -17.25 19.02 5.08
C SER C 152 -17.00 20.47 4.67
N ARG C 153 -17.64 21.43 5.34
CA ARG C 153 -17.49 22.84 4.99
C ARG C 153 -16.03 23.24 5.09
N GLY C 154 -15.51 23.94 4.11
CA GLY C 154 -14.15 24.47 4.21
C GLY C 154 -13.04 23.47 3.94
N LYS C 155 -13.39 22.24 3.55
CA LYS C 155 -12.38 21.17 3.38
C LYS C 155 -11.87 21.05 1.94
N GLY C 156 -12.40 21.84 1.02
CA GLY C 156 -12.11 21.67 -0.41
C GLY C 156 -12.91 20.54 -0.99
N VAL C 157 -12.69 20.33 -2.30
CA VAL C 157 -13.44 19.30 -3.02
C VAL C 157 -13.06 17.93 -2.52
N LEU C 158 -14.05 17.07 -2.35
CA LEU C 158 -13.88 15.72 -1.78
C LEU C 158 -14.36 14.68 -2.80
N VAL C 159 -13.84 13.49 -2.66
CA VAL C 159 -14.24 12.31 -3.45
C VAL C 159 -14.58 11.19 -2.46
N THR C 160 -15.73 10.57 -2.60
CA THR C 160 -16.30 9.67 -1.56
C THR C 160 -16.59 8.27 -2.09
N MET C 161 -15.61 7.57 -2.58
CA MET C 161 -15.72 6.20 -3.04
C MET C 161 -15.04 5.28 -2.01
N ASN C 162 -15.42 3.98 -2.00
CA ASN C 162 -14.71 2.99 -1.13
C ASN C 162 -14.77 3.38 0.34
N ASP C 163 -15.89 3.97 0.77
CA ASP C 163 -16.09 4.33 2.19
C ASP C 163 -15.13 5.41 2.66
N GLU C 164 -14.42 6.06 1.73
CA GLU C 164 -13.40 7.06 2.08
C GLU C 164 -13.84 8.48 1.78
N ILE C 165 -13.19 9.39 2.45
CA ILE C 165 -13.19 10.84 2.12
C ILE C 165 -11.79 11.13 1.63
N GLN C 166 -11.65 11.31 0.32
CA GLN C 166 -10.39 11.62 -0.34
C GLN C 166 -10.34 13.08 -0.75
N SER C 167 -9.15 13.71 -0.66
CA SER C 167 -9.00 15.07 -1.20
C SER C 167 -9.05 15.05 -2.73
N GLY C 168 -9.89 15.92 -3.30
CA GLY C 168 -9.92 16.07 -4.77
C GLY C 168 -8.58 16.52 -5.33
N ARG C 169 -7.77 17.20 -4.53
CA ARG C 169 -6.45 17.63 -5.01
C ARG C 169 -5.63 16.47 -5.54
N ASP C 170 -5.39 15.47 -4.68
CA ASP C 170 -4.33 14.49 -4.95
C ASP C 170 -4.83 13.06 -5.00
N VAL C 171 -6.12 12.83 -4.88
CA VAL C 171 -6.64 11.50 -5.19
C VAL C 171 -6.50 11.27 -6.67
N SER C 172 -6.21 10.03 -7.06
CA SER C 172 -6.02 9.65 -8.45
C SER C 172 -6.60 8.30 -8.69
N MET C 173 -7.00 8.02 -9.93
CA MET C 173 -7.39 6.65 -10.31
C MET C 173 -6.10 5.87 -10.47
N ALA C 174 -5.87 4.98 -9.49
CA ALA C 174 -4.62 4.26 -9.31
C ALA C 174 -4.74 2.74 -9.49
N VAL C 175 -5.91 2.17 -9.27
CA VAL C 175 -6.12 0.73 -9.44
C VAL C 175 -7.25 0.55 -10.44
N ASN C 176 -7.04 -0.21 -11.51
CA ASN C 176 -8.09 -0.54 -12.47
C ASN C 176 -9.00 -1.63 -11.91
N ILE C 177 -10.22 -1.66 -12.38
CA ILE C 177 -11.25 -2.69 -12.12
C ILE C 177 -11.88 -2.58 -10.74
N LYS C 178 -11.04 -2.60 -9.69
CA LYS C 178 -11.50 -2.75 -8.29
C LYS C 178 -12.12 -1.48 -7.77
N THR C 179 -12.99 -1.63 -6.78
CA THR C 179 -13.72 -0.50 -6.20
C THR C 179 -12.84 0.47 -5.40
N GLU C 180 -11.64 0.03 -5.00
CA GLU C 180 -10.64 0.83 -4.30
C GLU C 180 -9.79 1.66 -5.25
N ALA C 181 -10.23 1.84 -6.51
CA ALA C 181 -9.47 2.54 -7.54
C ALA C 181 -8.83 3.84 -7.11
N PHE C 182 -9.52 4.69 -6.34
CA PHE C 182 -9.08 6.07 -6.03
C PHE C 182 -8.25 6.10 -4.79
N LYS C 183 -7.00 6.47 -4.94
CA LYS C 183 -6.03 6.52 -3.87
C LYS C 183 -5.26 7.82 -3.89
N SER C 184 -4.75 8.28 -2.77
CA SER C 184 -3.83 9.41 -2.66
C SER C 184 -2.53 8.94 -2.03
N ALA C 185 -1.42 9.48 -2.53
CA ALA C 185 -0.11 9.26 -1.91
C ALA C 185 -0.10 9.74 -0.44
N TRP C 186 -0.96 10.69 -0.10
CA TRP C 186 -0.97 11.30 1.24
C TRP C 186 -2.10 10.77 2.11
N GLY C 187 -2.73 9.68 1.64
CA GLY C 187 -3.74 8.96 2.43
C GLY C 187 -5.13 9.52 2.24
N PRO C 188 -6.16 8.73 2.58
CA PRO C 188 -7.46 9.30 2.77
C PRO C 188 -7.45 10.33 3.91
N MET C 189 -8.30 11.35 3.81
CA MET C 189 -8.48 12.32 4.89
C MET C 189 -9.46 11.78 5.94
N GLY C 190 -10.37 10.92 5.53
CA GLY C 190 -11.45 10.47 6.41
C GLY C 190 -12.12 9.24 5.85
N MET C 191 -13.20 8.85 6.51
CA MET C 191 -14.06 7.79 6.06
C MET C 191 -15.51 8.25 6.28
N VAL C 192 -16.41 7.64 5.51
CA VAL C 192 -17.86 7.85 5.68
C VAL C 192 -18.49 6.48 5.78
N VAL C 193 -19.20 6.26 6.88
CA VAL C 193 -19.78 4.93 7.23
C VAL C 193 -21.13 5.18 7.87
N GLU C 194 -22.14 4.51 7.34
CA GLU C 194 -23.52 4.62 7.85
C GLU C 194 -23.88 6.09 8.05
N GLY C 195 -23.62 6.88 7.02
CA GLY C 195 -24.04 8.30 6.97
C GLY C 195 -23.16 9.25 7.74
N LYS C 196 -22.20 8.77 8.53
CA LYS C 196 -21.39 9.61 9.39
C LYS C 196 -19.99 9.75 8.81
N SER C 197 -19.43 10.92 8.99
CA SER C 197 -18.08 11.26 8.52
C SER C 197 -17.11 11.25 9.71
N TYR C 198 -15.95 10.65 9.47
CA TYR C 198 -14.88 10.49 10.45
C TYR C 198 -13.61 11.05 9.84
N TRP C 199 -13.08 12.13 10.39
CA TRP C 199 -11.90 12.80 9.87
C TRP C 199 -10.65 12.44 10.63
N PHE C 200 -9.55 12.30 9.90
CA PHE C 200 -8.25 11.95 10.48
C PHE C 200 -7.13 12.87 10.04
N ARG C 201 -7.31 13.62 8.95
CA ARG C 201 -6.33 14.60 8.47
C ARG C 201 -7.08 15.77 7.87
N LEU C 202 -6.40 16.90 7.75
CA LEU C 202 -6.93 18.10 7.08
C LEU C 202 -6.04 18.42 5.89
N PRO C 203 -6.59 19.12 4.88
CA PRO C 203 -5.76 19.62 3.79
C PRO C 203 -4.68 20.58 4.29
N ALA C 204 -3.56 20.58 3.57
CA ALA C 204 -2.47 21.57 3.78
CA ALA C 204 -2.48 21.56 3.78
C ALA C 204 -2.08 22.32 2.49
C ALA C 204 -2.44 22.60 2.64
N LYS C 205 -2.84 22.20 1.44
CA LYS C 205 -2.63 22.98 0.21
C LYS C 205 -3.80 23.90 -0.06
N ARG C 206 -3.53 25.00 -0.75
CA ARG C 206 -4.57 26.01 -1.00
C ARG C 206 -5.72 25.44 -1.83
N HIS C 207 -6.92 25.86 -1.47
CA HIS C 207 -8.13 25.39 -2.14
C HIS C 207 -9.27 26.36 -1.99
N THR C 208 -10.22 26.24 -2.91
CA THR C 208 -11.52 26.89 -2.87
C THR C 208 -11.46 28.32 -2.36
N VAL C 209 -11.97 28.60 -1.15
CA VAL C 209 -12.07 30.04 -0.71
C VAL C 209 -10.72 30.70 -0.57
N ASN C 210 -9.65 29.94 -0.37
CA ASN C 210 -8.31 30.52 -0.19
C ASN C 210 -7.51 30.43 -1.48
N SER C 211 -8.16 30.12 -2.59
CA SER C 211 -7.48 30.10 -3.90
C SER C 211 -7.45 31.49 -4.50
N GLU C 212 -6.40 31.79 -5.26
CA GLU C 212 -6.29 33.05 -6.00
C GLU C 212 -7.04 32.95 -7.34
N PHE C 213 -7.60 31.80 -7.69
CA PHE C 213 -8.28 31.58 -8.96
C PHE C 213 -9.78 31.54 -8.74
N ASP C 214 -10.54 31.93 -9.77
CA ASP C 214 -12.01 31.98 -9.69
C ASP C 214 -12.61 31.68 -11.04
N ILE C 215 -13.40 30.61 -11.08
CA ILE C 215 -14.08 30.17 -12.31
C ILE C 215 -14.90 31.31 -12.91
N LYS C 216 -15.38 32.24 -12.09
CA LYS C 216 -16.27 33.29 -12.61
C LYS C 216 -15.45 34.13 -13.59
N GLN C 217 -14.16 34.22 -13.59
CA GLN C 217 -13.38 35.08 -14.46
C GLN C 217 -12.83 34.31 -15.67
N ILE C 218 -12.93 32.98 -15.72
CA ILE C 218 -12.28 32.20 -16.78
C ILE C 218 -13.30 31.93 -17.90
N SER C 219 -12.99 32.45 -19.09
CA SER C 219 -13.88 32.31 -20.27
C SER C 219 -13.47 31.16 -21.19
N SER C 220 -12.20 30.87 -21.29
CA SER C 220 -11.69 29.73 -22.07
C SER C 220 -10.33 29.38 -21.45
N LEU C 221 -10.03 28.11 -21.37
CA LEU C 221 -8.75 27.67 -20.78
C LEU C 221 -7.62 27.63 -21.81
N PRO C 222 -6.41 27.90 -21.38
CA PRO C 222 -5.26 27.75 -22.28
C PRO C 222 -5.07 26.25 -22.60
N GLN C 223 -4.55 26.03 -23.80
CA GLN C 223 -4.23 24.67 -24.26
C GLN C 223 -2.95 24.19 -23.59
N VAL C 224 -3.03 23.00 -22.97
CA VAL C 224 -1.88 22.33 -22.33
C VAL C 224 -1.91 20.87 -22.74
N ASP C 225 -0.76 20.34 -23.06
CA ASP C 225 -0.65 18.93 -23.47
C ASP C 225 0.45 18.22 -22.66
N ILE C 226 0.46 16.91 -22.82
CA ILE C 226 1.30 16.00 -22.01
C ILE C 226 2.05 15.08 -22.95
N ALA C 227 3.37 14.90 -22.71
CA ALA C 227 4.22 13.97 -23.43
C ALA C 227 4.93 13.05 -22.45
N TYR C 228 5.12 11.81 -22.86
CA TYR C 228 5.66 10.76 -21.98
C TYR C 228 7.14 10.53 -22.17
N GLY C 229 7.84 10.18 -21.10
CA GLY C 229 9.26 9.82 -21.11
C GLY C 229 9.46 8.35 -20.88
N TYR C 230 10.41 7.75 -21.58
CA TYR C 230 10.65 6.30 -21.63
C TYR C 230 11.97 6.09 -22.38
N GLY C 231 12.48 4.86 -22.38
CA GLY C 231 13.69 4.58 -23.13
C GLY C 231 13.56 4.89 -24.59
N ASN C 232 14.61 5.50 -25.13
CA ASN C 232 14.70 5.82 -26.57
CA ASN C 232 14.69 5.79 -26.58
C ASN C 232 13.64 6.83 -26.99
N VAL C 233 13.07 7.60 -26.07
CA VAL C 233 12.14 8.66 -26.44
C VAL C 233 12.89 9.75 -27.25
N THR C 234 12.15 10.40 -28.14
CA THR C 234 12.62 11.52 -28.93
C THR C 234 11.86 12.78 -28.60
N ASP C 235 12.28 13.88 -29.22
CA ASP C 235 11.56 15.15 -28.99
C ASP C 235 10.31 15.27 -29.86
N THR C 236 9.92 14.25 -30.61
CA THR C 236 8.81 14.41 -31.57
C THR C 236 7.52 14.85 -30.94
N ALA C 237 7.05 14.17 -29.89
CA ALA C 237 5.72 14.52 -29.37
C ALA C 237 5.74 15.93 -28.82
N TYR C 238 6.78 16.34 -28.16
CA TYR C 238 6.85 17.68 -27.56
C TYR C 238 6.73 18.75 -28.62
N LYS C 239 7.49 18.60 -29.68
CA LYS C 239 7.49 19.59 -30.78
C LYS C 239 6.12 19.61 -31.42
N ALA C 240 5.57 18.45 -31.71
CA ALA C 240 4.29 18.40 -32.43
C ALA C 240 3.18 19.01 -31.59
N LEU C 241 3.17 18.70 -30.29
CA LEU C 241 2.11 19.26 -29.43
C LEU C 241 2.21 20.78 -29.38
N ALA C 242 3.42 21.30 -29.27
CA ALA C 242 3.61 22.76 -29.28
C ALA C 242 3.20 23.37 -30.63
N GLN C 243 3.54 22.71 -31.73
CA GLN C 243 3.17 23.18 -33.08
C GLN C 243 1.67 23.26 -33.23
N ASN C 244 0.94 22.42 -32.55
CA ASN C 244 -0.52 22.34 -32.62
C ASN C 244 -1.17 23.08 -31.47
N GLY C 245 -0.44 23.97 -30.78
CA GLY C 245 -1.08 24.96 -29.90
C GLY C 245 -0.74 24.87 -28.42
N ALA C 246 0.04 23.91 -27.95
CA ALA C 246 0.27 23.79 -26.51
C ALA C 246 1.00 25.02 -25.98
N LYS C 247 0.41 25.66 -24.97
CA LYS C 247 1.02 26.83 -24.30
CA LYS C 247 1.02 26.83 -24.30
C LYS C 247 1.92 26.39 -23.16
N ALA C 248 1.70 25.17 -22.65
CA ALA C 248 2.60 24.51 -21.69
C ALA C 248 2.62 23.05 -22.08
N LEU C 249 3.77 22.42 -21.82
CA LEU C 249 3.90 20.98 -21.96
C LEU C 249 4.19 20.40 -20.58
N ILE C 250 3.39 19.41 -20.21
CA ILE C 250 3.69 18.56 -19.06
C ILE C 250 4.55 17.41 -19.55
N HIS C 251 5.74 17.33 -18.97
CA HIS C 251 6.69 16.26 -19.23
C HIS C 251 6.43 15.13 -18.21
N ALA C 252 5.91 13.99 -18.65
CA ALA C 252 5.68 12.83 -17.76
C ALA C 252 6.95 11.98 -17.79
N GLY C 253 7.95 12.49 -17.07
CA GLY C 253 9.26 11.88 -17.11
C GLY C 253 9.35 10.53 -16.38
N THR C 254 10.40 9.81 -16.71
CA THR C 254 10.90 8.75 -15.82
C THR C 254 11.38 9.37 -14.50
N GLY C 255 11.46 8.55 -13.46
CA GLY C 255 12.11 8.95 -12.23
C GLY C 255 11.67 10.30 -11.73
N ASN C 256 12.66 11.07 -11.30
CA ASN C 256 12.41 12.39 -10.67
C ASN C 256 12.25 13.45 -11.75
N GLY C 257 11.27 13.23 -12.63
CA GLY C 257 11.03 14.12 -13.75
C GLY C 257 12.16 14.22 -14.75
N SER C 258 12.97 13.19 -14.86
CA SER C 258 14.22 13.25 -15.65
C SER C 258 13.89 13.45 -17.14
N VAL C 259 14.81 14.07 -17.85
CA VAL C 259 14.66 14.35 -19.27
C VAL C 259 15.82 13.73 -20.03
N SER C 260 15.52 12.95 -21.04
CA SER C 260 16.55 12.39 -21.91
C SER C 260 17.42 13.49 -22.50
N SER C 261 18.70 13.21 -22.65
CA SER C 261 19.61 14.14 -23.33
C SER C 261 19.16 14.40 -24.77
N ARG C 262 18.41 13.50 -25.38
CA ARG C 262 17.90 13.70 -26.74
C ARG C 262 16.68 14.62 -26.77
N VAL C 263 16.12 14.96 -25.63
CA VAL C 263 14.92 15.80 -25.49
C VAL C 263 15.27 17.19 -24.95
N VAL C 264 16.25 17.29 -24.07
CA VAL C 264 16.57 18.60 -23.46
C VAL C 264 16.69 19.73 -24.50
N PRO C 265 17.41 19.55 -25.60
CA PRO C 265 17.60 20.72 -26.47
C PRO C 265 16.27 21.28 -27.01
N ALA C 266 15.36 20.37 -27.37
CA ALA C 266 14.05 20.78 -27.86
C ALA C 266 13.27 21.56 -26.79
N LEU C 267 13.35 21.09 -25.54
CA LEU C 267 12.61 21.77 -24.48
C LEU C 267 13.23 23.12 -24.19
N GLN C 268 14.54 23.27 -24.30
CA GLN C 268 15.14 24.61 -24.17
C GLN C 268 14.62 25.55 -25.26
N GLU C 269 14.59 25.06 -26.48
CA GLU C 269 14.08 25.89 -27.60
C GLU C 269 12.60 26.25 -27.39
N LEU C 270 11.78 25.26 -26.97
CA LEU C 270 10.38 25.55 -26.74
C LEU C 270 10.20 26.61 -25.65
N ARG C 271 10.95 26.50 -24.56
CA ARG C 271 10.85 27.52 -23.51
C ARG C 271 11.25 28.89 -24.03
N LYS C 272 12.33 28.94 -24.80
CA LYS C 272 12.79 30.22 -25.39
C LYS C 272 11.67 30.82 -26.23
N ASN C 273 10.89 30.00 -26.88
CA ASN C 273 9.78 30.42 -27.75
C ASN C 273 8.48 30.64 -26.97
N GLY C 274 8.52 30.55 -25.62
CA GLY C 274 7.37 30.96 -24.81
C GLY C 274 6.51 29.79 -24.28
N VAL C 275 6.89 28.54 -24.54
CA VAL C 275 6.09 27.38 -24.06
C VAL C 275 6.61 27.01 -22.67
N GLN C 276 5.71 26.98 -21.68
CA GLN C 276 6.14 26.53 -20.31
C GLN C 276 6.46 25.05 -20.34
N ILE C 277 7.48 24.68 -19.56
CA ILE C 277 7.96 23.31 -19.48
C ILE C 277 7.84 22.88 -18.02
N ILE C 278 6.95 21.93 -17.77
CA ILE C 278 6.62 21.48 -16.40
C ILE C 278 6.99 20.02 -16.26
N ARG C 279 7.92 19.74 -15.33
CA ARG C 279 8.44 18.40 -15.13
C ARG C 279 7.60 17.65 -14.07
N SER C 280 6.79 16.70 -14.53
CA SER C 280 6.07 15.72 -13.70
C SER C 280 6.76 14.36 -13.93
N SER C 281 6.05 13.27 -13.62
CA SER C 281 6.67 11.95 -13.77
C SER C 281 5.57 10.92 -13.89
N HIS C 282 5.96 9.72 -14.28
CA HIS C 282 5.13 8.51 -14.20
C HIS C 282 5.53 7.62 -13.02
N VAL C 283 5.87 8.25 -11.91
CA VAL C 283 6.28 7.58 -10.65
C VAL C 283 5.29 8.12 -9.62
N ASN C 284 4.12 7.48 -9.53
CA ASN C 284 2.94 8.17 -8.99
C ASN C 284 2.50 7.72 -7.61
N GLN C 285 3.11 6.71 -7.02
CA GLN C 285 2.60 6.21 -5.74
C GLN C 285 3.07 7.05 -4.59
N GLY C 286 4.16 7.79 -4.72
CA GLY C 286 4.66 8.62 -3.64
C GLY C 286 5.87 9.42 -4.06
N GLY C 287 6.34 10.24 -3.15
CA GLY C 287 7.44 11.16 -3.43
C GLY C 287 7.01 12.36 -4.24
N PHE C 288 7.99 13.09 -4.78
CA PHE C 288 7.73 14.30 -5.57
C PHE C 288 8.94 14.57 -6.43
N VAL C 289 8.75 15.47 -7.39
CA VAL C 289 9.80 15.92 -8.32
C VAL C 289 10.46 17.20 -7.73
N LEU C 290 11.75 17.10 -7.47
CA LEU C 290 12.54 18.12 -6.77
C LEU C 290 13.17 19.10 -7.75
N ARG C 291 12.97 20.39 -7.53
CA ARG C 291 13.54 21.41 -8.42
C ARG C 291 15.05 21.32 -8.40
N ASN C 292 15.65 21.49 -9.57
CA ASN C 292 17.12 21.55 -9.75
C ASN C 292 17.82 20.24 -9.49
N ALA C 293 17.09 19.13 -9.27
CA ALA C 293 17.77 17.86 -9.03
C ALA C 293 18.13 17.20 -10.34
N GLU C 294 17.17 16.77 -11.12
CA GLU C 294 17.47 16.09 -12.39
C GLU C 294 17.86 17.04 -13.51
N GLN C 295 17.35 18.26 -13.48
CA GLN C 295 17.62 19.23 -14.54
C GLN C 295 17.83 20.58 -13.92
N PRO C 296 18.54 21.48 -14.61
CA PRO C 296 18.83 22.81 -14.09
C PRO C 296 17.65 23.74 -14.41
N ASP C 297 16.61 23.61 -13.60
CA ASP C 297 15.35 24.33 -13.83
C ASP C 297 15.56 25.83 -13.76
N ASP C 298 16.38 26.31 -12.84
CA ASP C 298 16.62 27.77 -12.79
C ASP C 298 17.26 28.25 -14.10
N LYS C 299 18.31 27.58 -14.56
CA LYS C 299 19.01 28.01 -15.79
C LYS C 299 18.04 27.98 -16.97
N ASN C 300 17.21 26.93 -17.05
CA ASN C 300 16.35 26.71 -18.22
C ASN C 300 15.01 27.43 -18.11
N ASP C 301 14.70 27.98 -16.94
CA ASP C 301 13.41 28.60 -16.65
C ASP C 301 12.25 27.58 -16.81
N TRP C 302 12.45 26.39 -16.25
CA TRP C 302 11.44 25.33 -16.21
C TRP C 302 10.76 25.32 -14.84
N VAL C 303 9.76 24.48 -14.72
CA VAL C 303 8.96 24.33 -13.49
C VAL C 303 8.91 22.86 -13.12
N VAL C 304 8.92 22.53 -11.84
CA VAL C 304 8.60 21.14 -11.43
C VAL C 304 7.18 21.08 -10.89
N ALA C 305 6.56 19.93 -11.14
CA ALA C 305 5.16 19.72 -10.75
C ALA C 305 5.01 19.19 -9.33
N HIS C 306 6.09 19.16 -8.55
CA HIS C 306 6.02 18.76 -7.13
C HIS C 306 5.51 17.33 -7.09
N ASP C 307 4.49 17.04 -6.27
CA ASP C 307 3.97 15.66 -6.19
C ASP C 307 2.93 15.37 -7.27
N LEU C 308 2.52 16.35 -8.08
CA LEU C 308 1.32 16.20 -8.92
C LEU C 308 1.64 15.34 -10.13
N ASN C 309 0.77 14.37 -10.41
CA ASN C 309 0.89 13.50 -11.56
C ASN C 309 0.65 14.29 -12.83
N PRO C 310 0.88 13.72 -14.02
CA PRO C 310 0.88 14.54 -15.24
C PRO C 310 -0.46 15.24 -15.51
N GLN C 311 -1.52 14.45 -15.40
CA GLN C 311 -2.85 14.98 -15.70
C GLN C 311 -3.27 16.02 -14.65
N LYS C 312 -2.88 15.85 -13.39
CA LYS C 312 -3.13 16.89 -12.38
C LYS C 312 -2.32 18.15 -12.71
N ALA C 313 -1.07 17.94 -13.06
CA ALA C 313 -0.19 19.09 -13.38
C ALA C 313 -0.77 19.88 -14.57
N ARG C 314 -1.34 19.18 -15.55
CA ARG C 314 -1.98 19.87 -16.67
C ARG C 314 -3.12 20.78 -16.18
N ILE C 315 -3.98 20.24 -15.31
CA ILE C 315 -5.06 21.07 -14.76
C ILE C 315 -4.52 22.33 -14.09
N LEU C 316 -3.53 22.15 -13.19
CA LEU C 316 -3.01 23.32 -12.48
C LEU C 316 -2.33 24.29 -13.44
N ALA C 317 -1.59 23.77 -14.41
CA ALA C 317 -0.91 24.68 -15.36
C ALA C 317 -1.95 25.51 -16.13
N MET C 318 -3.02 24.89 -16.61
CA MET C 318 -4.04 25.64 -17.34
C MET C 318 -4.61 26.73 -16.48
N VAL C 319 -5.01 26.39 -15.26
CA VAL C 319 -5.61 27.42 -14.37
C VAL C 319 -4.58 28.51 -14.09
N ALA C 320 -3.37 28.13 -13.76
CA ALA C 320 -2.34 29.11 -13.41
C ALA C 320 -2.09 30.06 -14.58
N MET C 321 -2.08 29.55 -15.78
N MET C 321 -2.09 29.55 -15.79
CA MET C 321 -1.73 30.39 -16.94
CA MET C 321 -1.72 30.40 -16.94
C MET C 321 -2.91 31.33 -17.30
C MET C 321 -2.90 31.31 -17.32
N THR C 322 -4.09 31.21 -16.74
CA THR C 322 -5.10 32.27 -16.82
C THR C 322 -4.66 33.52 -16.07
N LYS C 323 -3.66 33.45 -15.20
CA LYS C 323 -3.16 34.57 -14.40
C LYS C 323 -1.77 34.99 -14.79
N THR C 324 -0.86 34.10 -15.13
CA THR C 324 0.56 34.43 -15.24
C THR C 324 1.27 33.62 -16.30
N GLN C 325 2.29 34.25 -16.87
CA GLN C 325 3.27 33.60 -17.76
C GLN C 325 4.66 33.60 -17.11
N ASP C 326 4.75 34.04 -15.84
CA ASP C 326 6.05 34.15 -15.15
C ASP C 326 6.36 32.78 -14.54
N SER C 327 7.40 32.11 -15.00
CA SER C 327 7.72 30.74 -14.54
C SER C 327 7.97 30.69 -13.03
N LYS C 328 8.50 31.76 -12.43
CA LYS C 328 8.68 31.78 -10.95
C LYS C 328 7.32 31.75 -10.25
N GLU C 329 6.33 32.48 -10.75
CA GLU C 329 4.99 32.45 -10.18
C GLU C 329 4.37 31.07 -10.45
N LEU C 330 4.57 30.48 -11.62
CA LEU C 330 4.03 29.15 -11.87
C LEU C 330 4.66 28.15 -10.87
N GLN C 331 5.96 28.28 -10.58
CA GLN C 331 6.57 27.39 -9.58
C GLN C 331 5.98 27.61 -8.20
N ARG C 332 5.78 28.86 -7.80
CA ARG C 332 5.09 29.14 -6.53
C ARG C 332 3.75 28.43 -6.48
N ILE C 333 2.98 28.55 -7.55
CA ILE C 333 1.65 27.93 -7.59
C ILE C 333 1.78 26.40 -7.44
N PHE C 334 2.71 25.77 -8.14
CA PHE C 334 2.94 24.33 -8.01
C PHE C 334 3.45 23.93 -6.64
N TRP C 335 3.95 24.86 -5.83
CA TRP C 335 4.35 24.58 -4.46
C TRP C 335 3.29 24.93 -3.44
N GLU C 336 2.21 25.60 -3.81
CA GLU C 336 1.16 26.02 -2.87
C GLU C 336 -0.17 25.29 -3.03
N TYR C 337 -0.45 24.76 -4.21
CA TYR C 337 -1.74 24.15 -4.56
C TYR C 337 -1.63 22.62 -4.72
N LYS D 8 34.10 -23.00 -4.93
CA LYS D 8 32.95 -23.33 -4.11
C LYS D 8 32.02 -22.11 -4.14
N LEU D 9 32.53 -20.90 -4.18
CA LEU D 9 31.73 -19.66 -4.38
C LEU D 9 31.35 -19.49 -5.86
N ALA D 10 30.16 -18.98 -6.08
CA ALA D 10 29.67 -18.64 -7.43
C ALA D 10 30.59 -17.59 -8.03
N ASN D 11 30.71 -17.69 -9.35
CA ASN D 11 31.40 -16.68 -10.15
C ASN D 11 30.35 -15.68 -10.72
N VAL D 12 30.38 -14.46 -10.25
CA VAL D 12 29.40 -13.44 -10.64
C VAL D 12 30.11 -12.34 -11.42
N VAL D 13 29.53 -11.94 -12.53
CA VAL D 13 30.04 -10.78 -13.31
C VAL D 13 29.07 -9.62 -13.10
N ILE D 14 29.64 -8.48 -12.74
CA ILE D 14 28.89 -7.22 -12.58
C ILE D 14 29.12 -6.39 -13.84
N LEU D 15 28.03 -6.10 -14.52
CA LEU D 15 28.01 -5.24 -15.72
C LEU D 15 27.48 -3.87 -15.32
N ALA D 16 28.36 -2.89 -15.34
CA ALA D 16 28.00 -1.50 -14.95
C ALA D 16 27.46 -0.75 -16.17
N THR D 17 26.40 0.03 -15.93
CA THR D 17 25.81 0.85 -16.98
C THR D 17 25.71 2.32 -16.57
N GLY D 18 26.01 2.68 -15.33
CA GLY D 18 25.87 4.09 -14.85
C GLY D 18 24.93 4.22 -13.69
N GLY D 19 24.13 5.27 -13.69
CA GLY D 19 23.08 5.44 -12.70
C GLY D 19 23.51 6.14 -11.41
N THR D 20 22.52 6.27 -10.54
CA THR D 20 22.66 6.83 -9.17
C THR D 20 23.60 5.97 -8.33
N ILE D 21 23.57 4.67 -8.56
CA ILE D 21 24.40 3.75 -7.76
C ILE D 21 25.89 4.10 -7.99
N ALA D 22 26.20 4.59 -9.19
CA ALA D 22 27.54 5.05 -9.55
C ALA D 22 27.64 6.60 -9.54
N GLY D 23 26.74 7.25 -8.81
CA GLY D 23 26.65 8.70 -8.79
C GLY D 23 27.40 9.40 -7.70
N ALA D 24 27.48 10.73 -7.77
CA ALA D 24 28.19 11.52 -6.78
C ALA D 24 27.46 12.85 -6.64
N GLY D 25 27.23 13.28 -5.41
CA GLY D 25 26.74 14.60 -5.09
C GLY D 25 27.78 15.38 -4.31
N ALA D 26 27.45 16.63 -4.05
CA ALA D 26 28.45 17.61 -3.57
C ALA D 26 28.83 17.41 -2.11
N SER D 27 27.92 16.87 -1.30
CA SER D 27 28.10 16.70 0.16
C SER D 27 27.38 15.45 0.59
N ALA D 28 27.62 15.04 1.81
CA ALA D 28 26.93 13.86 2.37
C ALA D 28 25.44 14.10 2.52
N ALA D 29 24.98 15.35 2.61
CA ALA D 29 23.53 15.63 2.72
C ALA D 29 22.83 15.60 1.37
N ASN D 30 23.58 15.45 0.27
CA ASN D 30 22.94 15.42 -1.07
C ASN D 30 22.50 14.00 -1.39
N SER D 31 21.35 13.62 -0.85
CA SER D 31 20.75 12.29 -1.12
C SER D 31 19.91 12.31 -2.40
N ALA D 32 19.53 13.49 -2.89
CA ALA D 32 18.57 13.64 -3.99
C ALA D 32 19.10 14.46 -5.16
N THR D 33 20.05 15.36 -4.94
CA THR D 33 20.64 16.23 -5.99
C THR D 33 22.06 15.73 -6.22
N TYR D 34 22.34 15.14 -7.37
CA TYR D 34 23.63 14.50 -7.61
C TYR D 34 23.81 14.33 -9.12
N GLN D 35 24.98 13.84 -9.52
CA GLN D 35 25.30 13.51 -10.90
C GLN D 35 25.39 11.98 -11.03
N ALA D 36 24.61 11.40 -11.93
CA ALA D 36 24.67 9.96 -12.21
C ALA D 36 25.96 9.59 -12.93
N ALA D 37 26.35 8.31 -12.81
CA ALA D 37 27.30 7.72 -13.80
C ALA D 37 28.66 8.41 -13.74
N LYS D 38 29.17 8.60 -12.54
CA LYS D 38 30.51 9.19 -12.32
C LYS D 38 31.54 8.15 -11.91
N LEU D 39 31.15 7.10 -11.21
CA LEU D 39 32.10 6.10 -10.65
C LEU D 39 32.21 4.93 -11.61
N GLY D 40 33.42 4.52 -11.94
CA GLY D 40 33.70 3.32 -12.74
C GLY D 40 33.44 2.04 -11.97
N VAL D 41 33.27 0.95 -12.69
CA VAL D 41 32.88 -0.34 -12.07
C VAL D 41 33.92 -0.80 -11.03
N ASP D 42 35.19 -0.63 -11.28
CA ASP D 42 36.18 -1.17 -10.32
C ASP D 42 36.02 -0.47 -8.97
N LYS D 43 35.93 0.83 -8.94
CA LYS D 43 35.80 1.56 -7.67
C LYS D 43 34.42 1.26 -7.07
N LEU D 44 33.39 1.08 -7.90
CA LEU D 44 32.08 0.76 -7.39
C LEU D 44 32.15 -0.58 -6.62
N ILE D 45 32.76 -1.58 -7.19
CA ILE D 45 32.93 -2.91 -6.55
C ILE D 45 33.80 -2.78 -5.29
N ALA D 46 34.85 -1.99 -5.38
CA ALA D 46 35.79 -1.81 -4.24
C ALA D 46 35.11 -1.13 -3.05
N GLY D 47 33.97 -0.47 -3.27
CA GLY D 47 33.17 0.14 -2.21
C GLY D 47 32.46 -0.89 -1.34
N VAL D 48 32.41 -2.14 -1.80
CA VAL D 48 31.78 -3.26 -1.06
C VAL D 48 32.78 -4.40 -1.04
N PRO D 49 33.87 -4.26 -0.25
CA PRO D 49 34.87 -5.35 -0.20
C PRO D 49 34.30 -6.64 0.39
N GLU D 50 33.22 -6.54 1.13
CA GLU D 50 32.53 -7.72 1.68
C GLU D 50 31.97 -8.64 0.61
N LEU D 51 31.88 -8.17 -0.65
CA LEU D 51 31.38 -9.03 -1.74
C LEU D 51 32.13 -10.35 -1.80
N ALA D 52 33.44 -10.33 -1.49
CA ALA D 52 34.27 -11.54 -1.55
C ALA D 52 33.74 -12.67 -0.63
N ASP D 53 33.00 -12.31 0.40
CA ASP D 53 32.46 -13.26 1.36
C ASP D 53 31.40 -14.11 0.71
N ILE D 54 30.75 -13.62 -0.36
CA ILE D 54 29.57 -14.27 -0.93
C ILE D 54 29.78 -14.73 -2.39
N ALA D 55 30.77 -14.22 -3.12
CA ALA D 55 30.96 -14.62 -4.52
C ALA D 55 32.35 -14.22 -4.94
N ASN D 56 32.78 -14.82 -6.06
CA ASN D 56 33.97 -14.38 -6.77
C ASN D 56 33.47 -13.43 -7.88
N VAL D 57 33.76 -12.14 -7.70
CA VAL D 57 33.18 -11.09 -8.58
C VAL D 57 34.21 -10.50 -9.50
N ARG D 58 33.77 -10.15 -10.69
CA ARG D 58 34.56 -9.27 -11.54
C ARG D 58 33.60 -8.35 -12.27
N GLY D 59 34.13 -7.23 -12.70
CA GLY D 59 33.32 -6.15 -13.26
C GLY D 59 33.69 -5.81 -14.70
N GLU D 60 32.72 -5.32 -15.43
CA GLU D 60 32.92 -4.73 -16.76
C GLU D 60 32.09 -3.47 -16.84
N GLN D 61 32.63 -2.47 -17.53
CA GLN D 61 31.93 -1.22 -17.81
C GLN D 61 31.29 -1.34 -19.20
N VAL D 62 30.01 -1.62 -19.25
CA VAL D 62 29.31 -1.79 -20.55
C VAL D 62 29.02 -0.39 -21.14
N MET D 63 28.58 0.53 -20.31
CA MET D 63 28.28 1.91 -20.66
C MET D 63 28.30 2.73 -19.38
N GLN D 64 28.19 4.06 -19.50
CA GLN D 64 28.27 4.94 -18.33
C GLN D 64 27.27 6.05 -18.55
N ILE D 65 26.01 5.75 -18.30
CA ILE D 65 24.92 6.65 -18.66
C ILE D 65 23.99 6.94 -17.49
N ALA D 66 23.27 8.05 -17.61
CA ALA D 66 22.05 8.32 -16.85
C ALA D 66 20.94 7.56 -17.60
N SER D 67 20.22 6.70 -16.91
CA SER D 67 19.34 5.73 -17.57
C SER D 67 18.15 6.38 -18.31
N GLU D 68 17.76 7.59 -17.96
CA GLU D 68 16.70 8.26 -18.73
C GLU D 68 17.13 8.52 -20.17
N SER D 69 18.41 8.40 -20.46
CA SER D 69 18.96 8.70 -21.80
C SER D 69 19.35 7.41 -22.55
N ILE D 70 18.94 6.25 -22.03
CA ILE D 70 19.25 4.98 -22.71
C ILE D 70 18.62 4.93 -24.08
N SER D 71 19.28 4.21 -24.97
CA SER D 71 18.79 3.96 -26.33
C SER D 71 18.52 2.49 -26.57
N ASN D 72 17.83 2.20 -27.68
CA ASN D 72 17.67 0.81 -28.12
C ASN D 72 19.02 0.18 -28.43
N ASP D 73 19.96 0.94 -28.99
CA ASP D 73 21.30 0.37 -29.25
C ASP D 73 21.95 -0.03 -27.93
N ASP D 74 21.77 0.76 -26.90
CA ASP D 74 22.34 0.40 -25.58
C ASP D 74 21.72 -0.92 -25.07
N LEU D 75 20.41 -1.07 -25.22
CA LEU D 75 19.73 -2.33 -24.80
C LEU D 75 20.29 -3.52 -25.55
N LEU D 76 20.45 -3.38 -26.86
CA LEU D 76 20.97 -4.51 -27.67
C LEU D 76 22.38 -4.85 -27.21
N LYS D 77 23.22 -3.85 -27.01
CA LYS D 77 24.61 -4.10 -26.62
C LYS D 77 24.61 -4.82 -25.27
N LEU D 78 23.85 -4.31 -24.31
CA LEU D 78 23.79 -4.93 -22.96
C LEU D 78 23.25 -6.35 -23.10
N GLY D 79 22.15 -6.52 -23.81
CA GLY D 79 21.55 -7.84 -23.95
C GLY D 79 22.48 -8.83 -24.57
N LYS D 80 23.23 -8.44 -25.59
CA LYS D 80 24.16 -9.35 -26.24
C LYS D 80 25.34 -9.72 -25.33
N ARG D 81 25.80 -8.77 -24.56
CA ARG D 81 26.92 -9.08 -23.61
C ARG D 81 26.42 -10.04 -22.51
N VAL D 82 25.22 -9.80 -21.99
CA VAL D 82 24.63 -10.75 -21.03
C VAL D 82 24.57 -12.15 -21.62
N ALA D 83 24.17 -12.28 -22.87
CA ALA D 83 24.04 -13.61 -23.47
C ALA D 83 25.42 -14.27 -23.62
N GLU D 84 26.43 -13.49 -24.01
CA GLU D 84 27.81 -14.05 -24.16
C GLU D 84 28.25 -14.59 -22.81
N LEU D 85 28.03 -13.83 -21.75
CA LEU D 85 28.47 -14.27 -20.42
C LEU D 85 27.66 -15.49 -19.96
N ALA D 86 26.34 -15.50 -20.21
CA ALA D 86 25.53 -16.65 -19.74
C ALA D 86 25.98 -17.92 -20.46
N GLU D 87 26.50 -17.84 -21.67
CA GLU D 87 27.01 -19.00 -22.40
C GLU D 87 28.32 -19.53 -21.83
N SER D 88 29.02 -18.75 -21.01
CA SER D 88 30.36 -19.10 -20.50
C SER D 88 30.24 -20.05 -19.30
N LYS D 89 30.95 -21.15 -19.32
CA LYS D 89 31.02 -22.00 -18.13
C LYS D 89 31.77 -21.21 -17.09
N ASP D 90 32.58 -20.19 -17.45
CA ASP D 90 33.13 -19.46 -16.11
C ASP D 90 32.11 -18.54 -15.38
N VAL D 91 30.84 -18.42 -15.82
CA VAL D 91 29.90 -17.45 -15.21
C VAL D 91 28.73 -18.19 -14.60
N ASP D 92 28.44 -17.95 -13.33
CA ASP D 92 27.27 -18.57 -12.66
C ASP D 92 26.10 -17.61 -12.55
N GLY D 93 26.36 -16.31 -12.46
CA GLY D 93 25.28 -15.32 -12.33
C GLY D 93 25.78 -13.96 -12.74
N ILE D 94 24.83 -13.08 -13.06
CA ILE D 94 25.13 -11.76 -13.66
C ILE D 94 24.31 -10.71 -12.92
N VAL D 95 25.02 -9.64 -12.56
CA VAL D 95 24.42 -8.46 -11.94
C VAL D 95 24.65 -7.25 -12.87
N ILE D 96 23.61 -6.47 -13.08
CA ILE D 96 23.67 -5.23 -13.89
C ILE D 96 23.39 -4.05 -12.97
N THR D 97 24.35 -3.15 -12.83
CA THR D 97 24.11 -1.90 -12.08
C THR D 97 23.58 -0.85 -13.03
N HIS D 98 22.55 -0.11 -12.61
CA HIS D 98 21.71 0.64 -13.55
C HIS D 98 21.06 1.81 -12.86
N GLY D 99 20.86 2.88 -13.61
CA GLY D 99 20.04 3.97 -13.14
C GLY D 99 18.60 3.53 -12.92
N THR D 100 17.93 4.19 -11.98
CA THR D 100 16.56 3.78 -11.62
C THR D 100 15.54 4.11 -12.68
N ASP D 101 15.67 5.25 -13.36
CA ASP D 101 14.62 5.75 -14.27
C ASP D 101 14.09 4.68 -15.21
N THR D 102 14.98 3.97 -15.91
CA THR D 102 14.56 2.96 -16.87
C THR D 102 15.01 1.56 -16.48
N LEU D 103 15.38 1.36 -15.20
CA LEU D 103 15.70 0.02 -14.69
C LEU D 103 14.63 -0.98 -15.02
N GLU D 104 13.39 -0.58 -14.85
CA GLU D 104 12.27 -1.52 -15.05
C GLU D 104 12.12 -1.96 -16.49
N GLU D 105 12.57 -1.11 -17.41
CA GLU D 105 12.48 -1.37 -18.86
C GLU D 105 13.60 -2.38 -19.23
N THR D 106 14.84 -2.10 -18.80
CA THR D 106 15.92 -3.04 -19.01
C THR D 106 15.61 -4.40 -18.41
N ALA D 107 15.11 -4.40 -17.16
CA ALA D 107 14.87 -5.68 -16.48
C ALA D 107 13.88 -6.54 -17.26
N PHE D 108 12.79 -5.91 -17.74
CA PHE D 108 11.79 -6.66 -18.50
C PHE D 108 12.38 -7.11 -19.84
N PHE D 109 13.10 -6.22 -20.53
CA PHE D 109 13.76 -6.61 -21.80
C PHE D 109 14.59 -7.89 -21.62
N LEU D 110 15.47 -7.87 -20.61
CA LEU D 110 16.32 -9.04 -20.41
C LEU D 110 15.48 -10.28 -20.07
N ASN D 111 14.38 -10.09 -19.32
CA ASN D 111 13.51 -11.20 -18.97
C ASN D 111 12.90 -11.87 -20.19
N LEU D 112 12.76 -11.10 -21.26
CA LEU D 112 12.13 -11.60 -22.50
C LEU D 112 13.13 -12.24 -23.46
N VAL D 113 14.40 -11.81 -23.46
CA VAL D 113 15.33 -12.17 -24.55
C VAL D 113 16.51 -13.01 -24.11
N GLU D 114 16.73 -13.24 -22.80
CA GLU D 114 17.89 -14.04 -22.36
C GLU D 114 17.45 -15.48 -22.10
N LYS D 115 17.81 -16.39 -22.97
CA LYS D 115 17.35 -17.79 -22.83
C LYS D 115 18.38 -18.53 -21.98
N THR D 116 18.40 -18.24 -20.71
CA THR D 116 19.30 -18.84 -19.72
C THR D 116 18.53 -19.00 -18.43
N ASP D 117 18.91 -20.04 -17.68
CA ASP D 117 18.42 -20.22 -16.29
C ASP D 117 19.40 -19.58 -15.29
N LYS D 118 20.57 -19.11 -15.75
CA LYS D 118 21.49 -18.45 -14.83
C LYS D 118 20.87 -17.19 -14.26
N PRO D 119 21.09 -16.90 -12.97
CA PRO D 119 20.47 -15.71 -12.41
C PRO D 119 21.00 -14.43 -13.05
N ILE D 120 20.05 -13.54 -13.34
CA ILE D 120 20.30 -12.18 -13.82
C ILE D 120 19.57 -11.21 -12.90
N VAL D 121 20.34 -10.29 -12.32
CA VAL D 121 19.81 -9.34 -11.35
C VAL D 121 20.15 -7.96 -11.86
N VAL D 122 19.14 -7.07 -11.85
CA VAL D 122 19.37 -5.64 -12.16
C VAL D 122 19.18 -4.87 -10.86
N VAL D 123 20.05 -3.92 -10.57
CA VAL D 123 20.04 -3.21 -9.30
C VAL D 123 20.48 -1.77 -9.47
N GLY D 124 19.88 -0.89 -8.70
CA GLY D 124 20.22 0.53 -8.63
C GLY D 124 20.19 1.02 -7.19
N SER D 125 20.20 2.34 -7.05
CA SER D 125 20.06 2.99 -5.74
C SER D 125 19.27 4.26 -5.91
N MET D 126 18.66 4.70 -4.82
CA MET D 126 17.93 5.98 -4.77
C MET D 126 18.76 7.10 -4.21
N ARG D 127 19.88 6.78 -3.56
CA ARG D 127 20.79 7.79 -3.06
C ARG D 127 22.14 7.48 -3.66
N PRO D 128 22.95 8.50 -3.97
CA PRO D 128 24.29 8.26 -4.49
C PRO D 128 25.20 7.76 -3.34
N GLY D 129 26.30 7.11 -3.70
CA GLY D 129 27.19 6.50 -2.73
C GLY D 129 27.89 7.52 -1.87
N THR D 130 27.92 8.80 -2.28
CA THR D 130 28.45 9.94 -1.52
C THR D 130 27.55 10.39 -0.38
N ALA D 131 26.30 9.96 -0.39
CA ALA D 131 25.34 10.47 0.58
C ALA D 131 25.44 9.70 1.90
N MET D 132 25.10 10.36 2.99
CA MET D 132 24.87 9.60 4.21
C MET D 132 23.74 8.59 3.99
N SER D 133 23.88 7.45 4.62
CA SER D 133 22.84 6.44 4.55
C SER D 133 22.57 6.01 3.11
N ALA D 134 23.59 5.97 2.27
CA ALA D 134 23.45 5.53 0.89
C ALA D 134 22.99 4.09 0.83
N ASP D 135 22.02 3.80 -0.04
CA ASP D 135 21.42 2.46 -0.16
C ASP D 135 22.18 1.52 -1.09
N GLY D 136 23.08 2.03 -1.94
CA GLY D 136 23.65 1.21 -2.97
C GLY D 136 24.56 0.08 -2.52
N MET D 137 25.24 0.25 -1.38
CA MET D 137 26.20 -0.77 -0.96
C MET D 137 25.45 -2.04 -0.63
N LEU D 138 24.42 -1.97 0.24
CA LEU D 138 23.68 -3.18 0.57
C LEU D 138 22.88 -3.67 -0.61
N ASN D 139 22.36 -2.77 -1.47
CA ASN D 139 21.67 -3.25 -2.68
C ASN D 139 22.60 -4.08 -3.56
N LEU D 140 23.85 -3.63 -3.73
CA LEU D 140 24.80 -4.37 -4.57
C LEU D 140 25.18 -5.70 -3.91
N TYR D 141 25.42 -5.69 -2.59
CA TYR D 141 25.67 -6.93 -1.85
C TYR D 141 24.52 -7.92 -2.06
N ASN D 142 23.30 -7.42 -1.89
CA ASN D 142 22.10 -8.28 -2.07
C ASN D 142 21.98 -8.77 -3.50
N ALA D 143 22.30 -7.94 -4.50
CA ALA D 143 22.20 -8.40 -5.89
C ALA D 143 23.18 -9.53 -6.12
N VAL D 144 24.40 -9.42 -5.60
CA VAL D 144 25.41 -10.49 -5.75
C VAL D 144 24.99 -11.73 -4.98
N ALA D 145 24.42 -11.57 -3.80
CA ALA D 145 23.92 -12.71 -3.02
C ALA D 145 22.88 -13.45 -3.81
N VAL D 146 21.89 -12.72 -4.34
CA VAL D 146 20.79 -13.34 -5.10
C VAL D 146 21.35 -13.98 -6.37
N ALA D 147 22.28 -13.30 -7.05
CA ALA D 147 22.83 -13.85 -8.30
C ALA D 147 23.64 -15.11 -8.08
N SER D 148 24.13 -15.31 -6.85
CA SER D 148 24.96 -16.47 -6.45
C SER D 148 24.11 -17.59 -5.86
N ASP D 149 22.83 -17.40 -5.66
CA ASP D 149 22.00 -18.37 -4.91
C ASP D 149 21.36 -19.36 -5.88
N LYS D 150 21.44 -20.63 -5.56
CA LYS D 150 20.77 -21.68 -6.35
C LYS D 150 19.27 -21.43 -6.42
N GLN D 151 18.69 -20.80 -5.42
CA GLN D 151 17.23 -20.54 -5.45
C GLN D 151 16.84 -19.60 -6.57
N SER D 152 17.79 -18.82 -7.07
CA SER D 152 17.50 -17.84 -8.11
C SER D 152 17.47 -18.46 -9.49
N ARG D 153 18.04 -19.65 -9.66
CA ARG D 153 18.11 -20.31 -10.97
CA ARG D 153 18.09 -20.24 -11.01
C ARG D 153 16.68 -20.51 -11.50
N GLY D 154 16.42 -20.15 -12.73
CA GLY D 154 15.14 -20.43 -13.35
C GLY D 154 14.02 -19.49 -12.96
N LYS D 155 14.30 -18.44 -12.21
CA LYS D 155 13.25 -17.52 -11.70
C LYS D 155 13.00 -16.30 -12.58
N GLY D 156 13.75 -16.18 -13.66
CA GLY D 156 13.70 -14.99 -14.50
C GLY D 156 14.50 -13.85 -13.92
N VAL D 157 14.51 -12.70 -14.56
CA VAL D 157 15.28 -11.55 -14.10
C VAL D 157 14.68 -11.02 -12.81
N LEU D 158 15.59 -10.67 -11.89
CA LEU D 158 15.23 -10.18 -10.56
C LEU D 158 15.79 -8.79 -10.33
N VAL D 159 15.14 -8.07 -9.43
CA VAL D 159 15.58 -6.75 -8.98
C VAL D 159 15.63 -6.78 -7.44
N THR D 160 16.76 -6.35 -6.86
CA THR D 160 17.01 -6.59 -5.42
C THR D 160 17.31 -5.31 -4.66
N MET D 161 16.39 -4.42 -4.62
CA MET D 161 16.50 -3.18 -3.84
C MET D 161 15.57 -3.33 -2.61
N ASN D 162 15.82 -2.51 -1.56
CA ASN D 162 14.88 -2.45 -0.40
C ASN D 162 14.71 -3.80 0.25
N ASP D 163 15.80 -4.61 0.29
CA ASP D 163 15.79 -5.93 0.93
C ASP D 163 14.83 -6.91 0.27
N GLU D 164 14.36 -6.60 -0.96
CA GLU D 164 13.37 -7.41 -1.65
C GLU D 164 13.98 -8.18 -2.82
N ILE D 165 13.25 -9.21 -3.22
CA ILE D 165 13.43 -9.89 -4.51
C ILE D 165 12.17 -9.59 -5.29
N GLN D 166 12.30 -8.75 -6.29
CA GLN D 166 11.16 -8.33 -7.17
C GLN D 166 11.36 -8.96 -8.55
N SER D 167 10.24 -9.34 -9.17
CA SER D 167 10.25 -9.80 -10.56
C SER D 167 10.61 -8.63 -11.51
N GLY D 168 11.59 -8.85 -12.38
CA GLY D 168 11.89 -7.86 -13.39
C GLY D 168 10.75 -7.62 -14.37
N ARG D 169 9.87 -8.59 -14.50
CA ARG D 169 8.70 -8.38 -15.37
C ARG D 169 7.90 -7.15 -14.96
N ASP D 170 7.41 -7.12 -13.73
CA ASP D 170 6.36 -6.19 -13.36
C ASP D 170 6.72 -5.27 -12.21
N VAL D 171 7.95 -5.34 -11.73
CA VAL D 171 8.39 -4.27 -10.81
C VAL D 171 8.53 -2.98 -11.62
N SER D 172 8.21 -1.88 -10.98
CA SER D 172 8.27 -0.56 -11.61
C SER D 172 8.76 0.46 -10.61
N MET D 173 9.34 1.54 -11.13
CA MET D 173 9.68 2.68 -10.29
C MET D 173 8.38 3.43 -10.00
N ALA D 174 7.90 3.29 -8.76
CA ALA D 174 6.58 3.72 -8.32
C ALA D 174 6.60 4.85 -7.30
N VAL D 175 7.65 4.93 -6.50
CA VAL D 175 7.78 5.97 -5.47
C VAL D 175 9.05 6.74 -5.75
N ASN D 176 8.95 8.06 -5.88
CA ASN D 176 10.13 8.91 -6.05
C ASN D 176 10.83 9.14 -4.70
N ILE D 177 12.11 9.40 -4.78
CA ILE D 177 13.00 9.80 -3.69
C ILE D 177 13.37 8.65 -2.77
N LYS D 178 12.39 7.94 -2.24
CA LYS D 178 12.56 6.96 -1.16
C LYS D 178 13.18 5.65 -1.67
N THR D 179 13.85 4.92 -0.77
CA THR D 179 14.58 3.70 -1.14
C THR D 179 13.63 2.55 -1.49
N GLU D 180 12.35 2.65 -1.15
CA GLU D 180 11.29 1.67 -1.49
C GLU D 180 10.69 1.91 -2.88
N ALA D 181 11.38 2.69 -3.71
CA ALA D 181 10.88 3.10 -5.03
C ALA D 181 10.28 1.99 -5.86
N PHE D 182 10.88 0.79 -5.88
CA PHE D 182 10.50 -0.28 -6.82
C PHE D 182 9.47 -1.19 -6.20
N LYS D 183 8.29 -1.19 -6.83
CA LYS D 183 7.14 -1.96 -6.35
C LYS D 183 6.50 -2.73 -7.48
N SER D 184 5.84 -3.84 -7.17
CA SER D 184 5.03 -4.57 -8.13
C SER D 184 3.59 -4.64 -7.63
N ALA D 185 2.64 -4.53 -8.55
CA ALA D 185 1.22 -4.75 -8.23
C ALA D 185 0.99 -6.13 -7.66
N TRP D 186 1.84 -7.09 -8.03
CA TRP D 186 1.67 -8.48 -7.61
C TRP D 186 2.58 -8.90 -6.45
N GLY D 187 3.18 -7.88 -5.81
CA GLY D 187 3.97 -8.09 -4.61
C GLY D 187 5.41 -8.45 -4.91
N PRO D 188 6.28 -8.28 -3.90
CA PRO D 188 7.60 -8.89 -3.97
C PRO D 188 7.45 -10.42 -4.03
N MET D 189 8.41 -11.07 -4.70
CA MET D 189 8.43 -12.54 -4.68
C MET D 189 9.18 -13.07 -3.45
N GLY D 190 10.08 -12.27 -2.90
CA GLY D 190 10.92 -12.71 -1.81
C GLY D 190 11.61 -11.56 -1.14
N MET D 191 12.52 -11.90 -0.23
CA MET D 191 13.38 -10.94 0.44
C MET D 191 14.79 -11.53 0.50
N VAL D 192 15.76 -10.61 0.65
CA VAL D 192 17.15 -11.03 0.84
C VAL D 192 17.65 -10.25 2.03
N VAL D 193 18.15 -11.00 3.03
CA VAL D 193 18.53 -10.44 4.36
C VAL D 193 19.78 -11.19 4.83
N GLU D 194 20.82 -10.45 5.14
CA GLU D 194 22.09 -11.02 5.63
C GLU D 194 22.53 -12.19 4.74
N GLY D 195 22.49 -11.89 3.45
CA GLY D 195 23.01 -12.82 2.43
C GLY D 195 22.08 -13.94 2.01
N LYS D 196 20.97 -14.14 2.74
N LYS D 196 20.97 -14.14 2.74
CA LYS D 196 20.07 -15.29 2.52
C LYS D 196 18.82 -14.80 1.78
C LYS D 196 18.82 -14.80 1.78
N SER D 197 18.35 -15.64 0.88
CA SER D 197 17.14 -15.40 0.10
C SER D 197 15.99 -16.20 0.66
N TYR D 198 14.83 -15.54 0.77
CA TYR D 198 13.60 -16.11 1.33
C TYR D 198 12.50 -15.87 0.29
N TRP D 199 11.97 -16.95 -0.25
CA TRP D 199 10.98 -16.90 -1.34
C TRP D 199 9.58 -17.16 -0.82
N PHE D 200 8.61 -16.42 -1.35
CA PHE D 200 7.20 -16.51 -0.96
C PHE D 200 6.26 -16.71 -2.15
N ARG D 201 6.69 -16.39 -3.35
CA ARG D 201 5.92 -16.56 -4.58
C ARG D 201 6.87 -16.96 -5.70
N LEU D 202 6.29 -17.56 -6.74
CA LEU D 202 7.03 -17.86 -7.98
C LEU D 202 6.40 -17.07 -9.11
N PRO D 203 7.16 -16.84 -10.19
CA PRO D 203 6.57 -16.23 -11.39
C PRO D 203 5.53 -17.13 -12.01
N ALA D 204 4.55 -16.50 -12.69
CA ALA D 204 3.53 -17.22 -13.46
CA ALA D 204 3.54 -17.23 -13.47
C ALA D 204 3.47 -16.73 -14.92
C ALA D 204 3.81 -17.04 -14.98
N LYS D 205 4.38 -15.90 -15.36
CA LYS D 205 4.45 -15.46 -16.76
C LYS D 205 5.70 -15.93 -17.40
N ARG D 206 5.67 -16.11 -18.73
CA ARG D 206 6.80 -16.68 -19.48
C ARG D 206 8.02 -15.79 -19.38
N HIS D 207 9.18 -16.42 -19.24
CA HIS D 207 10.43 -15.70 -19.10
C HIS D 207 11.61 -16.55 -19.54
N THR D 208 12.71 -15.86 -19.84
CA THR D 208 14.04 -16.43 -20.04
C THR D 208 13.97 -17.76 -20.79
N VAL D 209 14.28 -18.87 -20.16
CA VAL D 209 14.39 -20.16 -20.92
C VAL D 209 13.09 -20.58 -21.57
N ASN D 210 11.95 -20.13 -21.09
CA ASN D 210 10.66 -20.54 -21.68
C ASN D 210 10.12 -19.42 -22.60
N SER D 211 10.92 -18.40 -22.90
CA SER D 211 10.55 -17.35 -23.86
C SER D 211 10.72 -17.81 -25.30
N GLU D 212 9.83 -17.35 -26.16
CA GLU D 212 9.95 -17.59 -27.62
C GLU D 212 10.94 -16.61 -28.26
N PHE D 213 11.42 -15.61 -27.53
CA PHE D 213 12.32 -14.57 -28.05
C PHE D 213 13.72 -14.90 -27.62
N ASP D 214 14.69 -14.47 -28.41
CA ASP D 214 16.10 -14.79 -28.10
C ASP D 214 16.97 -13.65 -28.65
N ILE D 215 17.68 -12.97 -27.76
CA ILE D 215 18.61 -11.91 -28.16
C ILE D 215 19.57 -12.37 -29.26
N LYS D 216 19.95 -13.63 -29.27
CA LYS D 216 20.92 -14.14 -30.27
C LYS D 216 20.36 -14.01 -31.68
N GLN D 217 19.05 -13.86 -31.84
CA GLN D 217 18.36 -13.76 -33.13
C GLN D 217 17.88 -12.34 -33.41
N ILE D 218 18.16 -11.38 -32.52
CA ILE D 218 17.65 -10.00 -32.65
C ILE D 218 18.83 -9.06 -32.93
N SER D 219 18.85 -8.44 -34.11
CA SER D 219 19.92 -7.51 -34.50
C SER D 219 19.37 -6.10 -34.52
N SER D 220 18.07 -5.89 -34.49
CA SER D 220 17.45 -4.57 -34.53
C SER D 220 16.11 -4.65 -33.82
N LEU D 221 15.68 -3.51 -33.33
CA LEU D 221 14.40 -3.43 -32.63
C LEU D 221 13.49 -2.45 -33.38
N PRO D 222 12.22 -2.81 -33.63
CA PRO D 222 11.30 -1.87 -34.23
C PRO D 222 11.06 -0.68 -33.32
N GLN D 223 10.85 0.46 -33.93
CA GLN D 223 10.60 1.69 -33.20
C GLN D 223 9.18 1.66 -32.61
N VAL D 224 9.06 1.92 -31.32
CA VAL D 224 7.74 1.95 -30.60
C VAL D 224 7.74 3.21 -29.77
N ASP D 225 6.61 3.93 -29.78
CA ASP D 225 6.50 5.19 -29.03
C ASP D 225 5.24 5.12 -28.16
N ILE D 226 5.13 6.10 -27.27
CA ILE D 226 4.08 6.14 -26.23
C ILE D 226 3.42 7.52 -26.24
N ALA D 227 2.10 7.54 -26.24
CA ALA D 227 1.30 8.79 -26.15
C ALA D 227 0.36 8.70 -24.95
N TYR D 228 0.13 9.82 -24.32
CA TYR D 228 -0.63 9.90 -23.07
C TYR D 228 -2.09 10.34 -23.28
N GLY D 229 -2.98 9.79 -22.47
CA GLY D 229 -4.40 10.19 -22.45
C GLY D 229 -4.77 10.99 -21.22
N TYR D 230 -5.63 11.98 -21.41
CA TYR D 230 -5.97 12.98 -20.39
C TYR D 230 -7.15 13.76 -20.92
N GLY D 231 -7.75 14.62 -20.11
CA GLY D 231 -8.85 15.45 -20.61
C GLY D 231 -8.42 16.35 -21.74
N ASN D 232 -9.31 16.49 -22.74
CA ASN D 232 -9.06 17.34 -23.92
C ASN D 232 -7.86 16.89 -24.73
N VAL D 233 -7.42 15.65 -24.60
CA VAL D 233 -6.35 15.15 -25.46
C VAL D 233 -6.82 15.12 -26.92
N THR D 234 -5.89 15.34 -27.82
CA THR D 234 -6.16 15.28 -29.26
C THR D 234 -5.32 14.16 -29.88
N ASP D 235 -5.48 13.93 -31.18
CA ASP D 235 -4.73 12.90 -31.87
C ASP D 235 -3.32 13.35 -32.27
N THR D 236 -2.90 14.56 -31.90
CA THR D 236 -1.63 15.10 -32.42
C THR D 236 -0.45 14.23 -32.10
N ALA D 237 -0.26 13.83 -30.84
CA ALA D 237 0.98 13.10 -30.53
C ALA D 237 1.02 11.76 -31.28
N TYR D 238 -0.11 11.10 -31.34
CA TYR D 238 -0.19 9.79 -32.00
C TYR D 238 0.27 9.88 -33.46
N LYS D 239 -0.33 10.83 -34.18
CA LYS D 239 0.00 11.01 -35.59
C LYS D 239 1.45 11.42 -35.76
N ALA D 240 1.96 12.32 -34.93
CA ALA D 240 3.33 12.81 -35.09
C ALA D 240 4.32 11.67 -34.82
N LEU D 241 4.06 10.84 -33.80
CA LEU D 241 4.96 9.74 -33.49
C LEU D 241 4.99 8.75 -34.64
N ALA D 242 3.83 8.41 -35.21
CA ALA D 242 3.82 7.49 -36.36
C ALA D 242 4.51 8.12 -37.58
N GLN D 243 4.34 9.42 -37.80
CA GLN D 243 4.98 10.12 -38.93
C GLN D 243 6.49 10.06 -38.81
N ASN D 244 6.99 9.97 -37.60
CA ASN D 244 8.46 9.93 -37.32
C ASN D 244 8.96 8.52 -37.02
N GLY D 245 8.19 7.52 -37.43
CA GLY D 245 8.71 6.13 -37.54
C GLY D 245 8.08 5.11 -36.63
N ALA D 246 7.15 5.46 -35.74
CA ALA D 246 6.64 4.46 -34.78
C ALA D 246 5.94 3.31 -35.51
N LYS D 247 6.32 2.09 -35.23
CA LYS D 247 5.68 0.90 -35.81
C LYS D 247 4.54 0.40 -34.93
N ALA D 248 4.55 0.78 -33.65
CA ALA D 248 3.46 0.55 -32.72
C ALA D 248 3.40 1.79 -31.84
N LEU D 249 2.18 2.07 -31.40
CA LEU D 249 1.93 3.13 -30.41
C LEU D 249 1.34 2.48 -29.17
N ILE D 250 1.99 2.77 -28.03
CA ILE D 250 1.42 2.45 -26.73
C ILE D 250 0.55 3.63 -26.30
N HIS D 251 -0.74 3.38 -26.14
CA HIS D 251 -1.70 4.35 -25.67
C HIS D 251 -1.70 4.27 -24.12
N ALA D 252 -1.23 5.30 -23.46
CA ALA D 252 -1.25 5.35 -21.99
C ALA D 252 -2.57 6.03 -21.58
N GLY D 253 -3.65 5.26 -21.69
CA GLY D 253 -4.97 5.81 -21.48
C GLY D 253 -5.31 6.14 -20.06
N THR D 254 -6.34 6.93 -19.89
CA THR D 254 -7.07 7.02 -18.62
C THR D 254 -7.77 5.67 -18.35
N GLY D 255 -8.07 5.42 -17.08
CA GLY D 255 -8.88 4.27 -16.70
C GLY D 255 -8.43 2.99 -17.37
N ASN D 256 -9.41 2.21 -17.83
CA ASN D 256 -9.18 0.88 -18.40
C ASN D 256 -8.74 0.99 -19.87
N GLY D 257 -7.65 1.72 -20.07
CA GLY D 257 -7.12 1.93 -21.40
C GLY D 257 -8.05 2.73 -22.31
N SER D 258 -8.90 3.57 -21.76
CA SER D 258 -9.96 4.23 -22.53
C SER D 258 -9.37 5.20 -23.55
N VAL D 259 -10.10 5.42 -24.62
CA VAL D 259 -9.68 6.31 -25.71
C VAL D 259 -10.76 7.38 -25.92
N SER D 260 -10.32 8.63 -25.90
CA SER D 260 -11.22 9.75 -26.20
C SER D 260 -11.87 9.55 -27.58
N SER D 261 -13.12 9.97 -27.69
CA SER D 261 -13.81 9.99 -29.00
C SER D 261 -13.06 10.89 -30.00
N ARG D 262 -12.28 11.85 -29.54
CA ARG D 262 -11.45 12.71 -30.42
C ARG D 262 -10.25 11.98 -30.98
N VAL D 263 -9.90 10.85 -30.41
CA VAL D 263 -8.66 10.13 -30.75
C VAL D 263 -8.99 8.85 -31.52
N VAL D 264 -10.12 8.21 -31.24
CA VAL D 264 -10.47 6.93 -31.88
C VAL D 264 -10.28 6.98 -33.41
N PRO D 265 -10.80 7.98 -34.12
CA PRO D 265 -10.70 7.92 -35.59
C PRO D 265 -9.24 7.87 -36.07
N ALA D 266 -8.37 8.67 -35.44
CA ALA D 266 -6.96 8.65 -35.83
C ALA D 266 -6.35 7.28 -35.56
N LEU D 267 -6.71 6.61 -34.44
CA LEU D 267 -6.13 5.32 -34.16
C LEU D 267 -6.63 4.27 -35.16
N GLN D 268 -7.86 4.39 -35.62
CA GLN D 268 -8.34 3.47 -36.68
C GLN D 268 -7.56 3.70 -37.99
N GLU D 269 -7.34 4.96 -38.33
CA GLU D 269 -6.59 5.23 -39.58
CA GLU D 269 -6.57 5.35 -39.53
C GLU D 269 -5.15 4.78 -39.41
N LEU D 270 -4.55 4.97 -38.25
CA LEU D 270 -3.16 4.48 -38.01
C LEU D 270 -3.09 2.97 -38.11
N ARG D 271 -4.05 2.28 -37.53
CA ARG D 271 -4.03 0.80 -37.61
C ARG D 271 -4.14 0.35 -39.07
N LYS D 272 -5.02 0.97 -39.84
CA LYS D 272 -5.14 0.57 -41.26
C LYS D 272 -3.82 0.84 -41.99
N ASN D 273 -3.11 1.89 -41.62
CA ASN D 273 -1.78 2.22 -42.15
C ASN D 273 -0.67 1.31 -41.59
N GLY D 274 -1.04 0.32 -40.76
CA GLY D 274 -0.10 -0.68 -40.30
C GLY D 274 0.55 -0.42 -38.96
N VAL D 275 0.15 0.60 -38.25
CA VAL D 275 0.67 0.88 -36.90
C VAL D 275 -0.11 0.06 -35.88
N GLN D 276 0.59 -0.76 -35.10
CA GLN D 276 -0.10 -1.49 -34.03
C GLN D 276 -0.54 -0.51 -32.95
N ILE D 277 -1.71 -0.73 -32.38
CA ILE D 277 -2.31 0.13 -31.36
C ILE D 277 -2.50 -0.73 -30.10
N ILE D 278 -1.74 -0.38 -29.06
CA ILE D 278 -1.70 -1.17 -27.82
C ILE D 278 -2.22 -0.32 -26.69
N ARG D 279 -3.33 -0.75 -26.08
CA ARG D 279 -3.99 0.02 -25.02
C ARG D 279 -3.42 -0.37 -23.65
N SER D 280 -2.64 0.51 -23.08
CA SER D 280 -2.16 0.48 -21.69
C SER D 280 -2.88 1.58 -20.93
N SER D 281 -2.37 1.98 -19.78
CA SER D 281 -3.03 2.99 -18.96
C SER D 281 -2.00 3.67 -18.04
N HIS D 282 -2.42 4.79 -17.49
CA HIS D 282 -1.74 5.44 -16.37
C HIS D 282 -2.43 5.16 -15.02
N VAL D 283 -2.91 3.94 -14.86
CA VAL D 283 -3.57 3.48 -13.63
C VAL D 283 -2.76 2.26 -13.19
N ASN D 284 -1.69 2.47 -12.43
CA ASN D 284 -0.56 1.50 -12.44
C ASN D 284 -0.45 0.70 -11.12
C ASN D 284 -0.29 0.86 -11.08
N GLN D 285 -1.22 0.96 -10.10
CA GLN D 285 -1.05 0.27 -8.80
CA GLN D 285 -1.03 0.29 -8.83
C GLN D 285 -1.70 -1.08 -8.82
N GLY D 286 -2.64 -1.37 -9.66
CA GLY D 286 -3.24 -2.68 -9.70
C GLY D 286 -4.26 -2.78 -10.81
N GLY D 287 -4.82 -3.96 -10.96
CA GLY D 287 -5.77 -4.24 -12.03
C GLY D 287 -5.09 -4.42 -13.37
N PHE D 288 -5.88 -4.40 -14.45
CA PHE D 288 -5.39 -4.62 -15.81
C PHE D 288 -6.42 -4.06 -16.78
N VAL D 289 -5.99 -3.91 -18.02
CA VAL D 289 -6.80 -3.44 -19.14
C VAL D 289 -7.45 -4.62 -19.84
N LEU D 290 -8.77 -4.65 -19.85
CA LEU D 290 -9.57 -5.77 -20.30
C LEU D 290 -9.94 -5.60 -21.80
N ARG D 291 -9.67 -6.61 -22.60
CA ARG D 291 -9.97 -6.57 -24.04
C ARG D 291 -11.46 -6.43 -24.25
N ASN D 292 -11.83 -5.59 -25.23
CA ASN D 292 -13.19 -5.37 -25.67
C ASN D 292 -14.06 -4.68 -24.61
N ALA D 293 -13.49 -4.15 -23.53
CA ALA D 293 -14.32 -3.43 -22.56
C ALA D 293 -14.44 -1.99 -22.94
N GLU D 294 -13.41 -1.21 -22.88
CA GLU D 294 -13.51 0.21 -23.23
C GLU D 294 -13.60 0.48 -24.72
N GLN D 295 -13.01 -0.38 -25.52
CA GLN D 295 -12.98 -0.17 -26.97
C GLN D 295 -13.19 -1.52 -27.66
N PRO D 296 -13.72 -1.51 -28.90
CA PRO D 296 -13.96 -2.75 -29.64
C PRO D 296 -12.67 -3.21 -30.31
N ASP D 297 -11.80 -3.81 -29.50
CA ASP D 297 -10.47 -4.21 -29.96
C ASP D 297 -10.57 -5.20 -31.11
N ASP D 298 -11.48 -6.15 -31.07
CA ASP D 298 -11.60 -7.12 -32.17
C ASP D 298 -11.98 -6.38 -33.47
N LYS D 299 -12.96 -5.51 -33.43
CA LYS D 299 -13.38 -4.80 -34.63
C LYS D 299 -12.22 -3.95 -35.19
N ASN D 300 -11.48 -3.31 -34.30
CA ASN D 300 -10.43 -2.36 -34.71
C ASN D 300 -9.09 -3.04 -34.96
N ASP D 301 -8.94 -4.30 -34.59
CA ASP D 301 -7.66 -5.01 -34.63
C ASP D 301 -6.59 -4.31 -33.77
N TRP D 302 -7.01 -3.98 -32.55
CA TRP D 302 -6.12 -3.39 -31.55
C TRP D 302 -5.72 -4.48 -30.54
N VAL D 303 -4.84 -4.12 -29.62
CA VAL D 303 -4.30 -5.04 -28.59
C VAL D 303 -4.41 -4.33 -27.25
N VAL D 304 -4.70 -5.09 -26.19
CA VAL D 304 -4.62 -4.55 -24.83
C VAL D 304 -3.33 -5.02 -24.16
N ALA D 305 -2.77 -4.16 -23.33
CA ALA D 305 -1.49 -4.43 -22.65
C ALA D 305 -1.67 -5.21 -21.36
N HIS D 306 -2.85 -5.66 -21.01
CA HIS D 306 -3.07 -6.47 -19.81
C HIS D 306 -2.69 -5.62 -18.61
N ASP D 307 -1.88 -6.09 -17.67
CA ASP D 307 -1.49 -5.31 -16.51
C ASP D 307 -0.30 -4.43 -16.76
N LEU D 308 0.34 -4.49 -17.93
CA LEU D 308 1.64 -3.85 -18.13
C LEU D 308 1.50 -2.35 -18.32
N ASN D 309 2.32 -1.61 -17.61
CA ASN D 309 2.35 -0.13 -17.70
C ASN D 309 2.90 0.27 -19.07
N PRO D 310 2.85 1.58 -19.41
CA PRO D 310 3.11 1.95 -20.80
C PRO D 310 4.51 1.59 -21.26
N GLN D 311 5.51 1.92 -20.41
CA GLN D 311 6.92 1.69 -20.74
C GLN D 311 7.22 0.19 -20.79
N LYS D 312 6.58 -0.62 -19.94
CA LYS D 312 6.68 -2.08 -20.03
C LYS D 312 6.08 -2.59 -21.34
N ALA D 313 4.91 -2.07 -21.65
CA ALA D 313 4.20 -2.51 -22.88
C ALA D 313 5.05 -2.18 -24.10
N ARG D 314 5.72 -1.03 -24.08
CA ARG D 314 6.62 -0.68 -25.19
C ARG D 314 7.71 -1.75 -25.36
N ILE D 315 8.36 -2.14 -24.24
CA ILE D 315 9.41 -3.16 -24.34
C ILE D 315 8.85 -4.46 -24.93
N LEU D 316 7.70 -4.93 -24.42
CA LEU D 316 7.16 -6.21 -24.92
C LEU D 316 6.78 -6.06 -26.41
N ALA D 317 6.16 -4.97 -26.76
CA ALA D 317 5.75 -4.79 -28.17
C ALA D 317 6.97 -4.81 -29.09
N MET D 318 8.03 -4.08 -28.70
CA MET D 318 9.21 -3.98 -29.54
C MET D 318 9.87 -5.33 -29.73
N VAL D 319 10.00 -6.09 -28.63
CA VAL D 319 10.55 -7.45 -28.73
C VAL D 319 9.65 -8.35 -29.56
N ALA D 320 8.36 -8.29 -29.30
CA ALA D 320 7.45 -9.18 -30.01
C ALA D 320 7.46 -8.92 -31.50
N MET D 321 7.53 -7.66 -31.88
CA MET D 321 7.51 -7.27 -33.30
C MET D 321 8.81 -7.60 -34.02
N THR D 322 9.84 -8.12 -33.34
CA THR D 322 10.95 -8.76 -34.05
C THR D 322 10.51 -10.08 -34.69
N LYS D 323 9.41 -10.67 -34.21
CA LYS D 323 8.95 -12.00 -34.62
C LYS D 323 7.61 -11.89 -35.38
N THR D 324 6.70 -11.04 -34.96
CA THR D 324 5.35 -11.04 -35.55
C THR D 324 4.77 -9.65 -35.58
N GLN D 325 3.93 -9.42 -36.58
CA GLN D 325 3.08 -8.22 -36.60
C GLN D 325 1.63 -8.61 -36.71
N ASP D 326 1.32 -9.85 -36.39
CA ASP D 326 -0.07 -10.32 -36.37
C ASP D 326 -0.71 -9.84 -35.06
N SER D 327 -1.74 -9.04 -35.11
CA SER D 327 -2.30 -8.46 -33.87
C SER D 327 -2.84 -9.53 -32.93
N LYS D 328 -3.36 -10.63 -33.43
CA LYS D 328 -3.85 -11.70 -32.56
C LYS D 328 -2.67 -12.40 -31.83
N GLU D 329 -1.56 -12.59 -32.52
CA GLU D 329 -0.35 -13.13 -31.88
C GLU D 329 0.17 -12.11 -30.85
N LEU D 330 0.17 -10.82 -31.19
CA LEU D 330 0.61 -9.82 -30.19
C LEU D 330 -0.28 -9.90 -28.96
N GLN D 331 -1.58 -10.07 -29.14
CA GLN D 331 -2.44 -10.18 -27.95
C GLN D 331 -2.12 -11.43 -27.13
N ARG D 332 -1.87 -12.54 -27.79
CA ARG D 332 -1.45 -13.76 -27.06
C ARG D 332 -0.20 -13.43 -26.24
N ILE D 333 0.78 -12.77 -26.87
CA ILE D 333 2.04 -12.43 -26.19
C ILE D 333 1.76 -11.54 -24.96
N PHE D 334 0.90 -10.54 -25.11
CA PHE D 334 0.56 -9.67 -24.00
C PHE D 334 -0.23 -10.40 -22.90
N TRP D 335 -0.79 -11.58 -23.20
CA TRP D 335 -1.49 -12.44 -22.20
C TRP D 335 -0.57 -13.52 -21.62
N GLU D 336 0.61 -13.72 -22.16
CA GLU D 336 1.51 -14.79 -21.69
C GLU D 336 2.78 -14.30 -21.01
N TYR D 337 3.22 -13.10 -21.30
CA TYR D 337 4.48 -12.56 -20.84
C TYR D 337 4.28 -11.42 -19.82
N GLU E . -17.70 -10.87 12.95
CA GLU E . -18.70 -11.61 12.13
C GLU E . -18.09 -12.83 11.52
O GLU E . -18.88 -13.73 11.11
CB GLU E . -19.23 -10.67 11.04
CG GLU E . -18.20 -10.16 10.04
CD GLU E . -18.63 -10.57 8.66
OE1 GLU E . -18.14 -11.46 8.01
OXT GLU E . -16.85 -12.93 11.48
C1 EDO F . -6.67 -26.82 -3.88
O1 EDO F . -6.77 -28.02 -3.11
C2 EDO F . -5.39 -26.86 -4.94
O2 EDO F . -4.17 -27.73 -4.34
N GLU G . 14.27 -4.24 19.56
CA GLU G . 15.33 -3.22 19.72
C GLU G . 14.74 -1.89 20.19
O GLU G . 13.52 -1.70 20.02
CB GLU G . 16.13 -3.06 18.44
CG GLU G . 15.32 -2.54 17.26
CD GLU G . 15.96 -1.28 16.75
OE1 GLU G . 15.51 -0.16 16.91
OXT GLU G . 15.51 -1.06 20.73
N GLU H . -14.51 5.32 -19.18
CA GLU H . -15.91 5.63 -18.79
C GLU H . -15.98 6.99 -18.08
O GLU H . -17.11 7.55 -18.05
CB GLU H . -16.47 4.50 -17.93
CG GLU H . -15.75 4.32 -16.58
CD GLU H . -16.75 4.49 -15.48
OE1 GLU H . -16.80 5.44 -14.76
OXT GLU H . -14.92 7.46 -17.60
C1 EDO I . -13.45 25.09 1.30
O1 EDO I . -13.44 26.52 1.28
C2 EDO I . -14.40 24.39 0.49
O2 EDO I . -15.06 23.19 0.98
N GLU J . 18.16 9.62 -13.59
CA GLU J . 19.48 8.99 -13.33
C GLU J . 19.53 7.59 -13.90
O GLU J . 18.45 7.02 -14.15
CB GLU J . 19.78 9.05 -11.84
CG GLU J . 18.81 8.23 -10.95
CD GLU J . 19.60 7.16 -10.21
OE1 GLU J . 19.63 6.02 -10.48
OXT GLU J . 20.68 7.10 -14.09
C1 EDO K . 5.05 -19.55 -29.22
O1 EDO K . 4.23 -19.95 -28.07
C2 EDO K . 6.28 -20.37 -29.34
O2 EDO K . 6.74 -20.62 -27.99
#